data_8DTI
#
_entry.id   8DTI
#
_cell.length_a   1.00
_cell.length_b   1.00
_cell.length_c   1.00
_cell.angle_alpha   90.00
_cell.angle_beta   90.00
_cell.angle_gamma   90.00
#
_symmetry.space_group_name_H-M   'P 1'
#
loop_
_entity.id
_entity.type
_entity.pdbx_description
1 polymer 'Probable UDP-N-acetylglucosamine--peptide N-acetylglucosaminyltransferase SPINDLY'
2 non-polymer "GUANOSINE-5'-DIPHOSPHATE-BETA-L-FUCOPYRANOSE"
#
_entity_poly.entity_id   1
_entity_poly.type   'polypeptide(L)'
_entity_poly.pdbx_seq_one_letter_code
;MVGLEDDTERERSPVVENGFSNGSRSSSSSAGVLSPSRKVTQGNDTLSYANILRARNKFADALALYEAMLEKDSKNVEAH
IGKGICLQTQNKGNLAFDCFSEAIRLDPHNACALTHCGILHKEEGRLVEAAESYQKALMADASYKPAAECLAIVLTDLGT
SLKLAGNTQEGIQKYYEALKIDPHYAPAYYNLGVVYSEMMQYDNALSCYEKAALERPMYAEAYCNMGVIYKNRGDLEMAI
TCYERCLAVSPNFEIAKNNMAIALTDLGTKVKLEGDVTQGVAYYKKALYYNWHYADAMYNLGVAYGEMLKFDMAIVFYEL
AFHFNPHCAEACNNLGVLYKDRDNLDKAVECYQMALSIKPNFAQSLNNLGVVYTVQGKMDAAASMIEKAILANPTYAEAF
NNLGVLYRDAGNITMAIDAYEECLKIDPDSRNAGQNRLLAMNYINEGLDDKLFEAHRDWGWRFTRLHPQYTSWDNLKDPE
RPITIGYISPDFFTHSVSYFIEAPLTHHDYTKYKVVVYSAVVKADAKTYRFRDKVLKKGGVWKDIYGIDEKKIASMVRED
KIDILVELTGHTANNKLGTMACRPAPVQVTWIGYPNTTGLPTVDYRITDSLADPPDTKQKQVEELVRLPDCFLCYTPSPE
AGPVCPTPALSNGFVTFGSFNNLAKITPKVLQVWARILCAVPNSRLVVKCKPFCCDSIRQRFLTTLEQLGLESKRVDLLP
LILFNHDHMQAYSLMDISLDTFPYAGTTTTCESLYMGVPCVTMAGSVHAHNVGVSLLTKVGLGHLVAKNEDEYVQLSVDL
ASDVTALSKLRMSLRDLMAGSPVCNGPSFAVGLESAYRNMWKKYCKGEVPSLRRMEMLQKEVHDDPLISKDLGPSRVSVT
GEATPSLKANGSAPVPSSLPTQSPQLSKRMDSTSGGSENLYFQGGSHHHHHHHHHHGGWSHPQFEK
;
_entity_poly.pdbx_strand_id   A,B
#
loop_
_chem_comp.id
_chem_comp.type
_chem_comp.name
_chem_comp.formula
GFB non-polymer GUANOSINE-5'-DIPHOSPHATE-BETA-L-FUCOPYRANOSE 'C16 H25 N5 O15 P2'
#
# COMPACT_ATOMS: atom_id res chain seq x y z
N MET A 218 -32.18 17.18 1.10
CA MET A 218 -32.38 18.57 1.48
C MET A 218 -32.05 18.78 2.95
N TYR A 219 -32.96 18.36 3.82
CA TYR A 219 -32.79 18.50 5.26
C TYR A 219 -31.80 17.43 5.73
N ALA A 220 -30.52 17.79 5.72
CA ALA A 220 -29.49 16.85 6.16
C ALA A 220 -29.49 16.65 7.67
N GLU A 221 -30.07 17.59 8.43
CA GLU A 221 -30.11 17.45 9.88
C GLU A 221 -30.91 16.21 10.27
N ALA A 222 -32.06 15.99 9.65
CA ALA A 222 -32.85 14.81 9.95
C ALA A 222 -32.10 13.54 9.57
N TYR A 223 -31.42 13.55 8.43
CA TYR A 223 -30.66 12.38 8.01
C TYR A 223 -29.56 12.05 9.00
N CYS A 224 -28.84 13.07 9.46
CA CYS A 224 -27.75 12.83 10.41
C CYS A 224 -28.29 12.39 11.77
N ASN A 225 -29.43 12.96 12.19
CA ASN A 225 -30.04 12.51 13.44
C ASN A 225 -30.46 11.05 13.36
N MET A 226 -31.06 10.65 12.22
CA MET A 226 -31.44 9.25 12.04
C MET A 226 -30.21 8.36 12.04
N GLY A 227 -29.13 8.81 11.38
CA GLY A 227 -27.92 8.02 11.38
C GLY A 227 -27.34 7.85 12.77
N VAL A 228 -27.35 8.92 13.57
CA VAL A 228 -26.86 8.83 14.95
C VAL A 228 -27.73 7.86 15.74
N ILE A 229 -29.05 7.93 15.56
CA ILE A 229 -29.94 7.03 16.28
C ILE A 229 -29.64 5.58 15.90
N TYR A 230 -29.45 5.32 14.60
CA TYR A 230 -29.15 3.96 14.17
C TYR A 230 -27.82 3.48 14.74
N LYS A 231 -26.81 4.35 14.73
CA LYS A 231 -25.51 3.96 15.28
C LYS A 231 -25.60 3.64 16.76
N ASN A 232 -26.32 4.47 17.52
CA ASN A 232 -26.54 4.17 18.93
C ASN A 232 -27.33 2.88 19.09
N ARG A 233 -28.38 2.70 18.27
CA ARG A 233 -29.14 1.47 18.29
C ARG A 233 -28.31 0.28 17.80
N GLY A 234 -27.25 0.52 17.05
CA GLY A 234 -26.38 -0.52 16.56
C GLY A 234 -26.60 -0.94 15.12
N ASP A 235 -27.48 -0.26 14.39
CA ASP A 235 -27.74 -0.58 12.99
C ASP A 235 -26.74 0.17 12.13
N LEU A 236 -25.72 -0.54 11.64
CA LEU A 236 -24.67 0.11 10.86
C LEU A 236 -25.13 0.44 9.45
N GLU A 237 -25.96 -0.39 8.84
CA GLU A 237 -26.35 -0.17 7.44
C GLU A 237 -27.22 1.07 7.30
N MET A 238 -28.26 1.19 8.13
CA MET A 238 -29.12 2.37 8.07
C MET A 238 -28.33 3.64 8.41
N ALA A 239 -27.47 3.56 9.42
CA ALA A 239 -26.67 4.71 9.81
C ALA A 239 -25.74 5.14 8.69
N ILE A 240 -25.07 4.18 8.06
CA ILE A 240 -24.14 4.50 6.98
C ILE A 240 -24.91 5.06 5.79
N THR A 241 -26.13 4.58 5.54
CA THR A 241 -26.92 5.15 4.46
C THR A 241 -27.30 6.59 4.73
N CYS A 242 -27.75 6.89 5.95
CA CYS A 242 -28.14 8.26 6.27
C CYS A 242 -26.92 9.18 6.23
N TYR A 243 -25.80 8.68 6.73
CA TYR A 243 -24.53 9.39 6.67
C TYR A 243 -24.09 9.65 5.22
N GLU A 244 -24.23 8.66 4.35
CA GLU A 244 -23.88 8.84 2.94
C GLU A 244 -24.76 9.91 2.29
N ARG A 245 -26.06 9.83 2.50
CA ARG A 245 -26.97 10.79 1.88
C ARG A 245 -26.74 12.19 2.44
N CYS A 246 -26.49 12.29 3.75
CA CYS A 246 -26.24 13.60 4.35
C CYS A 246 -24.97 14.23 3.81
N LEU A 247 -23.90 13.43 3.66
CA LEU A 247 -22.68 13.98 3.10
C LEU A 247 -22.86 14.34 1.62
N ALA A 248 -23.70 13.58 0.90
CA ALA A 248 -24.02 13.97 -0.46
C ALA A 248 -24.74 15.32 -0.49
N VAL A 249 -25.67 15.54 0.44
CA VAL A 249 -26.38 16.81 0.49
C VAL A 249 -25.42 17.93 0.88
N SER A 250 -24.63 17.72 1.92
CA SER A 250 -23.67 18.71 2.40
C SER A 250 -22.27 18.11 2.33
N PRO A 251 -21.51 18.37 1.25
CA PRO A 251 -20.17 17.76 1.14
C PRO A 251 -19.19 18.20 2.21
N ASN A 252 -19.46 19.31 2.91
CA ASN A 252 -18.49 19.85 3.86
C ASN A 252 -19.07 19.94 5.26
N PHE A 253 -19.75 18.89 5.71
CA PHE A 253 -20.29 18.82 7.07
C PHE A 253 -19.22 18.18 7.95
N GLU A 254 -18.51 19.01 8.71
CA GLU A 254 -17.38 18.53 9.50
C GLU A 254 -17.83 17.53 10.56
N ILE A 255 -18.90 17.86 11.28
CA ILE A 255 -19.39 16.94 12.31
C ILE A 255 -19.88 15.65 11.68
N ALA A 256 -20.61 15.76 10.57
CA ALA A 256 -21.06 14.57 9.87
C ALA A 256 -19.89 13.74 9.36
N LYS A 257 -18.85 14.42 8.85
CA LYS A 257 -17.68 13.69 8.37
C LYS A 257 -16.99 12.95 9.51
N ASN A 258 -16.85 13.59 10.67
CA ASN A 258 -16.21 12.93 11.80
C ASN A 258 -17.02 11.74 12.28
N ASN A 259 -18.35 11.90 12.35
CA ASN A 259 -19.18 10.75 12.74
C ASN A 259 -19.11 9.65 11.70
N MET A 260 -19.00 10.01 10.42
CA MET A 260 -18.82 9.01 9.37
C MET A 260 -17.54 8.24 9.58
N ALA A 261 -16.45 8.94 9.93
CA ALA A 261 -15.20 8.27 10.22
C ALA A 261 -15.33 7.34 11.40
N ILE A 262 -16.03 7.77 12.46
CA ILE A 262 -16.23 6.92 13.62
C ILE A 262 -16.98 5.64 13.22
N ALA A 263 -18.05 5.81 12.45
CA ALA A 263 -18.85 4.66 12.04
C ALA A 263 -18.03 3.71 11.17
N LEU A 264 -17.23 4.25 10.26
CA LEU A 264 -16.41 3.42 9.40
C LEU A 264 -15.36 2.67 10.20
N THR A 265 -14.76 3.32 11.20
CA THR A 265 -13.81 2.64 12.06
C THR A 265 -14.48 1.49 12.82
N ASP A 266 -15.69 1.74 13.34
CA ASP A 266 -16.41 0.67 14.04
C ASP A 266 -16.72 -0.48 13.09
N LEU A 267 -17.16 -0.17 11.88
CA LEU A 267 -17.46 -1.22 10.91
C LEU A 267 -16.21 -2.00 10.54
N GLY A 268 -15.08 -1.31 10.40
CA GLY A 268 -13.84 -2.00 10.10
C GLY A 268 -13.40 -2.91 11.22
N THR A 269 -13.55 -2.46 12.46
CA THR A 269 -13.26 -3.32 13.60
C THR A 269 -14.16 -4.55 13.61
N LYS A 270 -15.45 -4.36 13.35
CA LYS A 270 -16.37 -5.48 13.30
C LYS A 270 -15.99 -6.47 12.21
N VAL A 271 -15.61 -5.95 11.04
CA VAL A 271 -15.21 -6.83 9.94
C VAL A 271 -13.93 -7.58 10.30
N LYS A 272 -12.95 -6.89 10.88
CA LYS A 272 -11.72 -7.55 11.29
C LYS A 272 -11.98 -8.60 12.34
N LEU A 273 -13.05 -8.43 13.13
CA LEU A 273 -13.45 -9.49 14.05
C LEU A 273 -13.79 -10.76 13.30
N GLU A 274 -14.50 -10.63 12.17
CA GLU A 274 -14.81 -11.80 11.36
C GLU A 274 -13.55 -12.44 10.80
N GLY A 275 -12.62 -11.62 10.31
CA GLY A 275 -11.37 -12.13 9.78
C GLY A 275 -10.93 -11.48 8.49
N ASP A 276 -11.80 -10.67 7.88
CA ASP A 276 -11.50 -10.02 6.61
C ASP A 276 -10.57 -8.85 6.87
N VAL A 277 -9.26 -9.11 6.80
CA VAL A 277 -8.28 -8.07 7.08
C VAL A 277 -8.27 -7.01 5.99
N THR A 278 -8.29 -7.44 4.72
CA THR A 278 -8.18 -6.49 3.61
C THR A 278 -9.36 -5.53 3.57
N GLN A 279 -10.58 -6.05 3.77
CA GLN A 279 -11.75 -5.17 3.75
C GLN A 279 -11.71 -4.18 4.92
N GLY A 280 -11.30 -4.64 6.09
CA GLY A 280 -11.14 -3.73 7.21
C GLY A 280 -10.12 -2.65 6.94
N VAL A 281 -9.00 -3.01 6.30
CA VAL A 281 -7.99 -2.04 5.96
C VAL A 281 -8.54 -1.02 4.98
N ALA A 282 -9.30 -1.48 3.98
CA ALA A 282 -9.88 -0.55 3.03
C ALA A 282 -10.85 0.41 3.70
N TYR A 283 -11.69 -0.11 4.61
CA TYR A 283 -12.61 0.75 5.34
C TYR A 283 -11.85 1.77 6.17
N TYR A 284 -10.78 1.33 6.83
CA TYR A 284 -9.99 2.25 7.64
C TYR A 284 -9.38 3.34 6.79
N LYS A 285 -8.85 2.97 5.61
CA LYS A 285 -8.26 3.96 4.73
C LYS A 285 -9.31 4.96 4.25
N LYS A 286 -10.50 4.48 3.92
CA LYS A 286 -11.58 5.39 3.52
C LYS A 286 -11.92 6.35 4.67
N ALA A 287 -12.01 5.84 5.89
CA ALA A 287 -12.29 6.70 7.03
C ALA A 287 -11.20 7.74 7.20
N LEU A 288 -9.95 7.33 7.06
CA LEU A 288 -8.84 8.28 7.18
C LEU A 288 -8.92 9.35 6.09
N TYR A 289 -9.34 8.95 4.89
CA TYR A 289 -9.55 9.94 3.84
C TYR A 289 -10.62 10.93 4.25
N TYR A 290 -11.70 10.45 4.86
CA TYR A 290 -12.74 11.36 5.33
C TYR A 290 -12.22 12.26 6.44
N ASN A 291 -11.42 11.71 7.36
CA ASN A 291 -10.84 12.48 8.45
C ASN A 291 -9.37 12.07 8.58
N TRP A 292 -8.47 12.94 8.14
CA TRP A 292 -7.06 12.60 8.09
C TRP A 292 -6.42 12.57 9.49
N HIS A 293 -6.91 13.39 10.41
CA HIS A 293 -6.32 13.50 11.74
C HIS A 293 -7.10 12.72 12.79
N TYR A 294 -7.61 11.54 12.42
CA TYR A 294 -8.29 10.66 13.37
C TYR A 294 -7.29 9.60 13.84
N ALA A 295 -7.07 9.56 15.16
CA ALA A 295 -6.00 8.73 15.69
C ALA A 295 -6.34 7.26 15.67
N ASP A 296 -7.55 6.89 16.09
CA ASP A 296 -7.90 5.47 16.18
C ASP A 296 -7.77 4.79 14.83
N ALA A 297 -8.06 5.50 13.75
CA ALA A 297 -7.87 4.93 12.41
C ALA A 297 -6.41 4.58 12.19
N MET A 298 -5.51 5.49 12.54
CA MET A 298 -4.09 5.21 12.38
C MET A 298 -3.65 4.05 13.25
N TYR A 299 -4.19 3.96 14.47
CA TYR A 299 -3.87 2.85 15.34
C TYR A 299 -4.30 1.53 14.72
N ASN A 300 -5.51 1.49 14.15
CA ASN A 300 -5.98 0.26 13.52
C ASN A 300 -5.15 -0.09 12.30
N LEU A 301 -4.77 0.92 11.50
CA LEU A 301 -3.88 0.66 10.36
C LEU A 301 -2.57 0.05 10.83
N GLY A 302 -2.00 0.59 11.91
CA GLY A 302 -0.75 0.04 12.42
C GLY A 302 -0.91 -1.37 12.92
N VAL A 303 -2.02 -1.65 13.60
CA VAL A 303 -2.27 -3.02 14.08
C VAL A 303 -2.36 -3.97 12.90
N ALA A 304 -3.09 -3.58 11.85
CA ALA A 304 -3.21 -4.43 10.67
C ALA A 304 -1.86 -4.64 10.01
N TYR A 305 -1.08 -3.58 9.87
CA TYR A 305 0.22 -3.69 9.21
C TYR A 305 1.15 -4.59 10.01
N GLY A 306 1.08 -4.51 11.34
CA GLY A 306 1.81 -5.47 12.16
C GLY A 306 1.32 -6.89 11.93
N GLU A 307 0.01 -7.04 11.74
CA GLU A 307 -0.55 -8.37 11.46
C GLU A 307 -0.03 -8.91 10.13
N MET A 308 0.05 -8.07 9.10
CA MET A 308 0.52 -8.50 7.79
C MET A 308 2.03 -8.41 7.66
N LEU A 309 2.75 -8.27 8.77
CA LEU A 309 4.21 -8.34 8.81
C LEU A 309 4.89 -7.20 8.06
N LYS A 310 4.15 -6.14 7.74
CA LYS A 310 4.73 -4.95 7.11
C LYS A 310 5.19 -4.02 8.22
N PHE A 311 6.45 -4.17 8.62
CA PHE A 311 6.92 -3.55 9.86
C PHE A 311 7.13 -2.05 9.73
N ASP A 312 7.74 -1.59 8.63
CA ASP A 312 8.07 -0.18 8.51
C ASP A 312 6.81 0.68 8.49
N MET A 313 5.83 0.30 7.68
CA MET A 313 4.57 1.03 7.64
C MET A 313 3.92 1.03 9.02
N ALA A 314 4.01 -0.08 9.73
CA ALA A 314 3.45 -0.15 11.08
C ALA A 314 4.13 0.85 12.00
N ILE A 315 5.46 0.90 11.97
CA ILE A 315 6.18 1.85 12.82
C ILE A 315 5.71 3.26 12.51
N VAL A 316 5.64 3.60 11.23
CA VAL A 316 5.23 4.94 10.84
C VAL A 316 3.83 5.24 11.38
N PHE A 317 2.91 4.30 11.24
CA PHE A 317 1.52 4.57 11.59
C PHE A 317 1.34 4.66 13.10
N TYR A 318 1.99 3.79 13.86
CA TYR A 318 1.92 3.90 15.31
C TYR A 318 2.51 5.22 15.78
N GLU A 319 3.64 5.63 15.20
CA GLU A 319 4.24 6.90 15.60
C GLU A 319 3.31 8.06 15.28
N LEU A 320 2.66 8.03 14.11
CA LEU A 320 1.72 9.09 13.75
C LEU A 320 0.54 9.11 14.71
N ALA A 321 0.03 7.93 15.07
CA ALA A 321 -1.09 7.87 16.00
C ALA A 321 -0.70 8.44 17.35
N PHE A 322 0.49 8.13 17.82
CA PHE A 322 0.95 8.69 19.09
C PHE A 322 1.09 10.20 18.99
N HIS A 323 1.62 10.69 17.87
CA HIS A 323 1.79 12.13 17.70
C HIS A 323 0.44 12.84 17.72
N PHE A 324 -0.56 12.26 17.07
CA PHE A 324 -1.87 12.90 17.05
C PHE A 324 -2.57 12.77 18.39
N ASN A 325 -2.53 11.59 19.00
CA ASN A 325 -3.18 11.33 20.29
C ASN A 325 -2.15 10.87 21.30
N PRO A 326 -1.65 11.76 22.16
CA PRO A 326 -0.68 11.35 23.18
C PRO A 326 -1.25 10.35 24.19
N HIS A 327 -2.57 10.26 24.31
CA HIS A 327 -3.20 9.43 25.32
C HIS A 327 -3.43 7.99 24.85
N CYS A 328 -2.77 7.56 23.77
CA CYS A 328 -2.91 6.19 23.26
C CYS A 328 -1.70 5.39 23.75
N ALA A 329 -1.79 4.91 24.99
CA ALA A 329 -0.70 4.14 25.56
C ALA A 329 -0.50 2.81 24.85
N GLU A 330 -1.59 2.23 24.32
CA GLU A 330 -1.49 0.96 23.63
C GLU A 330 -0.60 1.07 22.40
N ALA A 331 -0.73 2.17 21.66
CA ALA A 331 0.12 2.38 20.49
C ALA A 331 1.59 2.45 20.89
N CYS A 332 1.89 3.16 21.97
CA CYS A 332 3.27 3.24 22.44
C CYS A 332 3.78 1.86 22.86
N ASN A 333 2.94 1.08 23.54
CA ASN A 333 3.36 -0.25 23.96
C ASN A 333 3.67 -1.13 22.75
N ASN A 334 2.81 -1.08 21.74
CA ASN A 334 3.05 -1.88 20.54
C ASN A 334 4.29 -1.41 19.81
N LEU A 335 4.53 -0.10 19.78
CA LEU A 335 5.74 0.41 19.14
C LEU A 335 6.98 -0.09 19.87
N GLY A 336 6.94 -0.09 21.20
CA GLY A 336 8.04 -0.63 21.96
C GLY A 336 8.26 -2.10 21.68
N VAL A 337 7.16 -2.86 21.56
CA VAL A 337 7.27 -4.27 21.19
C VAL A 337 8.00 -4.41 19.86
N LEU A 338 7.58 -3.63 18.87
CA LEU A 338 8.16 -3.75 17.55
C LEU A 338 9.64 -3.38 17.57
N TYR A 339 10.00 -2.31 18.28
CA TYR A 339 11.40 -1.92 18.36
C TYR A 339 12.23 -2.98 19.06
N LYS A 340 11.68 -3.59 20.13
CA LYS A 340 12.39 -4.65 20.81
C LYS A 340 12.59 -5.86 19.92
N ASP A 341 11.62 -6.12 19.03
CA ASP A 341 11.77 -7.23 18.09
C ASP A 341 12.96 -7.02 17.17
N ARG A 342 13.45 -5.79 17.04
CA ARG A 342 14.61 -5.48 16.22
C ARG A 342 15.83 -5.10 17.05
N ASP A 343 15.88 -5.54 18.31
CA ASP A 343 17.03 -5.32 19.18
C ASP A 343 17.36 -3.84 19.37
N ASN A 344 16.33 -2.99 19.41
CA ASN A 344 16.49 -1.59 19.78
C ASN A 344 16.02 -1.45 21.22
N LEU A 345 16.92 -1.80 22.14
CA LEU A 345 16.53 -1.95 23.54
C LEU A 345 16.13 -0.61 24.15
N ASP A 346 16.93 0.43 23.93
CA ASP A 346 16.66 1.72 24.57
C ASP A 346 15.32 2.29 24.11
N LYS A 347 15.02 2.18 22.81
CA LYS A 347 13.75 2.69 22.31
C LYS A 347 12.58 1.97 22.96
N ALA A 348 12.67 0.65 23.10
CA ALA A 348 11.61 -0.09 23.76
C ALA A 348 11.48 0.31 25.23
N VAL A 349 12.62 0.50 25.91
CA VAL A 349 12.59 0.88 27.31
C VAL A 349 11.86 2.22 27.47
N GLU A 350 12.20 3.20 26.63
CA GLU A 350 11.57 4.50 26.77
C GLU A 350 10.11 4.47 26.33
N CYS A 351 9.76 3.64 25.35
CA CYS A 351 8.36 3.48 24.98
C CYS A 351 7.55 2.94 26.15
N TYR A 352 8.06 1.89 26.82
CA TYR A 352 7.34 1.32 27.95
C TYR A 352 7.30 2.30 29.11
N GLN A 353 8.38 3.06 29.31
CA GLN A 353 8.38 4.08 30.35
C GLN A 353 7.31 5.13 30.08
N MET A 354 7.15 5.55 28.82
CA MET A 354 6.09 6.48 28.48
C MET A 354 4.71 5.86 28.68
N ALA A 355 4.57 4.58 28.36
CA ALA A 355 3.30 3.91 28.61
C ALA A 355 2.95 3.96 30.09
N LEU A 356 3.92 3.66 30.95
CA LEU A 356 3.71 3.81 32.39
C LEU A 356 3.44 5.26 32.77
N SER A 357 4.06 6.21 32.07
CA SER A 357 3.80 7.62 32.34
C SER A 357 2.35 7.98 32.06
N ILE A 358 1.75 7.36 31.05
CA ILE A 358 0.34 7.61 30.74
C ILE A 358 -0.56 6.72 31.58
N LYS A 359 -0.30 5.42 31.60
CA LYS A 359 -1.13 4.44 32.30
C LYS A 359 -0.21 3.60 33.19
N PRO A 360 -0.03 3.98 34.45
CA PRO A 360 0.83 3.19 35.34
C PRO A 360 0.31 1.79 35.59
N ASN A 361 -0.99 1.53 35.37
CA ASN A 361 -1.62 0.26 35.68
C ASN A 361 -1.82 -0.60 34.44
N PHE A 362 -0.89 -0.57 33.50
CA PHE A 362 -0.97 -1.36 32.28
C PHE A 362 -0.13 -2.61 32.47
N ALA A 363 -0.78 -3.78 32.35
CA ALA A 363 -0.09 -5.04 32.62
C ALA A 363 0.88 -5.39 31.50
N GLN A 364 0.45 -5.24 30.24
CA GLN A 364 1.28 -5.67 29.12
C GLN A 364 2.58 -4.87 29.07
N SER A 365 2.50 -3.55 29.28
CA SER A 365 3.70 -2.74 29.26
C SER A 365 4.66 -3.16 30.37
N LEU A 366 4.12 -3.44 31.56
CA LEU A 366 4.97 -3.89 32.67
C LEU A 366 5.65 -5.20 32.32
N ASN A 367 4.90 -6.14 31.76
CA ASN A 367 5.49 -7.43 31.42
C ASN A 367 6.58 -7.30 30.37
N ASN A 368 6.36 -6.46 29.35
CA ASN A 368 7.36 -6.33 28.30
C ASN A 368 8.58 -5.56 28.78
N LEU A 369 8.39 -4.60 29.68
CA LEU A 369 9.55 -3.97 30.32
C LEU A 369 10.33 -4.98 31.12
N GLY A 370 9.63 -5.89 31.81
CA GLY A 370 10.32 -6.97 32.49
C GLY A 370 11.10 -7.84 31.52
N VAL A 371 10.54 -8.12 30.35
CA VAL A 371 11.26 -8.87 29.33
C VAL A 371 12.56 -8.16 28.98
N VAL A 372 12.46 -6.87 28.68
CA VAL A 372 13.64 -6.13 28.24
C VAL A 372 14.70 -6.11 29.33
N TYR A 373 14.29 -5.85 30.57
CA TYR A 373 15.25 -5.82 31.66
C TYR A 373 15.86 -7.19 31.92
N THR A 374 15.09 -8.26 31.71
CA THR A 374 15.65 -9.61 31.81
C THR A 374 16.72 -9.82 30.75
N VAL A 375 16.45 -9.38 29.52
CA VAL A 375 17.44 -9.50 28.46
C VAL A 375 18.68 -8.69 28.80
N GLN A 376 18.49 -7.46 29.29
CA GLN A 376 19.62 -6.60 29.62
C GLN A 376 20.44 -7.13 30.78
N GLY A 377 19.85 -7.98 31.63
CA GLY A 377 20.54 -8.53 32.77
C GLY A 377 20.18 -7.91 34.11
N LYS A 378 19.37 -6.86 34.12
CA LYS A 378 18.94 -6.22 35.36
C LYS A 378 17.82 -7.06 35.95
N MET A 379 18.20 -8.07 36.73
CA MET A 379 17.22 -9.05 37.21
C MET A 379 16.36 -8.51 38.34
N ASP A 380 16.91 -7.66 39.21
CA ASP A 380 16.14 -7.20 40.37
C ASP A 380 14.95 -6.34 39.95
N ALA A 381 15.20 -5.34 39.10
CA ALA A 381 14.11 -4.49 38.63
C ALA A 381 13.09 -5.28 37.83
N ALA A 382 13.58 -6.22 37.00
CA ALA A 382 12.67 -7.05 36.23
C ALA A 382 11.78 -7.87 37.13
N ALA A 383 12.36 -8.46 38.18
CA ALA A 383 11.56 -9.24 39.13
C ALA A 383 10.53 -8.36 39.83
N SER A 384 10.93 -7.16 40.24
CA SER A 384 9.99 -6.27 40.91
C SER A 384 8.82 -5.94 39.99
N MET A 385 9.11 -5.58 38.75
CA MET A 385 8.05 -5.20 37.82
C MET A 385 7.18 -6.39 37.43
N ILE A 386 7.77 -7.58 37.33
CA ILE A 386 6.98 -8.77 37.02
C ILE A 386 6.03 -9.09 38.17
N GLU A 387 6.51 -8.98 39.41
CA GLU A 387 5.63 -9.20 40.55
C GLU A 387 4.52 -8.15 40.58
N LYS A 388 4.86 -6.91 40.24
CA LYS A 388 3.84 -5.86 40.16
C LYS A 388 2.78 -6.21 39.12
N ALA A 389 3.21 -6.72 37.96
CA ALA A 389 2.25 -7.12 36.94
C ALA A 389 1.39 -8.28 37.42
N ILE A 390 1.99 -9.26 38.10
CA ILE A 390 1.23 -10.42 38.56
C ILE A 390 0.16 -9.98 39.55
N LEU A 391 0.55 -9.17 40.53
CA LEU A 391 -0.45 -8.70 41.49
C LEU A 391 -1.46 -7.76 40.85
N ALA A 392 -1.10 -7.08 39.76
CA ALA A 392 -2.07 -6.27 39.04
C ALA A 392 -3.12 -7.13 38.36
N ASN A 393 -2.68 -8.17 37.64
CA ASN A 393 -3.57 -9.07 36.92
C ASN A 393 -3.28 -10.50 37.33
N PRO A 394 -4.18 -11.20 38.03
CA PRO A 394 -3.90 -12.58 38.41
C PRO A 394 -4.09 -13.56 37.27
N THR A 395 -5.08 -13.31 36.41
CA THR A 395 -5.38 -14.20 35.29
C THR A 395 -4.56 -13.77 34.07
N TYR A 396 -3.25 -13.97 34.20
CA TYR A 396 -2.30 -13.51 33.20
C TYR A 396 -1.00 -14.29 33.38
N ALA A 397 -0.87 -15.33 32.55
CA ALA A 397 0.12 -16.39 32.65
C ALA A 397 1.48 -15.99 32.10
N GLU A 398 1.51 -15.15 31.06
CA GLU A 398 2.79 -14.72 30.50
C GLU A 398 3.67 -14.11 31.57
N ALA A 399 3.06 -13.43 32.55
CA ALA A 399 3.82 -12.91 33.68
C ALA A 399 4.45 -14.04 34.49
N PHE A 400 3.69 -15.12 34.74
CA PHE A 400 4.26 -16.26 35.45
C PHE A 400 5.40 -16.89 34.64
N ASN A 401 5.19 -17.05 33.34
CA ASN A 401 6.23 -17.63 32.49
C ASN A 401 7.49 -16.80 32.53
N ASN A 402 7.36 -15.47 32.48
CA ASN A 402 8.53 -14.60 32.47
C ASN A 402 9.19 -14.52 33.83
N LEU A 403 8.41 -14.50 34.91
CA LEU A 403 8.98 -14.63 36.24
C LEU A 403 9.83 -15.88 36.33
N GLY A 404 9.31 -16.99 35.84
CA GLY A 404 10.05 -18.23 35.90
C GLY A 404 11.28 -18.23 35.01
N VAL A 405 11.17 -17.61 33.83
CA VAL A 405 12.35 -17.45 32.97
C VAL A 405 13.44 -16.70 33.70
N LEU A 406 13.06 -15.59 34.35
CA LEU A 406 14.03 -14.81 35.10
C LEU A 406 14.64 -15.63 36.22
N TYR A 407 13.83 -16.41 36.94
CA TYR A 407 14.35 -17.26 38.00
C TYR A 407 15.35 -18.26 37.43
N ARG A 408 15.04 -18.86 36.29
CA ARG A 408 15.97 -19.79 35.66
C ARG A 408 17.27 -19.12 35.31
N ASP A 409 17.21 -17.92 34.72
CA ASP A 409 18.43 -17.19 34.39
C ASP A 409 19.12 -16.63 35.62
N ALA A 410 18.45 -16.61 36.77
CA ALA A 410 19.05 -16.11 38.00
C ALA A 410 19.91 -17.13 38.71
N GLY A 411 19.85 -18.40 38.31
CA GLY A 411 20.64 -19.43 38.92
C GLY A 411 19.93 -20.30 39.94
N ASN A 412 18.61 -20.13 40.10
CA ASN A 412 17.85 -20.93 41.04
C ASN A 412 16.66 -21.54 40.31
N ILE A 413 16.33 -22.78 40.66
CA ILE A 413 15.43 -23.59 39.87
C ILE A 413 14.12 -23.90 40.57
N THR A 414 14.12 -24.09 41.90
CA THR A 414 12.94 -24.59 42.58
C THR A 414 11.74 -23.66 42.38
N MET A 415 11.93 -22.37 42.68
CA MET A 415 10.82 -21.43 42.50
C MET A 415 10.48 -21.24 41.03
N ALA A 416 11.43 -21.44 40.13
CA ALA A 416 11.12 -21.39 38.71
C ALA A 416 10.16 -22.50 38.31
N ILE A 417 10.42 -23.72 38.80
CA ILE A 417 9.53 -24.83 38.52
C ILE A 417 8.17 -24.58 39.15
N ASP A 418 8.16 -24.10 40.40
CA ASP A 418 6.90 -23.76 41.03
C ASP A 418 6.12 -22.75 40.19
N ALA A 419 6.84 -21.78 39.63
CA ALA A 419 6.21 -20.75 38.83
C ALA A 419 5.56 -21.33 37.57
N TYR A 420 6.27 -22.18 36.82
CA TYR A 420 5.63 -22.63 35.58
C TYR A 420 4.50 -23.58 35.92
N GLU A 421 4.63 -24.29 37.04
CA GLU A 421 3.55 -25.15 37.49
C GLU A 421 2.29 -24.34 37.75
N GLU A 422 2.44 -23.20 38.42
CA GLU A 422 1.31 -22.28 38.56
C GLU A 422 0.82 -21.82 37.18
N CYS A 423 1.74 -21.51 36.28
CA CYS A 423 1.37 -21.02 34.95
C CYS A 423 0.55 -22.06 34.20
N LEU A 424 0.99 -23.31 34.22
CA LEU A 424 0.28 -24.39 33.57
C LEU A 424 -1.07 -24.62 34.23
N LYS A 425 -1.14 -24.45 35.55
CA LYS A 425 -2.44 -24.53 36.22
C LYS A 425 -3.38 -23.46 35.68
N ILE A 426 -2.88 -22.24 35.48
CA ILE A 426 -3.71 -21.18 34.90
C ILE A 426 -4.02 -21.50 33.45
N ASP A 427 -3.00 -21.88 32.68
CA ASP A 427 -3.15 -22.17 31.25
C ASP A 427 -2.68 -23.58 30.96
N PRO A 428 -3.57 -24.57 30.93
CA PRO A 428 -3.12 -25.95 30.69
C PRO A 428 -2.42 -26.14 29.36
N ASP A 429 -2.77 -25.37 28.34
CA ASP A 429 -2.26 -25.55 26.98
C ASP A 429 -1.27 -24.47 26.59
N SER A 430 -0.44 -24.03 27.54
CA SER A 430 0.60 -23.04 27.28
C SER A 430 1.83 -23.75 26.75
N ARG A 431 2.12 -23.56 25.46
CA ARG A 431 3.25 -24.24 24.84
C ARG A 431 4.57 -23.77 25.45
N ASN A 432 4.78 -22.45 25.50
CA ASN A 432 6.04 -21.92 26.00
C ASN A 432 6.25 -22.33 27.44
N ALA A 433 5.21 -22.23 28.27
CA ALA A 433 5.35 -22.56 29.68
C ALA A 433 5.81 -23.99 29.86
N GLY A 434 5.13 -24.95 29.22
CA GLY A 434 5.51 -26.34 29.38
C GLY A 434 6.88 -26.64 28.81
N GLN A 435 7.18 -26.11 27.62
CA GLN A 435 8.47 -26.38 26.99
C GLN A 435 9.61 -25.90 27.88
N ASN A 436 9.53 -24.65 28.31
CA ASN A 436 10.58 -24.14 29.20
C ASN A 436 10.56 -24.84 30.55
N ARG A 437 9.42 -25.38 30.97
CA ARG A 437 9.38 -26.18 32.20
C ARG A 437 10.23 -27.43 32.07
N LEU A 438 10.09 -28.12 30.93
CA LEU A 438 10.94 -29.27 30.69
C LEU A 438 12.41 -28.85 30.61
N LEU A 439 12.67 -27.72 29.94
CA LEU A 439 14.04 -27.22 29.86
C LEU A 439 14.62 -26.99 31.25
N ALA A 440 13.83 -26.39 32.14
CA ALA A 440 14.30 -26.12 33.50
C ALA A 440 14.56 -27.41 34.25
N MET A 441 13.66 -28.40 34.14
CA MET A 441 13.94 -29.67 34.80
C MET A 441 15.22 -30.30 34.27
N ASN A 442 15.53 -30.06 33.00
CA ASN A 442 16.75 -30.63 32.42
C ASN A 442 18.00 -30.14 33.14
N TYR A 443 17.93 -29.03 33.87
CA TYR A 443 19.12 -28.49 34.53
C TYR A 443 19.53 -29.35 35.73
N ILE A 444 18.57 -29.81 36.52
CA ILE A 444 18.85 -30.50 37.77
C ILE A 444 18.74 -32.01 37.63
N ASN A 445 18.83 -32.53 36.41
CA ASN A 445 18.72 -33.97 36.18
C ASN A 445 20.05 -34.63 36.53
N GLU A 446 20.05 -35.43 37.60
CA GLU A 446 21.24 -36.16 38.03
C GLU A 446 21.30 -37.56 37.45
N GLY A 447 20.34 -37.95 36.62
CA GLY A 447 20.33 -39.28 36.03
C GLY A 447 19.79 -40.36 36.93
N LEU A 448 19.14 -40.00 38.04
CA LEU A 448 18.60 -40.97 38.99
C LEU A 448 17.10 -41.17 38.84
N ASP A 449 16.35 -40.09 38.66
CA ASP A 449 14.90 -40.15 38.55
C ASP A 449 14.48 -40.19 37.08
N ASP A 450 13.23 -40.62 36.85
CA ASP A 450 12.68 -40.76 35.52
C ASP A 450 11.38 -39.99 35.33
N LYS A 451 10.95 -39.22 36.33
CA LYS A 451 9.74 -38.43 36.18
C LYS A 451 9.87 -37.43 35.03
N LEU A 452 11.09 -37.00 34.74
CA LEU A 452 11.30 -36.12 33.60
C LEU A 452 10.88 -36.77 32.31
N PHE A 453 11.18 -38.07 32.15
CA PHE A 453 10.74 -38.78 30.96
C PHE A 453 9.22 -38.81 30.86
N GLU A 454 8.54 -39.01 31.98
CA GLU A 454 7.08 -39.01 31.98
C GLU A 454 6.53 -37.63 31.59
N ALA A 455 7.14 -36.57 32.12
CA ALA A 455 6.70 -35.23 31.75
C ALA A 455 6.90 -34.99 30.25
N HIS A 456 8.03 -35.43 29.72
CA HIS A 456 8.28 -35.29 28.29
C HIS A 456 7.25 -36.08 27.48
N ARG A 457 6.91 -37.29 27.94
CA ARG A 457 5.92 -38.09 27.24
C ARG A 457 4.56 -37.40 27.23
N ASP A 458 4.17 -36.84 28.37
CA ASP A 458 2.89 -36.13 28.43
C ASP A 458 2.89 -34.94 27.50
N TRP A 459 3.99 -34.16 27.50
CA TRP A 459 4.08 -33.03 26.59
C TRP A 459 3.96 -33.48 25.14
N GLY A 460 4.69 -34.54 24.78
CA GLY A 460 4.64 -35.01 23.41
C GLY A 460 3.26 -35.48 23.00
N TRP A 461 2.59 -36.23 23.88
CA TRP A 461 1.26 -36.72 23.55
C TRP A 461 0.27 -35.57 23.40
N ARG A 462 0.31 -34.60 24.31
CA ARG A 462 -0.58 -33.45 24.21
C ARG A 462 -0.31 -32.66 22.93
N PHE A 463 0.96 -32.44 22.61
CA PHE A 463 1.30 -31.70 21.40
C PHE A 463 0.86 -32.43 20.16
N THR A 464 1.03 -33.75 20.12
CA THR A 464 0.60 -34.52 18.96
C THR A 464 -0.91 -34.50 18.80
N ARG A 465 -1.64 -34.72 19.90
CA ARG A 465 -3.10 -34.70 19.84
C ARG A 465 -3.64 -33.31 19.56
N LEU A 466 -2.85 -32.27 19.80
CA LEU A 466 -3.28 -30.90 19.56
C LEU A 466 -3.14 -30.48 18.10
N HIS A 467 -2.27 -31.14 17.34
CA HIS A 467 -1.99 -30.75 15.97
C HIS A 467 -2.25 -31.90 15.01
N PRO A 468 -2.54 -31.62 13.75
CA PRO A 468 -2.71 -32.67 12.76
C PRO A 468 -1.35 -33.18 12.26
N GLN A 469 -1.41 -34.27 11.50
CA GLN A 469 -0.21 -34.88 10.94
C GLN A 469 -0.47 -35.31 9.50
N TYR A 470 0.60 -35.39 8.73
CA TYR A 470 0.55 -35.81 7.33
C TYR A 470 1.09 -37.23 7.22
N THR A 471 0.30 -38.11 6.61
CA THR A 471 0.65 -39.52 6.46
C THR A 471 0.97 -39.89 5.02
N SER A 472 1.08 -38.90 4.13
CA SER A 472 1.30 -39.14 2.70
C SER A 472 2.72 -38.74 2.33
N TRP A 473 3.34 -39.55 1.49
CA TRP A 473 4.71 -39.31 1.04
C TRP A 473 4.76 -39.44 -0.48
N ASP A 474 5.64 -38.64 -1.09
CA ASP A 474 5.83 -38.64 -2.54
C ASP A 474 7.28 -38.88 -2.95
N ASN A 475 8.21 -38.95 -2.01
CA ASN A 475 9.61 -39.15 -2.37
C ASN A 475 9.82 -40.53 -2.98
N LEU A 476 10.77 -40.62 -3.89
CA LEU A 476 11.03 -41.86 -4.59
C LEU A 476 11.57 -42.92 -3.63
N LYS A 477 11.21 -44.17 -3.91
CA LYS A 477 11.66 -45.30 -3.10
C LYS A 477 13.06 -45.78 -3.49
N ASP A 478 13.66 -45.21 -4.52
CA ASP A 478 14.98 -45.63 -4.94
C ASP A 478 16.01 -45.13 -3.93
N PRO A 479 16.79 -46.02 -3.30
CA PRO A 479 17.77 -45.54 -2.31
C PRO A 479 19.00 -44.90 -2.92
N GLU A 480 19.14 -44.90 -4.24
CA GLU A 480 20.33 -44.38 -4.92
C GLU A 480 19.93 -43.11 -5.67
N ARG A 481 20.00 -41.98 -4.98
CA ARG A 481 19.77 -40.68 -5.61
C ARG A 481 20.25 -39.57 -4.69
N PRO A 482 20.59 -38.40 -5.22
CA PRO A 482 21.00 -37.30 -4.35
C PRO A 482 19.90 -36.95 -3.36
N ILE A 483 20.33 -36.57 -2.15
CA ILE A 483 19.43 -36.30 -1.04
C ILE A 483 19.38 -34.80 -0.80
N THR A 484 18.18 -34.27 -0.64
CA THR A 484 17.97 -32.86 -0.30
C THR A 484 17.91 -32.75 1.21
N ILE A 485 18.93 -32.13 1.80
CA ILE A 485 19.03 -31.96 3.24
C ILE A 485 18.71 -30.51 3.58
N GLY A 486 17.71 -30.31 4.42
CA GLY A 486 17.32 -28.98 4.84
C GLY A 486 17.63 -28.72 6.30
N TYR A 487 18.58 -27.83 6.56
CA TYR A 487 18.92 -27.43 7.91
C TYR A 487 17.97 -26.32 8.33
N ILE A 488 17.04 -26.64 9.22
CA ILE A 488 16.08 -25.68 9.75
C ILE A 488 16.55 -25.26 11.13
N SER A 489 16.75 -23.95 11.33
CA SER A 489 17.23 -23.49 12.62
C SER A 489 16.84 -22.04 12.81
N PRO A 490 16.37 -21.64 14.00
CA PRO A 490 16.00 -20.23 14.21
C PRO A 490 17.16 -19.35 14.62
N ASP A 491 18.34 -19.92 14.87
CA ASP A 491 19.49 -19.16 15.36
C ASP A 491 20.67 -19.43 14.42
N PHE A 492 20.75 -18.65 13.36
CA PHE A 492 21.91 -18.65 12.47
C PHE A 492 22.78 -17.41 12.68
N PHE A 493 22.48 -16.61 13.69
CA PHE A 493 23.29 -15.45 14.04
C PHE A 493 24.44 -15.90 14.92
N THR A 494 25.09 -14.95 15.60
CA THR A 494 26.26 -15.25 16.41
C THR A 494 25.81 -16.04 17.64
N HIS A 495 25.59 -17.34 17.42
CA HIS A 495 25.17 -18.27 18.44
C HIS A 495 26.12 -19.45 18.45
N SER A 496 26.17 -20.16 19.58
CA SER A 496 27.02 -21.33 19.69
C SER A 496 26.74 -22.30 18.55
N VAL A 497 25.47 -22.58 18.29
CA VAL A 497 25.11 -23.55 17.25
C VAL A 497 25.75 -23.17 15.93
N SER A 498 25.68 -21.88 15.57
CA SER A 498 26.24 -21.45 14.29
C SER A 498 27.68 -21.91 14.14
N TYR A 499 28.49 -21.77 15.20
CA TYR A 499 29.87 -22.20 15.13
C TYR A 499 29.95 -23.64 14.65
N PHE A 500 29.22 -24.53 15.31
CA PHE A 500 29.32 -25.95 15.01
C PHE A 500 28.65 -26.31 13.69
N ILE A 501 27.86 -25.40 13.11
CA ILE A 501 27.32 -25.60 11.78
C ILE A 501 28.14 -24.93 10.70
N GLU A 502 29.16 -24.15 11.07
CA GLU A 502 29.95 -23.44 10.07
C GLU A 502 30.66 -24.40 9.13
N ALA A 503 31.21 -25.49 9.67
CA ALA A 503 32.04 -26.38 8.86
C ALA A 503 31.20 -27.31 7.98
N PRO A 504 30.22 -28.02 8.54
CA PRO A 504 29.49 -29.01 7.72
C PRO A 504 28.90 -28.43 6.45
N LEU A 505 28.28 -27.25 6.53
CA LEU A 505 27.68 -26.65 5.34
C LEU A 505 28.74 -26.40 4.27
N THR A 506 29.90 -25.88 4.69
CA THR A 506 30.99 -25.64 3.77
C THR A 506 31.70 -26.92 3.32
N HIS A 507 31.38 -28.07 3.93
CA HIS A 507 32.09 -29.30 3.67
C HIS A 507 31.26 -30.39 3.00
N HIS A 508 29.95 -30.20 2.83
CA HIS A 508 29.16 -31.21 2.16
C HIS A 508 29.52 -31.28 0.68
N ASP A 509 29.19 -32.42 0.08
CA ASP A 509 29.28 -32.60 -1.38
C ASP A 509 27.96 -32.12 -1.95
N TYR A 510 27.94 -30.84 -2.38
CA TYR A 510 26.69 -30.25 -2.83
C TYR A 510 26.13 -30.99 -4.04
N THR A 511 27.00 -31.41 -4.96
CA THR A 511 26.53 -32.13 -6.14
C THR A 511 25.90 -33.46 -5.73
N LYS A 512 26.53 -34.20 -4.82
CA LYS A 512 25.98 -35.48 -4.40
C LYS A 512 24.80 -35.29 -3.46
N TYR A 513 24.87 -34.29 -2.58
CA TYR A 513 23.80 -34.00 -1.63
C TYR A 513 23.46 -32.52 -1.73
N LYS A 514 22.20 -32.22 -2.03
CA LYS A 514 21.76 -30.84 -2.12
C LYS A 514 21.46 -30.30 -0.73
N VAL A 515 21.70 -29.00 -0.55
CA VAL A 515 21.60 -28.35 0.76
C VAL A 515 20.64 -27.18 0.65
N VAL A 516 19.73 -27.09 1.63
CA VAL A 516 18.85 -25.93 1.76
C VAL A 516 18.83 -25.52 3.23
N VAL A 517 18.49 -24.26 3.45
CA VAL A 517 18.52 -23.65 4.77
C VAL A 517 17.19 -23.00 5.05
N TYR A 518 16.66 -23.22 6.25
CA TYR A 518 15.42 -22.60 6.73
C TYR A 518 15.78 -21.79 7.97
N SER A 519 16.03 -20.50 7.78
CA SER A 519 16.45 -19.61 8.85
C SER A 519 15.26 -18.81 9.35
N ALA A 520 14.98 -18.90 10.64
CA ALA A 520 13.98 -18.09 11.31
C ALA A 520 14.62 -17.04 12.21
N VAL A 521 15.83 -16.59 11.83
CA VAL A 521 16.56 -15.63 12.65
C VAL A 521 15.80 -14.31 12.71
N VAL A 522 15.69 -13.75 13.91
CA VAL A 522 15.00 -12.47 14.07
C VAL A 522 15.78 -11.35 13.41
N LYS A 523 17.10 -11.39 13.48
CA LYS A 523 17.93 -10.35 12.87
C LYS A 523 19.17 -11.00 12.29
N ALA A 524 19.33 -10.89 10.98
CA ALA A 524 20.49 -11.44 10.30
C ALA A 524 21.74 -10.65 10.66
N ASP A 525 22.88 -11.36 10.71
CA ASP A 525 24.16 -10.73 11.03
C ASP A 525 25.19 -11.05 9.97
N ALA A 526 26.45 -10.66 10.22
CA ALA A 526 27.50 -10.93 9.25
C ALA A 526 27.68 -12.42 9.03
N LYS A 527 27.60 -13.21 10.10
CA LYS A 527 27.70 -14.67 9.95
C LYS A 527 26.57 -15.19 9.09
N THR A 528 25.36 -14.66 9.27
CA THR A 528 24.25 -15.08 8.42
C THR A 528 24.51 -14.73 6.97
N TYR A 529 25.06 -13.54 6.71
CA TYR A 529 25.34 -13.14 5.34
C TYR A 529 26.40 -14.05 4.71
N ARG A 530 27.44 -14.40 5.46
CA ARG A 530 28.48 -15.26 4.90
C ARG A 530 27.94 -16.67 4.67
N PHE A 531 27.08 -17.16 5.57
CA PHE A 531 26.46 -18.46 5.35
C PHE A 531 25.60 -18.45 4.10
N ARG A 532 24.83 -17.38 3.90
CA ARG A 532 24.02 -17.27 2.70
C ARG A 532 24.88 -17.24 1.45
N ASP A 533 25.98 -16.49 1.50
CA ASP A 533 26.89 -16.42 0.35
C ASP A 533 27.47 -17.79 0.04
N LYS A 534 27.90 -18.52 1.08
CA LYS A 534 28.46 -19.85 0.85
C LYS A 534 27.42 -20.80 0.29
N VAL A 535 26.19 -20.73 0.80
CA VAL A 535 25.13 -21.64 0.32
C VAL A 535 24.82 -21.35 -1.14
N LEU A 536 24.61 -20.08 -1.48
CA LEU A 536 24.25 -19.74 -2.85
C LEU A 536 25.40 -20.02 -3.81
N LYS A 537 26.63 -19.72 -3.41
CA LYS A 537 27.78 -19.96 -4.27
C LYS A 537 27.97 -21.46 -4.51
N LYS A 538 27.76 -22.27 -3.48
CA LYS A 538 28.00 -23.70 -3.58
C LYS A 538 26.87 -24.46 -4.27
N GLY A 539 25.76 -23.81 -4.58
CA GLY A 539 24.67 -24.46 -5.25
C GLY A 539 23.52 -24.85 -4.33
N GLY A 540 23.16 -23.94 -3.42
CA GLY A 540 22.09 -24.20 -2.48
C GLY A 540 21.06 -23.09 -2.51
N VAL A 541 19.99 -23.30 -1.74
CA VAL A 541 18.86 -22.39 -1.67
C VAL A 541 18.73 -21.89 -0.24
N TRP A 542 18.63 -20.58 -0.08
CA TRP A 542 18.45 -19.95 1.22
C TRP A 542 17.05 -19.34 1.29
N LYS A 543 16.33 -19.61 2.37
CA LYS A 543 14.98 -19.12 2.56
C LYS A 543 14.83 -18.54 3.96
N ASP A 544 14.06 -17.47 4.07
CA ASP A 544 13.75 -16.83 5.35
C ASP A 544 12.31 -17.12 5.71
N ILE A 545 12.08 -17.56 6.95
CA ILE A 545 10.76 -18.01 7.37
C ILE A 545 10.31 -17.23 8.61
N TYR A 546 10.80 -16.01 8.75
CA TYR A 546 10.47 -15.21 9.93
C TYR A 546 9.05 -14.67 9.81
N GLY A 547 8.32 -14.72 10.92
CA GLY A 547 6.96 -14.22 10.95
C GLY A 547 5.99 -14.97 10.06
N ILE A 548 6.05 -16.30 10.08
CA ILE A 548 5.18 -17.15 9.27
C ILE A 548 4.58 -18.23 10.15
N ASP A 549 3.30 -18.52 9.93
CA ASP A 549 2.61 -19.53 10.71
C ASP A 549 3.17 -20.92 10.38
N GLU A 550 3.10 -21.81 11.37
CA GLU A 550 3.69 -23.14 11.21
C GLU A 550 3.05 -23.93 10.08
N LYS A 551 1.75 -23.73 9.85
CA LYS A 551 1.08 -24.43 8.76
C LYS A 551 1.68 -24.05 7.42
N LYS A 552 1.93 -22.76 7.21
CA LYS A 552 2.57 -22.32 5.97
C LYS A 552 3.98 -22.86 5.87
N ILE A 553 4.68 -22.95 7.00
CA ILE A 553 6.03 -23.52 6.99
C ILE A 553 5.98 -24.96 6.50
N ALA A 554 5.04 -25.74 7.04
CA ALA A 554 4.91 -27.13 6.62
C ALA A 554 4.54 -27.22 5.15
N SER A 555 3.63 -26.37 4.69
CA SER A 555 3.22 -26.41 3.29
C SER A 555 4.39 -26.10 2.37
N MET A 556 5.18 -25.08 2.68
CA MET A 556 6.32 -24.74 1.84
C MET A 556 7.41 -25.80 1.92
N VAL A 557 7.57 -26.43 3.08
CA VAL A 557 8.54 -27.51 3.20
C VAL A 557 8.13 -28.69 2.31
N ARG A 558 6.86 -29.05 2.34
CA ARG A 558 6.38 -30.12 1.48
C ARG A 558 6.53 -29.77 0.01
N GLU A 559 6.21 -28.52 -0.35
CA GLU A 559 6.27 -28.09 -1.74
C GLU A 559 7.71 -27.94 -2.25
N ASP A 560 8.70 -27.99 -1.37
CA ASP A 560 10.10 -27.83 -1.76
C ASP A 560 10.77 -29.14 -2.14
N LYS A 561 10.04 -30.26 -2.11
CA LYS A 561 10.60 -31.55 -2.49
C LYS A 561 11.84 -31.89 -1.66
N ILE A 562 11.79 -31.59 -0.37
CA ILE A 562 12.90 -31.86 0.53
C ILE A 562 12.88 -33.33 0.91
N ASP A 563 14.07 -33.91 1.08
CA ASP A 563 14.20 -35.32 1.45
C ASP A 563 14.29 -35.50 2.96
N ILE A 564 15.27 -34.85 3.59
CA ILE A 564 15.49 -34.97 5.02
C ILE A 564 15.59 -33.58 5.62
N LEU A 565 15.15 -33.43 6.86
CA LEU A 565 15.25 -32.15 7.57
C LEU A 565 15.94 -32.34 8.91
N VAL A 566 16.81 -31.39 9.23
CA VAL A 566 17.59 -31.41 10.46
C VAL A 566 17.24 -30.16 11.26
N GLU A 567 16.72 -30.35 12.46
CA GLU A 567 16.38 -29.26 13.36
C GLU A 567 17.45 -29.14 14.44
N LEU A 568 17.81 -27.90 14.76
CA LEU A 568 18.88 -27.62 15.71
C LEU A 568 18.41 -26.69 16.82
N THR A 569 17.13 -26.79 17.19
CA THR A 569 16.55 -25.93 18.21
C THR A 569 16.13 -26.69 19.46
N GLY A 570 15.30 -27.72 19.32
CA GLY A 570 14.80 -28.41 20.49
C GLY A 570 13.88 -27.52 21.31
N HIS A 571 13.86 -27.77 22.62
CA HIS A 571 13.06 -26.97 23.55
C HIS A 571 13.85 -25.74 23.99
N THR A 572 14.08 -24.86 23.02
CA THR A 572 14.81 -23.62 23.28
C THR A 572 14.04 -22.43 22.75
N ALA A 573 14.65 -21.24 22.80
CA ALA A 573 13.98 -20.03 22.39
C ALA A 573 13.65 -20.07 20.89
N ASN A 574 12.45 -19.63 20.55
CA ASN A 574 12.03 -19.49 19.16
C ASN A 574 12.20 -20.80 18.38
N ASN A 575 11.85 -21.91 19.02
CA ASN A 575 11.90 -23.20 18.35
C ASN A 575 10.77 -23.31 17.34
N LYS A 576 10.84 -24.35 16.51
CA LYS A 576 9.87 -24.59 15.44
C LYS A 576 9.36 -26.02 15.50
N LEU A 577 8.99 -26.47 16.69
CA LEU A 577 8.40 -27.79 16.83
C LEU A 577 7.03 -27.89 16.15
N GLY A 578 6.43 -26.74 15.84
CA GLY A 578 5.19 -26.77 15.07
C GLY A 578 5.35 -27.45 13.73
N THR A 579 6.53 -27.31 13.11
CA THR A 579 6.82 -28.04 11.89
C THR A 579 6.80 -29.54 12.14
N MET A 580 7.43 -29.98 13.23
CA MET A 580 7.42 -31.40 13.58
C MET A 580 6.04 -31.88 13.97
N ALA A 581 5.13 -30.97 14.29
CA ALA A 581 3.77 -31.37 14.64
C ALA A 581 3.14 -32.20 13.54
N CYS A 582 3.50 -31.94 12.28
CA CYS A 582 2.89 -32.61 11.15
C CYS A 582 3.84 -33.55 10.40
N ARG A 583 5.13 -33.52 10.70
CA ARG A 583 6.09 -34.35 10.00
C ARG A 583 5.95 -34.11 8.50
N PRO A 584 6.36 -32.94 7.99
CA PRO A 584 6.20 -32.66 6.56
C PRO A 584 7.16 -33.44 5.67
N ALA A 585 8.16 -34.11 6.23
CA ALA A 585 9.15 -34.83 5.48
C ALA A 585 9.29 -36.25 6.02
N PRO A 586 9.75 -37.19 5.19
CA PRO A 586 9.89 -38.57 5.68
C PRO A 586 10.83 -38.70 6.85
N VAL A 587 11.86 -37.86 6.91
CA VAL A 587 12.91 -37.96 7.92
C VAL A 587 13.12 -36.59 8.55
N GLN A 588 12.91 -36.52 9.86
CA GLN A 588 13.22 -35.35 10.66
C GLN A 588 14.13 -35.77 11.79
N VAL A 589 15.24 -35.06 11.97
CA VAL A 589 16.25 -35.44 12.96
C VAL A 589 16.72 -34.20 13.71
N THR A 590 16.89 -34.35 15.03
CA THR A 590 17.53 -33.34 15.85
C THR A 590 18.95 -33.80 16.17
N TRP A 591 19.88 -32.88 16.13
CA TRP A 591 21.29 -33.24 16.14
C TRP A 591 22.11 -32.52 17.20
N ILE A 592 21.84 -31.24 17.45
CA ILE A 592 22.69 -30.45 18.32
C ILE A 592 21.90 -29.92 19.51
N GLY A 593 20.90 -29.09 19.23
CA GLY A 593 20.18 -28.43 20.31
C GLY A 593 19.48 -29.41 21.22
N TYR A 594 19.39 -29.05 22.49
CA TYR A 594 18.68 -29.83 23.48
C TYR A 594 19.24 -31.24 23.57
N PRO A 595 20.41 -31.42 24.18
CA PRO A 595 21.01 -32.76 24.24
C PRO A 595 20.08 -33.84 24.77
N ASN A 596 19.12 -33.47 25.60
CA ASN A 596 18.18 -34.45 26.13
C ASN A 596 17.16 -34.84 25.06
N THR A 597 16.39 -35.88 25.37
CA THR A 597 15.45 -36.41 24.39
C THR A 597 14.42 -35.36 24.00
N THR A 598 14.04 -35.38 22.73
CA THR A 598 13.05 -34.41 22.24
C THR A 598 11.69 -34.64 22.88
N GLY A 599 11.28 -35.90 23.02
CA GLY A 599 10.02 -36.23 23.65
C GLY A 599 8.84 -36.32 22.71
N LEU A 600 9.01 -35.98 21.42
CA LEU A 600 7.93 -36.07 20.46
C LEU A 600 7.94 -37.42 19.76
N PRO A 601 6.86 -38.22 19.84
CA PRO A 601 6.84 -39.48 19.09
C PRO A 601 6.97 -39.28 17.59
N THR A 602 6.46 -38.17 17.06
CA THR A 602 6.57 -37.92 15.63
C THR A 602 8.03 -37.85 15.20
N VAL A 603 8.89 -37.21 16.00
CA VAL A 603 10.30 -37.18 15.70
C VAL A 603 10.83 -38.61 15.69
N ASP A 604 11.51 -38.98 14.61
CA ASP A 604 11.89 -40.38 14.39
C ASP A 604 13.18 -40.72 15.12
N TYR A 605 14.27 -40.04 14.77
CA TYR A 605 15.61 -40.44 15.20
C TYR A 605 16.42 -39.23 15.63
N ARG A 606 17.48 -39.50 16.38
CA ARG A 606 18.39 -38.48 16.88
C ARG A 606 19.84 -38.94 16.65
N ILE A 607 20.74 -37.96 16.57
CA ILE A 607 22.13 -38.21 16.23
C ILE A 607 22.99 -38.08 17.47
N THR A 608 23.87 -39.05 17.70
CA THR A 608 24.80 -39.03 18.81
C THR A 608 25.97 -39.95 18.46
N ASP A 609 26.83 -40.21 19.45
CA ASP A 609 27.98 -41.09 19.28
C ASP A 609 27.97 -42.16 20.38
N SER A 610 29.06 -42.93 20.43
CA SER A 610 29.17 -43.99 21.41
C SER A 610 29.71 -43.49 22.74
N LEU A 611 30.50 -42.41 22.72
CA LEU A 611 31.12 -41.92 23.95
C LEU A 611 30.09 -41.26 24.85
N ALA A 612 29.44 -40.20 24.36
CA ALA A 612 28.41 -39.53 25.16
C ALA A 612 27.19 -40.41 25.39
N ASP A 613 26.98 -41.41 24.54
CA ASP A 613 25.85 -42.34 24.66
C ASP A 613 26.39 -43.76 24.60
N PRO A 614 26.91 -44.27 25.71
CA PRO A 614 27.43 -45.63 25.71
C PRO A 614 26.34 -46.62 25.40
N PRO A 615 26.68 -47.75 24.75
CA PRO A 615 25.62 -48.73 24.41
C PRO A 615 24.87 -49.24 25.62
N ASP A 616 25.51 -49.32 26.79
CA ASP A 616 24.89 -49.82 28.00
C ASP A 616 24.23 -48.72 28.82
N THR A 617 23.84 -47.63 28.18
CA THR A 617 23.24 -46.51 28.89
C THR A 617 21.89 -46.91 29.46
N LYS A 618 21.57 -46.33 30.62
CA LYS A 618 20.27 -46.50 31.26
C LYS A 618 19.29 -45.37 30.94
N GLN A 619 19.69 -44.42 30.08
CA GLN A 619 18.84 -43.29 29.74
C GLN A 619 17.90 -43.71 28.62
N LYS A 620 16.64 -43.97 28.97
CA LYS A 620 15.65 -44.35 27.97
C LYS A 620 15.33 -43.15 27.08
N GLN A 621 15.16 -43.42 25.79
CA GLN A 621 14.85 -42.39 24.81
C GLN A 621 13.62 -42.81 24.02
N VAL A 622 12.72 -41.85 23.81
CA VAL A 622 11.51 -42.14 23.04
C VAL A 622 11.82 -42.39 21.57
N GLU A 623 12.94 -41.89 21.07
CA GLU A 623 13.32 -42.01 19.67
C GLU A 623 14.61 -42.79 19.54
N GLU A 624 14.75 -43.50 18.41
CA GLU A 624 15.95 -44.28 18.17
C GLU A 624 17.16 -43.36 17.99
N LEU A 625 18.34 -43.89 18.31
CA LEU A 625 19.58 -43.15 18.26
C LEU A 625 20.51 -43.76 17.23
N VAL A 626 21.31 -42.90 16.61
CA VAL A 626 22.31 -43.30 15.62
C VAL A 626 23.66 -42.87 16.16
N ARG A 627 24.59 -43.83 16.26
CA ARG A 627 25.91 -43.56 16.82
C ARG A 627 26.88 -43.21 15.70
N LEU A 628 27.37 -41.98 15.71
CA LEU A 628 28.35 -41.57 14.72
C LEU A 628 29.69 -42.24 14.99
N PRO A 629 30.51 -42.43 13.96
CA PRO A 629 31.78 -43.15 14.15
C PRO A 629 32.69 -42.47 15.16
N ASP A 630 33.06 -41.21 14.92
CA ASP A 630 34.00 -40.49 15.77
C ASP A 630 33.30 -39.63 16.81
N CYS A 631 32.50 -38.67 16.37
CA CYS A 631 31.84 -37.75 17.28
C CYS A 631 30.75 -37.01 16.52
N PHE A 632 29.87 -36.37 17.28
CA PHE A 632 28.79 -35.55 16.71
C PHE A 632 29.02 -34.07 16.99
N LEU A 633 30.26 -33.67 17.28
CA LEU A 633 30.61 -32.28 17.47
C LEU A 633 31.73 -31.91 16.49
N CYS A 634 31.64 -30.70 15.93
CA CYS A 634 32.67 -30.17 15.04
C CYS A 634 32.73 -28.67 15.24
N TYR A 635 33.75 -28.19 15.93
CA TYR A 635 33.90 -26.78 16.22
C TYR A 635 34.66 -26.09 15.09
N THR A 636 34.35 -24.81 14.88
CA THR A 636 34.97 -24.01 13.84
C THR A 636 35.66 -22.80 14.45
N PRO A 637 36.96 -22.61 14.22
CA PRO A 637 37.64 -21.43 14.77
C PRO A 637 37.05 -20.14 14.23
N SER A 638 37.06 -19.12 15.08
CA SER A 638 36.70 -17.79 14.62
C SER A 638 37.80 -17.24 13.70
N PRO A 639 37.44 -16.52 12.65
CA PRO A 639 38.48 -15.98 11.75
C PRO A 639 39.45 -15.05 12.46
N GLU A 640 39.00 -14.33 13.49
CA GLU A 640 39.83 -13.37 14.20
C GLU A 640 40.12 -13.85 15.62
N ALA A 641 40.35 -15.15 15.79
CA ALA A 641 40.65 -15.69 17.10
C ALA A 641 41.94 -15.11 17.66
N GLY A 642 42.97 -15.01 16.82
CA GLY A 642 44.23 -14.43 17.23
C GLY A 642 45.11 -15.41 17.97
N PRO A 643 46.33 -14.97 18.30
CA PRO A 643 47.25 -15.85 19.01
C PRO A 643 46.84 -16.03 20.46
N VAL A 644 47.47 -17.02 21.10
CA VAL A 644 47.22 -17.36 22.50
C VAL A 644 48.45 -16.97 23.30
N CYS A 645 48.24 -16.13 24.32
CA CYS A 645 49.34 -15.70 25.16
C CYS A 645 49.84 -16.86 26.03
N PRO A 646 51.10 -16.81 26.47
CA PRO A 646 51.62 -17.90 27.31
C PRO A 646 50.87 -18.03 28.62
N THR A 647 51.23 -19.02 29.41
CA THR A 647 50.52 -19.27 30.67
C THR A 647 50.84 -18.16 31.66
N PRO A 648 49.84 -17.49 32.23
CA PRO A 648 50.12 -16.39 33.17
C PRO A 648 50.60 -16.86 34.53
N ALA A 649 50.51 -18.16 34.83
CA ALA A 649 50.97 -18.66 36.13
C ALA A 649 52.42 -18.27 36.39
N LEU A 650 53.25 -18.25 35.35
CA LEU A 650 54.64 -17.84 35.54
C LEU A 650 54.74 -16.39 35.98
N SER A 651 53.91 -15.52 35.40
CA SER A 651 53.98 -14.10 35.72
C SER A 651 53.56 -13.85 37.16
N ASN A 652 52.43 -14.43 37.59
CA ASN A 652 51.89 -14.16 38.92
C ASN A 652 52.28 -15.21 39.95
N GLY A 653 52.69 -16.40 39.53
CA GLY A 653 53.17 -17.40 40.46
C GLY A 653 52.09 -18.23 41.13
N PHE A 654 50.84 -18.16 40.68
CA PHE A 654 49.78 -18.96 41.26
C PHE A 654 48.78 -19.35 40.19
N VAL A 655 48.03 -20.41 40.46
CA VAL A 655 47.07 -20.95 39.52
C VAL A 655 45.77 -20.17 39.62
N THR A 656 45.14 -19.93 38.46
CA THR A 656 43.91 -19.15 38.36
C THR A 656 42.88 -19.97 37.60
N PHE A 657 42.03 -20.68 38.33
CA PHE A 657 40.94 -21.42 37.71
C PHE A 657 39.89 -20.48 37.17
N GLY A 658 39.35 -20.80 36.00
CA GLY A 658 38.37 -19.95 35.35
C GLY A 658 37.20 -20.75 34.82
N SER A 659 36.03 -20.12 34.85
CA SER A 659 34.80 -20.73 34.35
C SER A 659 33.99 -19.67 33.61
N PHE A 660 33.68 -19.96 32.36
CA PHE A 660 32.94 -19.05 31.49
C PHE A 660 31.60 -19.65 31.08
N ASN A 661 30.94 -20.33 32.01
CA ASN A 661 29.68 -20.99 31.75
C ASN A 661 28.51 -20.16 32.28
N ASN A 662 27.31 -20.57 31.88
CA ASN A 662 26.11 -19.89 32.34
C ASN A 662 25.89 -20.13 33.82
N LEU A 663 25.35 -19.10 34.50
CA LEU A 663 25.09 -19.22 35.92
C LEU A 663 24.07 -20.31 36.22
N ALA A 664 23.12 -20.53 35.30
CA ALA A 664 22.11 -21.55 35.51
C ALA A 664 22.71 -22.94 35.64
N LYS A 665 23.88 -23.17 35.06
CA LYS A 665 24.54 -24.46 35.15
C LYS A 665 25.31 -24.65 36.44
N ILE A 666 25.40 -23.62 37.27
CA ILE A 666 26.10 -23.70 38.55
C ILE A 666 25.12 -24.12 39.61
N THR A 667 25.50 -25.11 40.41
CA THR A 667 24.68 -25.66 41.47
C THR A 667 25.46 -25.68 42.78
N PRO A 668 24.78 -25.80 43.92
CA PRO A 668 25.49 -25.84 45.20
C PRO A 668 26.55 -26.92 45.26
N LYS A 669 26.30 -28.07 44.63
CA LYS A 669 27.31 -29.13 44.60
C LYS A 669 28.56 -28.66 43.88
N VAL A 670 28.39 -27.97 42.75
CA VAL A 670 29.54 -27.43 42.02
C VAL A 670 30.28 -26.43 42.89
N LEU A 671 29.55 -25.60 43.62
CA LEU A 671 30.19 -24.61 44.49
C LEU A 671 31.01 -25.30 45.57
N GLN A 672 30.47 -26.35 46.19
CA GLN A 672 31.22 -27.07 47.21
C GLN A 672 32.46 -27.71 46.62
N VAL A 673 32.34 -28.30 45.43
CA VAL A 673 33.49 -28.94 44.79
C VAL A 673 34.56 -27.90 44.49
N TRP A 674 34.15 -26.73 43.99
CA TRP A 674 35.11 -25.69 43.66
C TRP A 674 35.78 -25.15 44.93
N ALA A 675 35.02 -25.04 46.02
CA ALA A 675 35.61 -24.63 47.28
C ALA A 675 36.66 -25.63 47.75
N ARG A 676 36.36 -26.93 47.62
CA ARG A 676 37.33 -27.95 47.97
C ARG A 676 38.57 -27.84 47.10
N ILE A 677 38.39 -27.59 45.80
CA ILE A 677 39.52 -27.42 44.90
C ILE A 677 40.40 -26.27 45.37
N LEU A 678 39.78 -25.13 45.66
CA LEU A 678 40.54 -23.95 46.08
C LEU A 678 41.28 -24.22 47.38
N CYS A 679 40.62 -24.86 48.33
CA CYS A 679 41.25 -25.15 49.62
C CYS A 679 42.35 -26.19 49.50
N ALA A 680 42.28 -27.06 48.50
CA ALA A 680 43.27 -28.14 48.39
C ALA A 680 44.66 -27.59 48.11
N VAL A 681 44.78 -26.73 47.11
CA VAL A 681 46.06 -26.18 46.70
C VAL A 681 46.16 -24.76 47.24
N PRO A 682 47.25 -24.39 47.91
CA PRO A 682 47.37 -23.03 48.43
C PRO A 682 47.54 -22.01 47.31
N ASN A 683 47.10 -20.79 47.59
CA ASN A 683 47.28 -19.65 46.68
C ASN A 683 46.68 -19.97 45.31
N SER A 684 45.36 -20.12 45.30
CA SER A 684 44.59 -20.38 44.10
C SER A 684 43.54 -19.30 43.92
N ARG A 685 43.43 -18.78 42.70
CA ARG A 685 42.43 -17.77 42.38
C ARG A 685 41.32 -18.38 41.54
N LEU A 686 40.13 -17.79 41.63
CA LEU A 686 38.96 -18.26 40.91
C LEU A 686 38.31 -17.08 40.19
N VAL A 687 38.02 -17.26 38.90
CA VAL A 687 37.37 -16.24 38.10
C VAL A 687 36.18 -16.88 37.39
N VAL A 688 35.04 -16.18 37.41
CA VAL A 688 33.81 -16.65 36.80
C VAL A 688 33.23 -15.53 35.96
N LYS A 689 32.80 -15.86 34.74
CA LYS A 689 32.19 -14.91 33.83
C LYS A 689 30.76 -15.34 33.53
N CYS A 690 29.80 -14.48 33.87
CA CYS A 690 28.39 -14.78 33.63
C CYS A 690 27.64 -13.47 33.43
N LYS A 691 26.60 -13.53 32.60
CA LYS A 691 25.78 -12.34 32.37
C LYS A 691 25.09 -11.87 33.63
N PRO A 692 24.41 -12.72 34.42
CA PRO A 692 23.76 -12.24 35.64
C PRO A 692 24.71 -11.52 36.58
N PHE A 693 26.01 -11.59 36.35
CA PHE A 693 26.95 -10.75 37.08
C PHE A 693 27.01 -9.37 36.42
N CYS A 694 25.84 -8.79 36.15
CA CYS A 694 25.71 -7.39 35.79
C CYS A 694 24.99 -6.60 36.87
N CYS A 695 24.49 -7.27 37.91
CA CYS A 695 23.76 -6.64 39.00
C CYS A 695 24.51 -6.84 40.31
N ASP A 696 24.55 -5.80 41.13
CA ASP A 696 25.30 -5.87 42.38
C ASP A 696 24.70 -6.88 43.35
N SER A 697 23.37 -6.96 43.40
CA SER A 697 22.72 -7.85 44.36
C SER A 697 23.08 -9.30 44.11
N ILE A 698 23.08 -9.73 42.84
CA ILE A 698 23.45 -11.09 42.51
C ILE A 698 24.89 -11.36 42.93
N ARG A 699 25.78 -10.40 42.66
CA ARG A 699 27.18 -10.55 43.04
C ARG A 699 27.33 -10.73 44.54
N GLN A 700 26.62 -9.90 45.32
CA GLN A 700 26.71 -10.00 46.77
C GLN A 700 26.16 -11.33 47.26
N ARG A 701 25.03 -11.77 46.69
CA ARG A 701 24.46 -13.05 47.11
C ARG A 701 25.41 -14.20 46.80
N PHE A 702 26.02 -14.19 45.62
CA PHE A 702 26.96 -15.25 45.25
C PHE A 702 28.18 -15.24 46.18
N LEU A 703 28.71 -14.06 46.48
CA LEU A 703 29.86 -13.99 47.37
C LEU A 703 29.50 -14.47 48.77
N THR A 704 28.32 -14.11 49.26
CA THR A 704 27.89 -14.58 50.56
C THR A 704 27.75 -16.09 50.58
N THR A 705 27.18 -16.66 49.52
CA THR A 705 27.05 -18.12 49.45
C THR A 705 28.42 -18.79 49.45
N LEU A 706 29.36 -18.24 48.69
CA LEU A 706 30.70 -18.81 48.67
C LEU A 706 31.37 -18.72 50.04
N GLU A 707 31.23 -17.57 50.71
CA GLU A 707 31.84 -17.40 52.02
C GLU A 707 31.21 -18.34 53.04
N GLN A 708 29.92 -18.62 52.91
CA GLN A 708 29.28 -19.55 53.85
C GLN A 708 29.92 -20.93 53.79
N LEU A 709 30.51 -21.29 52.66
CA LEU A 709 31.18 -22.58 52.53
C LEU A 709 32.63 -22.54 53.02
N GLY A 710 33.15 -21.37 53.35
CA GLY A 710 34.50 -21.26 53.86
C GLY A 710 35.50 -20.81 52.82
N LEU A 711 35.12 -19.83 52.00
CA LEU A 711 36.00 -19.28 50.96
C LEU A 711 36.04 -17.77 51.09
N GLU A 712 37.25 -17.22 51.06
CA GLU A 712 37.41 -15.77 51.12
C GLU A 712 36.99 -15.14 49.81
N SER A 713 36.54 -13.88 49.89
CA SER A 713 36.08 -13.16 48.72
C SER A 713 37.21 -12.50 47.95
N LYS A 714 38.43 -12.48 48.49
CA LYS A 714 39.56 -11.88 47.79
C LYS A 714 40.07 -12.74 46.64
N ARG A 715 39.73 -14.03 46.62
CA ARG A 715 40.17 -14.95 45.60
C ARG A 715 39.11 -15.21 44.54
N VAL A 716 38.03 -14.43 44.54
CA VAL A 716 36.91 -14.61 43.61
C VAL A 716 36.79 -13.36 42.77
N ASP A 717 36.74 -13.54 41.44
CA ASP A 717 36.60 -12.44 40.50
C ASP A 717 35.44 -12.75 39.57
N LEU A 718 34.34 -12.02 39.74
CA LEU A 718 33.16 -12.17 38.89
C LEU A 718 33.19 -11.08 37.82
N LEU A 719 33.19 -11.49 36.56
CA LEU A 719 33.28 -10.55 35.45
C LEU A 719 31.99 -10.55 34.64
N PRO A 720 31.62 -9.41 34.06
CA PRO A 720 30.43 -9.37 33.21
C PRO A 720 30.71 -9.80 31.79
N LEU A 721 29.72 -9.70 30.91
CA LEU A 721 29.90 -10.06 29.52
C LEU A 721 30.83 -9.08 28.82
N ILE A 722 31.32 -9.50 27.65
CA ILE A 722 32.14 -8.68 26.79
C ILE A 722 31.44 -8.57 25.44
N LEU A 723 31.20 -7.33 24.99
CA LEU A 723 30.43 -7.13 23.77
C LEU A 723 31.20 -7.57 22.53
N PHE A 724 32.52 -7.46 22.57
CA PHE A 724 33.36 -7.68 21.39
C PHE A 724 33.93 -9.09 21.41
N ASN A 725 33.70 -9.83 20.32
CA ASN A 725 33.93 -11.28 20.34
C ASN A 725 35.39 -11.62 20.57
N HIS A 726 36.29 -10.96 19.85
CA HIS A 726 37.72 -11.29 19.99
C HIS A 726 38.23 -10.98 21.38
N ASP A 727 37.67 -9.95 22.03
CA ASP A 727 38.03 -9.68 23.43
C ASP A 727 37.62 -10.84 24.32
N HIS A 728 36.42 -11.39 24.10
CA HIS A 728 35.99 -12.56 24.85
C HIS A 728 36.90 -13.75 24.58
N MET A 729 37.32 -13.93 23.33
CA MET A 729 38.22 -15.02 22.99
C MET A 729 39.55 -14.87 23.72
N GLN A 730 40.10 -13.66 23.72
CA GLN A 730 41.39 -13.41 24.33
C GLN A 730 41.33 -13.35 25.85
N ALA A 731 40.14 -13.21 26.43
CA ALA A 731 40.03 -13.20 27.88
C ALA A 731 40.50 -14.50 28.51
N TYR A 732 40.60 -15.57 27.74
CA TYR A 732 41.12 -16.82 28.27
C TYR A 732 42.61 -16.74 28.60
N SER A 733 43.29 -15.67 28.19
CA SER A 733 44.72 -15.57 28.46
C SER A 733 45.01 -15.55 29.95
N LEU A 734 44.13 -14.94 30.75
CA LEU A 734 44.34 -14.85 32.19
C LEU A 734 43.97 -16.13 32.93
N MET A 735 43.26 -17.05 32.28
CA MET A 735 42.87 -18.30 32.92
C MET A 735 43.98 -19.33 32.79
N ASP A 736 44.04 -20.23 33.78
CA ASP A 736 45.02 -21.30 33.82
C ASP A 736 44.41 -22.67 33.60
N ILE A 737 43.40 -23.03 34.39
CA ILE A 737 42.69 -24.30 34.25
C ILE A 737 41.21 -23.99 34.14
N SER A 738 40.56 -24.57 33.14
CA SER A 738 39.13 -24.40 32.94
C SER A 738 38.39 -25.55 33.61
N LEU A 739 37.35 -25.21 34.39
CA LEU A 739 36.57 -26.20 35.11
C LEU A 739 35.14 -26.16 34.60
N ASP A 740 34.58 -27.34 34.35
CA ASP A 740 33.24 -27.46 33.77
C ASP A 740 32.22 -27.76 34.87
N THR A 741 31.01 -27.24 34.68
CA THR A 741 29.93 -27.49 35.60
C THR A 741 29.27 -28.83 35.30
N PHE A 742 28.56 -29.34 36.30
CA PHE A 742 27.80 -30.58 36.19
C PHE A 742 26.48 -30.39 36.91
N PRO A 743 25.45 -31.18 36.55
CA PRO A 743 25.44 -32.23 35.53
C PRO A 743 25.34 -31.73 34.09
N TYR A 744 24.59 -30.65 33.87
CA TYR A 744 24.40 -30.11 32.51
C TYR A 744 25.69 -29.41 32.09
N ALA A 745 26.66 -30.21 31.68
CA ALA A 745 27.98 -29.69 31.33
C ALA A 745 27.90 -28.86 30.05
N GLY A 746 28.71 -27.80 30.00
CA GLY A 746 28.79 -26.99 28.81
C GLY A 746 29.44 -27.74 27.66
N THR A 747 29.09 -27.32 26.44
CA THR A 747 29.58 -27.96 25.23
C THR A 747 30.48 -27.03 24.43
N THR A 748 30.01 -25.84 24.09
CA THR A 748 30.81 -24.91 23.31
C THR A 748 31.95 -24.33 24.15
N THR A 749 31.74 -24.16 25.46
CA THR A 749 32.78 -23.59 26.30
C THR A 749 34.00 -24.50 26.35
N THR A 750 33.78 -25.82 26.39
CA THR A 750 34.91 -26.74 26.44
C THR A 750 35.78 -26.60 25.20
N CYS A 751 35.17 -26.56 24.02
CA CYS A 751 35.93 -26.40 22.79
C CYS A 751 36.60 -25.04 22.75
N GLU A 752 35.90 -23.99 23.19
CA GLU A 752 36.47 -22.65 23.21
C GLU A 752 37.72 -22.60 24.07
N SER A 753 37.68 -23.27 25.23
CA SER A 753 38.83 -23.30 26.11
C SER A 753 39.96 -24.13 25.53
N LEU A 754 39.64 -25.31 25.00
CA LEU A 754 40.67 -26.18 24.44
C LEU A 754 41.36 -25.51 23.25
N TYR A 755 40.66 -24.62 22.56
CA TYR A 755 41.27 -23.96 21.40
C TYR A 755 42.28 -22.91 21.83
N MET A 756 42.11 -22.30 23.00
CA MET A 756 43.02 -21.30 23.51
C MET A 756 44.19 -21.89 24.30
N GLY A 757 44.23 -23.20 24.47
CA GLY A 757 45.35 -23.86 25.12
C GLY A 757 45.17 -24.11 26.60
N VAL A 758 44.16 -23.52 27.23
CA VAL A 758 43.92 -23.76 28.65
C VAL A 758 43.30 -25.14 28.83
N PRO A 759 43.86 -26.01 29.67
CA PRO A 759 43.24 -27.32 29.88
C PRO A 759 41.84 -27.20 30.45
N CYS A 760 40.99 -28.15 30.08
CA CYS A 760 39.61 -28.20 30.54
C CYS A 760 39.36 -29.52 31.24
N VAL A 761 38.65 -29.46 32.36
CA VAL A 761 38.33 -30.62 33.18
C VAL A 761 36.82 -30.78 33.24
N THR A 762 36.34 -31.99 33.03
CA THR A 762 34.92 -32.30 33.07
C THR A 762 34.70 -33.57 33.87
N MET A 763 33.66 -33.56 34.70
CA MET A 763 33.30 -34.74 35.46
C MET A 763 32.38 -35.63 34.63
N ALA A 764 32.54 -36.94 34.77
CA ALA A 764 31.73 -37.89 34.03
C ALA A 764 30.36 -38.02 34.68
N GLY A 765 29.49 -38.80 34.05
CA GLY A 765 28.15 -39.00 34.57
C GLY A 765 27.40 -40.01 33.74
N SER A 766 26.13 -40.20 34.11
CA SER A 766 25.27 -41.17 33.46
C SER A 766 24.31 -40.52 32.45
N VAL A 767 24.49 -39.24 32.16
CA VAL A 767 23.62 -38.52 31.25
C VAL A 767 24.44 -38.08 30.04
N HIS A 768 23.77 -37.97 28.90
CA HIS A 768 24.44 -37.57 27.67
C HIS A 768 25.07 -36.20 27.82
N ALA A 769 24.30 -35.22 28.31
CA ALA A 769 24.83 -33.88 28.51
C ALA A 769 25.98 -33.88 29.49
N HIS A 770 25.93 -34.76 30.49
CA HIS A 770 27.03 -34.86 31.44
C HIS A 770 28.29 -35.42 30.78
N ASN A 771 28.13 -36.22 29.73
CA ASN A 771 29.24 -36.89 29.07
C ASN A 771 29.67 -36.21 27.78
N VAL A 772 29.04 -35.09 27.41
CA VAL A 772 29.47 -34.37 26.21
C VAL A 772 30.93 -33.93 26.36
N GLY A 773 31.27 -33.35 27.51
CA GLY A 773 32.63 -32.94 27.74
C GLY A 773 33.60 -34.10 27.77
N VAL A 774 33.17 -35.23 28.34
CA VAL A 774 34.00 -36.42 28.37
C VAL A 774 34.32 -36.86 26.94
N SER A 775 33.29 -36.89 26.08
CA SER A 775 33.50 -37.29 24.70
C SER A 775 34.42 -36.33 23.98
N LEU A 776 34.24 -35.03 24.19
CA LEU A 776 35.09 -34.05 23.52
C LEU A 776 36.55 -34.21 23.96
N LEU A 777 36.77 -34.37 25.27
CA LEU A 777 38.13 -34.52 25.77
C LEU A 777 38.78 -35.81 25.26
N THR A 778 37.99 -36.90 25.21
CA THR A 778 38.54 -38.15 24.68
C THR A 778 38.91 -38.00 23.21
N LYS A 779 38.05 -37.35 22.43
CA LYS A 779 38.30 -37.23 21.00
C LYS A 779 39.50 -36.34 20.72
N VAL A 780 39.62 -35.21 21.41
CA VAL A 780 40.72 -34.30 21.16
C VAL A 780 42.06 -34.94 21.50
N GLY A 781 42.07 -35.97 22.34
CA GLY A 781 43.27 -36.66 22.73
C GLY A 781 43.68 -36.50 24.18
N LEU A 782 42.85 -35.86 25.01
CA LEU A 782 43.14 -35.65 26.42
C LEU A 782 42.20 -36.48 27.30
N GLY A 783 41.90 -37.71 26.88
CA GLY A 783 41.02 -38.56 27.65
C GLY A 783 41.50 -38.82 29.06
N HIS A 784 42.81 -38.68 29.31
CA HIS A 784 43.35 -38.85 30.65
C HIS A 784 42.96 -37.72 31.59
N LEU A 785 42.37 -36.64 31.07
CA LEU A 785 41.98 -35.48 31.86
C LEU A 785 40.50 -35.51 32.23
N VAL A 786 39.95 -36.70 32.47
CA VAL A 786 38.55 -36.86 32.85
C VAL A 786 38.50 -37.66 34.14
N ALA A 787 37.66 -37.21 35.08
CA ALA A 787 37.51 -37.84 36.38
C ALA A 787 36.11 -38.44 36.49
N LYS A 788 36.05 -39.69 36.96
CA LYS A 788 34.77 -40.37 37.08
C LYS A 788 33.94 -39.81 38.22
N ASN A 789 34.58 -39.55 39.37
CA ASN A 789 33.91 -39.09 40.57
C ASN A 789 34.48 -37.75 41.00
N GLU A 790 33.79 -37.14 41.97
CA GLU A 790 34.23 -35.83 42.46
C GLU A 790 35.61 -35.91 43.10
N ASP A 791 35.87 -36.97 43.86
CA ASP A 791 37.18 -37.10 44.49
C ASP A 791 38.29 -37.18 43.44
N GLU A 792 38.08 -38.00 42.41
CA GLU A 792 39.04 -38.08 41.31
C GLU A 792 39.18 -36.72 40.62
N TYR A 793 38.10 -35.96 40.54
CA TYR A 793 38.18 -34.58 40.05
C TYR A 793 39.14 -33.76 40.91
N VAL A 794 39.05 -33.90 42.23
CA VAL A 794 39.92 -33.14 43.12
C VAL A 794 41.38 -33.53 42.90
N GLN A 795 41.65 -34.84 42.85
CA GLN A 795 43.04 -35.26 42.67
C GLN A 795 43.58 -34.83 41.31
N LEU A 796 42.74 -34.89 40.27
CA LEU A 796 43.18 -34.45 38.95
C LEU A 796 43.52 -32.96 38.97
N SER A 797 42.66 -32.16 39.60
CA SER A 797 42.94 -30.72 39.67
C SER A 797 44.23 -30.44 40.45
N VAL A 798 44.43 -31.16 41.56
CA VAL A 798 45.65 -30.97 42.33
C VAL A 798 46.87 -31.32 41.50
N ASP A 799 46.81 -32.45 40.78
CA ASP A 799 47.94 -32.86 39.95
C ASP A 799 48.21 -31.82 38.86
N LEU A 800 47.15 -31.28 38.25
CA LEU A 800 47.33 -30.23 37.25
C LEU A 800 48.04 -29.02 37.87
N ALA A 801 47.59 -28.61 39.05
CA ALA A 801 48.19 -27.45 39.71
C ALA A 801 49.57 -27.72 40.26
N SER A 802 50.00 -28.99 40.31
CA SER A 802 51.27 -29.32 40.94
C SER A 802 52.43 -28.62 40.23
N ASP A 803 52.47 -28.68 38.90
CA ASP A 803 53.56 -28.14 38.12
C ASP A 803 53.05 -27.09 37.14
N VAL A 804 53.92 -26.12 36.83
CA VAL A 804 53.56 -25.00 35.98
C VAL A 804 54.20 -25.16 34.60
N THR A 805 55.39 -25.74 34.54
CA THR A 805 56.07 -25.93 33.26
C THR A 805 55.29 -26.88 32.36
N ALA A 806 54.79 -27.98 32.93
CA ALA A 806 53.98 -28.90 32.16
C ALA A 806 52.73 -28.21 31.62
N LEU A 807 52.08 -27.41 32.46
CA LEU A 807 50.91 -26.67 32.01
C LEU A 807 51.27 -25.72 30.88
N SER A 808 52.43 -25.05 31.00
CA SER A 808 52.82 -24.09 29.98
C SER A 808 53.05 -24.75 28.63
N LYS A 809 53.88 -25.80 28.60
CA LYS A 809 54.16 -26.43 27.31
C LYS A 809 52.94 -27.18 26.78
N LEU A 810 52.08 -27.67 27.67
CA LEU A 810 50.81 -28.21 27.22
C LEU A 810 49.96 -27.13 26.55
N ARG A 811 49.89 -25.96 27.16
CA ARG A 811 49.18 -24.84 26.53
C ARG A 811 49.75 -24.55 25.15
N MET A 812 51.08 -24.61 25.03
CA MET A 812 51.70 -24.37 23.74
C MET A 812 51.28 -25.42 22.72
N SER A 813 51.27 -26.70 23.11
CA SER A 813 51.00 -27.77 22.17
C SER A 813 49.52 -27.92 21.81
N LEU A 814 48.60 -27.59 22.72
CA LEU A 814 47.20 -27.90 22.51
C LEU A 814 46.64 -27.22 21.27
N ARG A 815 47.17 -26.06 20.89
CA ARG A 815 46.70 -25.40 19.68
C ARG A 815 46.81 -26.34 18.48
N ASP A 816 48.04 -26.79 18.18
CA ASP A 816 48.23 -27.71 17.08
C ASP A 816 47.57 -29.05 17.34
N LEU A 817 47.51 -29.48 18.61
CA LEU A 817 46.87 -30.76 18.91
C LEU A 817 45.40 -30.75 18.50
N MET A 818 44.69 -29.66 18.80
CA MET A 818 43.30 -29.54 18.39
C MET A 818 43.20 -29.28 16.89
N ALA A 819 44.16 -28.57 16.31
CA ALA A 819 44.13 -28.33 14.87
C ALA A 819 44.19 -29.65 14.11
N GLY A 820 45.04 -30.57 14.54
CA GLY A 820 45.19 -31.86 13.90
C GLY A 820 44.23 -32.93 14.38
N SER A 821 43.41 -32.63 15.38
CA SER A 821 42.49 -33.62 15.92
C SER A 821 41.27 -33.79 15.01
N PRO A 822 40.57 -34.91 15.14
CA PRO A 822 39.34 -35.09 14.34
C PRO A 822 38.29 -34.04 14.63
N VAL A 823 38.34 -33.39 15.79
CA VAL A 823 37.35 -32.37 16.13
C VAL A 823 37.36 -31.26 15.08
N CYS A 824 38.56 -30.83 14.67
CA CYS A 824 38.69 -29.77 13.69
C CYS A 824 38.77 -30.27 12.26
N ASN A 825 38.78 -31.59 12.05
CA ASN A 825 38.82 -32.14 10.71
C ASN A 825 37.46 -32.00 10.05
N GLY A 826 37.42 -31.32 8.90
CA GLY A 826 36.18 -31.06 8.23
C GLY A 826 35.77 -32.17 7.26
N PRO A 827 36.64 -32.48 6.30
CA PRO A 827 36.27 -33.47 5.27
C PRO A 827 35.92 -34.84 5.85
N SER A 828 36.65 -35.31 6.85
CA SER A 828 36.37 -36.63 7.42
C SER A 828 35.00 -36.64 8.10
N PHE A 829 34.70 -35.61 8.89
CA PHE A 829 33.40 -35.54 9.52
C PHE A 829 32.29 -35.44 8.47
N ALA A 830 32.53 -34.67 7.41
CA ALA A 830 31.53 -34.54 6.36
C ALA A 830 31.27 -35.88 5.69
N VAL A 831 32.33 -36.65 5.41
CA VAL A 831 32.16 -37.96 4.81
C VAL A 831 31.37 -38.88 5.74
N GLY A 832 31.72 -38.86 7.03
CA GLY A 832 30.98 -39.69 7.97
C GLY A 832 29.52 -39.32 8.05
N LEU A 833 29.22 -38.02 8.06
CA LEU A 833 27.84 -37.57 8.14
C LEU A 833 27.07 -37.93 6.86
N GLU A 834 27.71 -37.81 5.71
CA GLU A 834 27.06 -38.19 4.46
C GLU A 834 26.78 -39.69 4.43
N SER A 835 27.73 -40.49 4.93
CA SER A 835 27.49 -41.93 5.02
C SER A 835 26.33 -42.22 5.95
N ALA A 836 26.27 -41.49 7.07
CA ALA A 836 25.13 -41.64 7.98
C ALA A 836 23.83 -41.34 7.27
N TYR A 837 23.78 -40.24 6.51
CA TYR A 837 22.56 -39.89 5.78
C TYR A 837 22.19 -40.98 4.78
N ARG A 838 23.19 -41.53 4.08
CA ARG A 838 22.91 -42.58 3.12
C ARG A 838 22.34 -43.80 3.80
N ASN A 839 22.88 -44.17 4.96
CA ASN A 839 22.33 -45.29 5.72
C ASN A 839 20.90 -45.00 6.17
N MET A 840 20.64 -43.76 6.59
CA MET A 840 19.30 -43.38 7.01
C MET A 840 18.31 -43.57 5.86
N TRP A 841 18.67 -43.07 4.68
CA TRP A 841 17.77 -43.20 3.54
C TRP A 841 17.59 -44.65 3.12
N LYS A 842 18.68 -45.44 3.18
CA LYS A 842 18.57 -46.85 2.86
C LYS A 842 17.62 -47.57 3.81
N LYS A 843 17.72 -47.25 5.10
CA LYS A 843 16.81 -47.84 6.07
C LYS A 843 15.37 -47.42 5.78
N TYR A 844 15.17 -46.15 5.41
CA TYR A 844 13.82 -45.70 5.08
C TYR A 844 13.26 -46.44 3.88
N CYS A 845 14.09 -46.63 2.85
CA CYS A 845 13.60 -47.28 1.62
C CYS A 845 13.15 -48.71 1.91
N LYS A 846 13.90 -49.45 2.71
CA LYS A 846 13.57 -50.83 3.02
C LYS A 846 12.84 -50.92 4.36
N MET B 218 33.55 1.59 14.27
CA MET B 218 33.89 2.21 15.54
C MET B 218 33.69 3.72 15.46
N TYR B 219 34.63 4.41 14.81
CA TYR B 219 34.58 5.86 14.66
C TYR B 219 33.54 6.19 13.59
N ALA B 220 32.29 6.37 14.04
CA ALA B 220 31.23 6.71 13.10
C ALA B 220 31.32 8.14 12.60
N GLU B 221 32.03 9.02 13.32
CA GLU B 221 32.17 10.40 12.88
C GLU B 221 32.87 10.47 11.54
N ALA B 222 33.95 9.71 11.37
CA ALA B 222 34.65 9.70 10.09
C ALA B 222 33.77 9.15 8.98
N TYR B 223 33.01 8.09 9.28
CA TYR B 223 32.13 7.52 8.27
C TYR B 223 31.07 8.53 7.83
N CYS B 224 30.48 9.24 8.78
CA CYS B 224 29.45 10.22 8.44
C CYS B 224 30.05 11.41 7.70
N ASN B 225 31.26 11.83 8.07
CA ASN B 225 31.92 12.91 7.34
C ASN B 225 32.20 12.49 5.90
N MET B 226 32.68 11.26 5.70
CA MET B 226 32.92 10.77 4.35
C MET B 226 31.61 10.69 3.56
N GLY B 227 30.53 10.25 4.21
CA GLY B 227 29.25 10.20 3.53
C GLY B 227 28.76 11.58 3.12
N VAL B 228 28.94 12.57 4.00
CA VAL B 228 28.55 13.94 3.67
C VAL B 228 29.38 14.44 2.50
N ILE B 229 30.68 14.17 2.51
CA ILE B 229 31.54 14.60 1.42
C ILE B 229 31.09 13.98 0.11
N TYR B 230 30.78 12.68 0.12
CA TYR B 230 30.33 12.01 -1.09
C TYR B 230 29.01 12.58 -1.57
N LYS B 231 28.07 12.85 -0.65
CA LYS B 231 26.80 13.42 -1.05
C LYS B 231 26.97 14.79 -1.67
N ASN B 232 27.81 15.64 -1.07
CA ASN B 232 28.11 16.93 -1.67
C ASN B 232 28.79 16.76 -3.02
N ARG B 233 29.75 15.84 -3.10
CA ARG B 233 30.39 15.53 -4.37
C ARG B 233 29.44 14.90 -5.37
N GLY B 234 28.34 14.31 -4.89
CA GLY B 234 27.35 13.70 -5.76
C GLY B 234 27.43 12.20 -5.89
N ASP B 235 28.31 11.54 -5.13
CA ASP B 235 28.44 10.09 -5.18
C ASP B 235 27.45 9.49 -4.20
N LEU B 236 26.33 8.96 -4.71
CA LEU B 236 25.29 8.43 -3.85
C LEU B 236 25.66 7.07 -3.27
N GLU B 237 26.38 6.23 -4.03
CA GLU B 237 26.69 4.88 -3.55
C GLU B 237 27.65 4.91 -2.37
N MET B 238 28.75 5.65 -2.49
CA MET B 238 29.70 5.74 -1.38
C MET B 238 29.05 6.40 -0.17
N ALA B 239 28.27 7.45 -0.39
CA ALA B 239 27.61 8.13 0.71
C ALA B 239 26.64 7.20 1.42
N ILE B 240 25.84 6.45 0.66
CA ILE B 240 24.87 5.56 1.27
C ILE B 240 25.58 4.43 2.01
N THR B 241 26.73 3.98 1.50
CA THR B 241 27.50 2.96 2.21
C THR B 241 28.02 3.49 3.55
N CYS B 242 28.58 4.69 3.55
CA CYS B 242 29.11 5.24 4.79
C CYS B 242 27.99 5.49 5.78
N TYR B 243 26.86 5.97 5.28
CA TYR B 243 25.66 6.18 6.08
C TYR B 243 25.15 4.87 6.66
N GLU B 244 25.13 3.80 5.86
CA GLU B 244 24.69 2.49 6.34
C GLU B 244 25.60 1.98 7.46
N ARG B 245 26.92 2.06 7.25
CA ARG B 245 27.86 1.56 8.26
C ARG B 245 27.80 2.41 9.52
N CYS B 246 27.65 3.73 9.37
CA CYS B 246 27.57 4.59 10.54
C CYS B 246 26.32 4.30 11.35
N LEU B 247 25.18 4.10 10.69
CA LEU B 247 23.96 3.76 11.43
C LEU B 247 24.07 2.39 12.06
N ALA B 248 24.79 1.46 11.42
CA ALA B 248 25.04 0.17 12.05
C ALA B 248 25.87 0.33 13.32
N VAL B 249 26.89 1.21 13.28
CA VAL B 249 27.71 1.45 14.45
C VAL B 249 26.89 2.13 15.54
N SER B 250 26.15 3.18 15.17
CA SER B 250 25.32 3.94 16.11
C SER B 250 23.87 3.87 15.65
N PRO B 251 23.06 2.95 16.18
CA PRO B 251 21.68 2.83 15.69
C PRO B 251 20.82 4.05 15.98
N ASN B 252 21.23 4.92 16.90
CA ASN B 252 20.40 6.05 17.30
C ASN B 252 21.09 7.39 17.06
N PHE B 253 21.70 7.55 15.89
CA PHE B 253 22.32 8.82 15.51
C PHE B 253 21.28 9.65 14.79
N GLU B 254 20.69 10.62 15.50
CA GLU B 254 19.59 11.39 14.94
C GLU B 254 20.03 12.19 13.71
N ILE B 255 21.17 12.87 13.80
CA ILE B 255 21.66 13.65 12.67
C ILE B 255 21.97 12.73 11.50
N ALA B 256 22.63 11.60 11.78
CA ALA B 256 22.92 10.64 10.72
C ALA B 256 21.64 10.09 10.11
N LYS B 257 20.64 9.81 10.94
CA LYS B 257 19.37 9.31 10.42
C LYS B 257 18.71 10.34 9.51
N ASN B 258 18.71 11.61 9.92
CA ASN B 258 18.10 12.64 9.09
C ASN B 258 18.83 12.80 7.77
N ASN B 259 20.17 12.78 7.80
CA ASN B 259 20.92 12.86 6.56
C ASN B 259 20.67 11.63 5.69
N MET B 260 20.51 10.47 6.31
CA MET B 260 20.17 9.26 5.57
C MET B 260 18.83 9.43 4.86
N ALA B 261 17.85 10.01 5.56
CA ALA B 261 16.56 10.26 4.94
C ALA B 261 16.70 11.23 3.76
N ILE B 262 17.51 12.28 3.93
CA ILE B 262 17.72 13.22 2.84
C ILE B 262 18.32 12.52 1.63
N ALA B 263 19.34 11.70 1.86
CA ALA B 263 20.00 11.00 0.77
C ALA B 263 19.04 10.04 0.08
N LEU B 264 18.21 9.33 0.87
CA LEU B 264 17.27 8.40 0.27
C LEU B 264 16.21 9.13 -0.54
N THR B 265 15.76 10.29 -0.07
CA THR B 265 14.82 11.07 -0.85
C THR B 265 15.44 11.53 -2.16
N ASP B 266 16.69 11.98 -2.11
CA ASP B 266 17.37 12.38 -3.34
C ASP B 266 17.51 11.21 -4.31
N LEU B 267 17.88 10.03 -3.79
CA LEU B 267 18.02 8.86 -4.63
C LEU B 267 16.67 8.46 -5.23
N GLY B 268 15.60 8.56 -4.44
CA GLY B 268 14.28 8.23 -4.97
C GLY B 268 13.85 9.19 -6.06
N THR B 269 14.14 10.49 -5.89
CA THR B 269 13.84 11.44 -6.94
C THR B 269 14.64 11.14 -8.20
N LYS B 270 15.92 10.80 -8.04
CA LYS B 270 16.73 10.45 -9.20
C LYS B 270 16.18 9.22 -9.92
N VAL B 271 15.77 8.22 -9.15
CA VAL B 271 15.20 7.01 -9.75
C VAL B 271 13.90 7.33 -10.47
N LYS B 272 13.03 8.11 -9.83
CA LYS B 272 11.77 8.50 -10.47
C LYS B 272 12.02 9.29 -11.74
N LEU B 273 13.15 10.00 -11.81
CA LEU B 273 13.53 10.65 -13.06
C LEU B 273 13.69 9.63 -14.17
N GLU B 274 14.33 8.50 -13.87
CA GLU B 274 14.48 7.44 -14.87
C GLU B 274 13.12 6.89 -15.28
N GLY B 275 12.23 6.65 -14.31
CA GLY B 275 10.90 6.16 -14.61
C GLY B 275 10.43 5.06 -13.68
N ASP B 276 11.32 4.54 -12.83
CA ASP B 276 10.98 3.45 -11.92
C ASP B 276 10.19 4.04 -10.76
N VAL B 277 8.86 4.02 -10.90
CA VAL B 277 7.99 4.60 -9.87
C VAL B 277 8.00 3.74 -8.61
N THR B 278 7.90 2.41 -8.78
CA THR B 278 7.78 1.54 -7.62
C THR B 278 9.04 1.58 -6.76
N GLN B 279 10.22 1.56 -7.38
CA GLN B 279 11.46 1.61 -6.63
C GLN B 279 11.60 2.93 -5.89
N GLY B 280 11.23 4.04 -6.55
CA GLY B 280 11.25 5.32 -5.87
C GLY B 280 10.30 5.36 -4.68
N VAL B 281 9.12 4.77 -4.84
CA VAL B 281 8.16 4.73 -3.74
C VAL B 281 8.73 3.92 -2.58
N ALA B 282 9.36 2.79 -2.88
CA ALA B 282 9.96 1.98 -1.82
C ALA B 282 11.06 2.74 -1.09
N TYR B 283 11.91 3.44 -1.85
CA TYR B 283 12.96 4.24 -1.22
C TYR B 283 12.36 5.34 -0.35
N TYR B 284 11.31 5.99 -0.83
CA TYR B 284 10.66 7.03 -0.04
C TYR B 284 10.08 6.47 1.24
N LYS B 285 9.44 5.29 1.16
CA LYS B 285 8.88 4.67 2.35
C LYS B 285 9.97 4.31 3.34
N LYS B 286 11.10 3.79 2.86
CA LYS B 286 12.21 3.50 3.76
C LYS B 286 12.72 4.76 4.43
N ALA B 287 12.85 5.84 3.67
CA ALA B 287 13.30 7.10 4.26
C ALA B 287 12.33 7.57 5.32
N LEU B 288 11.03 7.47 5.04
CA LEU B 288 10.02 7.88 6.02
C LEU B 288 10.12 7.03 7.28
N TYR B 289 10.40 5.73 7.12
CA TYR B 289 10.63 4.88 8.28
C TYR B 289 11.81 5.38 9.08
N TYR B 290 12.88 5.78 8.41
CA TYR B 290 14.04 6.33 9.12
C TYR B 290 13.67 7.64 9.83
N ASN B 291 12.90 8.49 9.16
CA ASN B 291 12.47 9.76 9.73
C ASN B 291 10.99 9.95 9.40
N TRP B 292 10.15 9.77 10.41
CA TRP B 292 8.70 9.78 10.18
C TRP B 292 8.18 11.19 9.91
N HIS B 293 8.80 12.21 10.49
CA HIS B 293 8.32 13.59 10.38
C HIS B 293 9.10 14.39 9.34
N TYR B 294 9.48 13.76 8.23
CA TYR B 294 10.15 14.44 7.13
C TYR B 294 9.09 14.78 6.07
N ALA B 295 8.97 16.08 5.77
CA ALA B 295 7.87 16.54 4.93
C ALA B 295 8.06 16.19 3.47
N ASP B 296 9.27 16.41 2.94
CA ASP B 296 9.51 16.19 1.51
C ASP B 296 9.21 14.76 1.12
N ALA B 297 9.48 13.81 2.03
CA ALA B 297 9.15 12.41 1.75
C ALA B 297 7.65 12.25 1.57
N MET B 298 6.86 12.87 2.45
CA MET B 298 5.41 12.78 2.31
C MET B 298 4.94 13.44 1.02
N TYR B 299 5.56 14.55 0.66
CA TYR B 299 5.20 15.22 -0.59
C TYR B 299 5.47 14.31 -1.79
N ASN B 300 6.62 13.64 -1.80
CA ASN B 300 6.93 12.74 -2.89
C ASN B 300 5.98 11.55 -2.93
N LEU B 301 5.64 11.00 -1.75
CA LEU B 301 4.66 9.93 -1.70
C LEU B 301 3.33 10.38 -2.29
N GLY B 302 2.89 11.60 -1.95
CA GLY B 302 1.64 12.10 -2.50
C GLY B 302 1.71 12.28 -4.00
N VAL B 303 2.84 12.79 -4.49
CA VAL B 303 3.00 12.97 -5.93
C VAL B 303 2.92 11.62 -6.63
N ALA B 304 3.60 10.61 -6.09
CA ALA B 304 3.56 9.28 -6.69
C ALA B 304 2.15 8.71 -6.66
N TYR B 305 1.45 8.86 -5.53
CA TYR B 305 0.10 8.31 -5.42
C TYR B 305 -0.84 9.00 -6.39
N GLY B 306 -0.67 10.30 -6.60
CA GLY B 306 -1.41 10.97 -7.65
C GLY B 306 -1.06 10.43 -9.02
N GLU B 307 0.21 10.09 -9.23
CA GLU B 307 0.61 9.51 -10.50
C GLU B 307 -0.04 8.16 -10.73
N MET B 308 -0.12 7.32 -9.68
CA MET B 308 -0.72 6.00 -9.80
C MET B 308 -2.23 6.02 -9.59
N LEU B 309 -2.85 7.21 -9.62
CA LEU B 309 -4.30 7.36 -9.59
C LEU B 309 -4.93 6.92 -8.27
N LYS B 310 -4.13 6.75 -7.22
CA LYS B 310 -4.64 6.42 -5.89
C LYS B 310 -4.93 7.73 -5.18
N PHE B 311 -6.17 8.21 -5.32
CA PHE B 311 -6.48 9.58 -4.94
C PHE B 311 -6.57 9.77 -3.43
N ASP B 312 -7.22 8.84 -2.72
CA ASP B 312 -7.43 9.03 -1.28
C ASP B 312 -6.11 9.07 -0.53
N MET B 313 -5.23 8.11 -0.81
CA MET B 313 -3.91 8.10 -0.18
C MET B 313 -3.17 9.40 -0.50
N ALA B 314 -3.29 9.88 -1.74
CA ALA B 314 -2.65 11.13 -2.11
C ALA B 314 -3.17 12.29 -1.28
N ILE B 315 -4.48 12.38 -1.13
CA ILE B 315 -5.06 13.46 -0.32
C ILE B 315 -4.49 13.41 1.08
N VAL B 316 -4.48 12.21 1.66
CA VAL B 316 -3.98 12.07 3.03
C VAL B 316 -2.54 12.52 3.12
N PHE B 317 -1.71 12.11 2.16
CA PHE B 317 -0.28 12.39 2.26
C PHE B 317 0.03 13.86 2.02
N TYR B 318 -0.65 14.48 1.06
CA TYR B 318 -0.45 15.92 0.86
C TYR B 318 -0.89 16.70 2.11
N GLU B 319 -2.02 16.31 2.70
CA GLU B 319 -2.47 17.01 3.90
C GLU B 319 -1.46 16.84 5.03
N LEU B 320 -0.91 15.63 5.19
CA LEU B 320 0.09 15.41 6.24
C LEU B 320 1.34 16.25 5.97
N ALA B 321 1.77 16.31 4.71
CA ALA B 321 2.94 17.10 4.37
C ALA B 321 2.71 18.58 4.69
N PHE B 322 1.53 19.08 4.37
CA PHE B 322 1.21 20.47 4.70
C PHE B 322 1.20 20.68 6.20
N HIS B 323 0.63 19.74 6.95
CA HIS B 323 0.58 19.88 8.40
C HIS B 323 1.98 19.91 8.99
N PHE B 324 2.88 19.06 8.49
CA PHE B 324 4.24 19.05 9.02
C PHE B 324 5.03 20.28 8.57
N ASN B 325 4.92 20.63 7.29
CA ASN B 325 5.64 21.78 6.73
C ASN B 325 4.65 22.78 6.15
N PRO B 326 4.30 23.84 6.89
CA PRO B 326 3.38 24.84 6.33
C PRO B 326 3.92 25.56 5.12
N HIS B 327 5.24 25.55 4.90
CA HIS B 327 5.87 26.32 3.84
C HIS B 327 5.93 25.56 2.51
N CYS B 328 5.16 24.48 2.37
CA CYS B 328 5.13 23.70 1.12
C CYS B 328 3.89 24.12 0.33
N ALA B 329 4.03 25.23 -0.40
CA ALA B 329 2.92 25.74 -1.19
C ALA B 329 2.56 24.79 -2.32
N GLU B 330 3.55 24.07 -2.86
CA GLU B 330 3.28 23.15 -3.96
C GLU B 330 2.31 22.05 -3.53
N ALA B 331 2.49 21.53 -2.31
CA ALA B 331 1.57 20.51 -1.81
C ALA B 331 0.16 21.05 -1.72
N CYS B 332 0.00 22.28 -1.23
CA CYS B 332 -1.33 22.87 -1.15
C CYS B 332 -1.93 23.05 -2.53
N ASN B 333 -1.12 23.50 -3.49
CA ASN B 333 -1.62 23.67 -4.85
C ASN B 333 -2.09 22.35 -5.43
N ASN B 334 -1.31 21.29 -5.24
CA ASN B 334 -1.71 19.98 -5.77
C ASN B 334 -2.96 19.47 -5.07
N LEU B 335 -3.07 19.72 -3.77
CA LEU B 335 -4.28 19.32 -3.05
C LEU B 335 -5.50 20.04 -3.59
N GLY B 336 -5.36 21.34 -3.87
CA GLY B 336 -6.46 22.07 -4.48
C GLY B 336 -6.81 21.52 -5.84
N VAL B 337 -5.81 21.15 -6.63
CA VAL B 337 -6.06 20.53 -7.92
C VAL B 337 -6.89 19.27 -7.74
N LEU B 338 -6.47 18.41 -6.81
CA LEU B 338 -7.18 17.15 -6.60
C LEU B 338 -8.61 17.38 -6.14
N TYR B 339 -8.81 18.33 -5.23
CA TYR B 339 -10.17 18.60 -4.76
C TYR B 339 -11.03 19.16 -5.88
N LYS B 340 -10.46 20.02 -6.73
CA LYS B 340 -11.21 20.55 -7.85
C LYS B 340 -11.58 19.45 -8.83
N ASP B 341 -10.71 18.44 -8.98
CA ASP B 341 -11.03 17.33 -9.85
C ASP B 341 -12.26 16.58 -9.39
N ARG B 342 -12.65 16.74 -8.12
CA ARG B 342 -13.83 16.09 -7.57
C ARG B 342 -14.94 17.10 -7.26
N ASP B 343 -14.94 18.24 -7.95
CA ASP B 343 -16.01 19.24 -7.84
C ASP B 343 -16.17 19.75 -6.40
N ASN B 344 -15.08 19.86 -5.66
CA ASN B 344 -15.08 20.51 -4.35
C ASN B 344 -14.50 21.91 -4.55
N LEU B 345 -15.36 22.81 -5.01
CA LEU B 345 -14.89 24.12 -5.47
C LEU B 345 -14.32 24.94 -4.33
N ASP B 346 -15.04 25.00 -3.19
CA ASP B 346 -14.60 25.86 -2.10
C ASP B 346 -13.26 25.40 -1.54
N LYS B 347 -13.07 24.08 -1.41
CA LYS B 347 -11.80 23.58 -0.90
C LYS B 347 -10.65 23.98 -1.81
N ALA B 348 -10.84 23.86 -3.12
CA ALA B 348 -9.81 24.26 -4.06
C ALA B 348 -9.54 25.76 -3.97
N VAL B 349 -10.60 26.56 -3.85
CA VAL B 349 -10.44 28.00 -3.76
C VAL B 349 -9.59 28.35 -2.55
N GLU B 350 -9.89 27.76 -1.39
CA GLU B 350 -9.14 28.10 -0.20
C GLU B 350 -7.73 27.53 -0.25
N CYS B 351 -7.53 26.38 -0.88
CA CYS B 351 -6.17 25.85 -1.06
C CYS B 351 -5.33 26.82 -1.89
N TYR B 352 -5.88 27.30 -3.00
CA TYR B 352 -5.14 28.23 -3.84
C TYR B 352 -4.92 29.56 -3.13
N GLN B 353 -5.91 30.00 -2.35
CA GLN B 353 -5.74 31.22 -1.56
C GLN B 353 -4.60 31.07 -0.56
N MET B 354 -4.50 29.90 0.08
CA MET B 354 -3.39 29.67 0.99
C MET B 354 -2.07 29.61 0.25
N ALA B 355 -2.06 29.04 -0.95
CA ALA B 355 -0.84 29.03 -1.75
C ALA B 355 -0.38 30.45 -2.03
N LEU B 356 -1.31 31.32 -2.43
CA LEU B 356 -0.98 32.73 -2.59
C LEU B 356 -0.55 33.38 -1.27
N SER B 357 -1.14 32.93 -0.15
CA SER B 357 -0.73 33.44 1.15
C SER B 357 0.72 33.11 1.46
N ILE B 358 1.19 31.96 1.00
CA ILE B 358 2.59 31.58 1.21
C ILE B 358 3.47 32.14 0.11
N LYS B 359 3.09 31.91 -1.15
CA LYS B 359 3.87 32.34 -2.31
C LYS B 359 2.96 33.12 -3.24
N PRO B 360 2.90 34.45 -3.10
CA PRO B 360 2.04 35.23 -4.01
C PRO B 360 2.47 35.15 -5.47
N ASN B 361 3.70 34.78 -5.76
CA ASN B 361 4.24 34.77 -7.12
C ASN B 361 4.28 33.37 -7.71
N PHE B 362 3.29 32.54 -7.41
CA PHE B 362 3.20 31.19 -7.95
C PHE B 362 2.27 31.20 -9.16
N ALA B 363 2.80 30.79 -10.31
CA ALA B 363 2.03 30.86 -11.55
C ALA B 363 0.95 29.79 -11.59
N GLN B 364 1.30 28.55 -11.23
CA GLN B 364 0.35 27.46 -11.35
C GLN B 364 -0.88 27.68 -10.46
N SER B 365 -0.67 28.13 -9.23
CA SER B 365 -1.79 28.39 -8.34
C SER B 365 -2.69 29.48 -8.91
N LEU B 366 -2.10 30.53 -9.46
CA LEU B 366 -2.89 31.59 -10.06
C LEU B 366 -3.72 31.06 -11.22
N ASN B 367 -3.11 30.26 -12.08
CA ASN B 367 -3.81 29.72 -13.24
C ASN B 367 -4.97 28.83 -12.81
N ASN B 368 -4.75 27.97 -11.81
CA ASN B 368 -5.81 27.06 -11.39
C ASN B 368 -6.92 27.80 -10.65
N LEU B 369 -6.57 28.85 -9.91
CA LEU B 369 -7.62 29.70 -9.33
C LEU B 369 -8.43 30.36 -10.43
N GLY B 370 -7.77 30.78 -11.51
CA GLY B 370 -8.49 31.29 -12.65
C GLY B 370 -9.42 30.26 -13.25
N VAL B 371 -8.97 29.00 -13.32
CA VAL B 371 -9.83 27.93 -13.80
C VAL B 371 -11.09 27.84 -12.94
N VAL B 372 -10.90 27.80 -11.62
CA VAL B 372 -12.03 27.61 -10.73
C VAL B 372 -13.00 28.78 -10.85
N TYR B 373 -12.48 30.01 -10.88
CA TYR B 373 -13.35 31.16 -11.01
C TYR B 373 -14.06 31.19 -12.34
N THR B 374 -13.40 30.71 -13.41
CA THR B 374 -14.07 30.60 -14.70
C THR B 374 -15.23 29.62 -14.62
N VAL B 375 -15.01 28.48 -13.95
CA VAL B 375 -16.09 27.51 -13.79
C VAL B 375 -17.23 28.11 -12.98
N GLN B 376 -16.89 28.82 -11.89
CA GLN B 376 -17.91 29.41 -11.03
C GLN B 376 -18.68 30.51 -11.73
N GLY B 377 -18.11 31.12 -12.77
CA GLY B 377 -18.77 32.19 -13.49
C GLY B 377 -18.25 33.58 -13.19
N LYS B 378 -17.35 33.73 -12.23
CA LYS B 378 -16.78 35.03 -11.88
C LYS B 378 -15.69 35.34 -12.91
N MET B 379 -16.11 35.94 -14.03
CA MET B 379 -15.19 36.12 -15.15
C MET B 379 -14.19 37.25 -14.91
N ASP B 380 -14.60 38.32 -14.23
CA ASP B 380 -13.72 39.47 -14.07
C ASP B 380 -12.48 39.12 -13.23
N ALA B 381 -12.70 38.51 -12.06
CA ALA B 381 -11.58 38.13 -11.21
C ALA B 381 -10.71 37.10 -11.90
N ALA B 382 -11.33 36.14 -12.60
CA ALA B 382 -10.56 35.14 -13.32
C ALA B 382 -9.68 35.79 -14.38
N ALA B 383 -10.22 36.75 -15.12
CA ALA B 383 -9.44 37.44 -16.14
C ALA B 383 -8.28 38.20 -15.50
N SER B 384 -8.54 38.88 -14.39
CA SER B 384 -7.48 39.62 -13.72
C SER B 384 -6.35 38.69 -13.29
N MET B 385 -6.71 37.57 -12.66
CA MET B 385 -5.70 36.64 -12.18
C MET B 385 -4.96 35.96 -13.32
N ILE B 386 -5.66 35.67 -14.42
CA ILE B 386 -5.00 35.06 -15.57
C ILE B 386 -4.00 36.03 -16.19
N GLU B 387 -4.38 37.31 -16.31
CA GLU B 387 -3.44 38.30 -16.82
C GLU B 387 -2.25 38.43 -15.88
N LYS B 388 -2.49 38.37 -14.57
CA LYS B 388 -1.39 38.41 -13.61
C LYS B 388 -0.45 37.23 -13.82
N ALA B 389 -1.00 36.04 -14.04
CA ALA B 389 -0.17 34.89 -14.30
C ALA B 389 0.63 35.05 -15.59
N ILE B 390 0.00 35.56 -16.63
CA ILE B 390 0.68 35.71 -17.91
C ILE B 390 1.85 36.67 -17.78
N LEU B 391 1.62 37.83 -17.14
CA LEU B 391 2.71 38.77 -16.96
C LEU B 391 3.76 38.24 -15.99
N ALA B 392 3.37 37.33 -15.08
CA ALA B 392 4.35 36.71 -14.20
C ALA B 392 5.27 35.78 -14.99
N ASN B 393 4.69 34.92 -15.82
CA ASN B 393 5.45 33.95 -16.62
C ASN B 393 5.05 34.09 -18.08
N PRO B 394 5.95 34.56 -18.96
CA PRO B 394 5.58 34.68 -20.38
C PRO B 394 5.58 33.36 -21.12
N THR B 395 6.52 32.47 -20.75
CA THR B 395 6.66 31.18 -21.42
C THR B 395 5.79 30.15 -20.69
N TYR B 396 4.49 30.35 -20.82
CA TYR B 396 3.51 29.56 -20.10
C TYR B 396 2.16 29.69 -20.80
N ALA B 397 1.89 28.69 -21.64
CA ALA B 397 0.81 28.68 -22.62
C ALA B 397 -0.54 28.33 -22.02
N GLU B 398 -0.58 27.49 -20.98
CA GLU B 398 -1.85 27.15 -20.36
C GLU B 398 -2.60 28.40 -19.92
N ALA B 399 -1.86 29.43 -19.51
CA ALA B 399 -2.48 30.70 -19.17
C ALA B 399 -3.15 31.32 -20.40
N PHE B 400 -2.47 31.29 -21.54
CA PHE B 400 -3.09 31.79 -22.76
C PHE B 400 -4.33 31.00 -23.13
N ASN B 401 -4.24 29.67 -23.04
CA ASN B 401 -5.38 28.81 -23.36
C ASN B 401 -6.56 29.14 -22.46
N ASN B 402 -6.31 29.33 -21.16
CA ASN B 402 -7.39 29.61 -20.22
C ASN B 402 -7.95 31.01 -20.38
N LEU B 403 -7.09 31.99 -20.63
CA LEU B 403 -7.57 33.32 -21.00
C LEU B 403 -8.52 33.24 -22.17
N GLY B 404 -8.13 32.49 -23.19
CA GLY B 404 -8.98 32.38 -24.37
C GLY B 404 -10.26 31.62 -24.09
N VAL B 405 -10.19 30.58 -23.25
CA VAL B 405 -11.41 29.87 -22.84
C VAL B 405 -12.37 30.84 -22.17
N LEU B 406 -11.84 31.66 -21.26
CA LEU B 406 -12.69 32.63 -20.57
C LEU B 406 -13.28 33.62 -21.56
N TYR B 407 -12.49 34.08 -22.51
CA TYR B 407 -13.00 34.99 -23.53
C TYR B 407 -14.13 34.35 -24.32
N ARG B 408 -13.96 33.08 -24.69
CA ARG B 408 -15.01 32.37 -25.42
C ARG B 408 -16.28 32.28 -24.59
N ASP B 409 -16.15 31.93 -23.30
CA ASP B 409 -17.32 31.86 -22.44
C ASP B 409 -17.86 33.24 -22.08
N ALA B 410 -17.11 34.30 -22.36
CA ALA B 410 -17.56 35.66 -22.07
C ALA B 410 -18.46 36.23 -23.16
N GLY B 411 -18.54 35.58 -24.31
CA GLY B 411 -19.38 36.04 -25.39
C GLY B 411 -18.68 36.80 -26.49
N ASN B 412 -17.35 36.88 -26.45
CA ASN B 412 -16.58 37.57 -27.48
C ASN B 412 -15.50 36.62 -28.01
N ILE B 413 -15.27 36.69 -29.32
CA ILE B 413 -14.50 35.67 -30.02
C ILE B 413 -13.18 36.18 -30.56
N THR B 414 -13.11 37.43 -31.01
CA THR B 414 -11.91 37.89 -31.73
C THR B 414 -10.66 37.78 -30.86
N MET B 415 -10.71 38.34 -29.65
CA MET B 415 -9.55 38.26 -28.77
C MET B 415 -9.29 36.83 -28.33
N ALA B 416 -10.33 35.99 -28.26
CA ALA B 416 -10.12 34.58 -27.95
C ALA B 416 -9.28 33.90 -29.03
N ILE B 417 -9.62 34.14 -30.28
CA ILE B 417 -8.85 33.58 -31.38
C ILE B 417 -7.43 34.12 -31.37
N ASP B 418 -7.29 35.43 -31.14
CA ASP B 418 -5.96 36.01 -31.05
C ASP B 418 -5.17 35.31 -29.94
N ALA B 419 -5.83 35.03 -28.82
CA ALA B 419 -5.17 34.38 -27.69
C ALA B 419 -4.67 32.98 -28.05
N TYR B 420 -5.50 32.16 -28.69
CA TYR B 420 -5.01 30.79 -28.91
C TYR B 420 -3.94 30.83 -30.00
N GLU B 421 -4.05 31.80 -30.91
CA GLU B 421 -3.02 31.98 -31.92
C GLU B 421 -1.67 32.27 -31.26
N GLU B 422 -1.67 33.16 -30.28
CA GLU B 422 -0.46 33.37 -29.50
C GLU B 422 -0.03 32.08 -28.81
N CYS B 423 -0.99 31.35 -28.25
CA CYS B 423 -0.68 30.11 -27.52
C CYS B 423 0.00 29.10 -28.44
N LEU B 424 -0.56 28.92 -29.64
CA LEU B 424 0.01 27.99 -30.61
C LEU B 424 1.38 28.47 -31.06
N LYS B 425 1.56 29.79 -31.17
CA LYS B 425 2.89 30.31 -31.48
C LYS B 425 3.88 29.91 -30.40
N ILE B 426 3.48 30.01 -29.13
CA ILE B 426 4.35 29.58 -28.04
C ILE B 426 4.52 28.06 -28.06
N ASP B 427 3.42 27.32 -28.21
CA ASP B 427 3.44 25.86 -28.21
C ASP B 427 2.82 25.34 -29.50
N PRO B 428 3.62 25.03 -30.52
CA PRO B 428 3.03 24.57 -31.79
C PRO B 428 2.21 23.30 -31.64
N ASP B 429 2.56 22.42 -30.71
CA ASP B 429 1.94 21.11 -30.58
C ASP B 429 1.02 21.03 -29.37
N SER B 430 0.30 22.12 -29.08
CA SER B 430 -0.65 22.16 -27.97
C SER B 430 -1.99 21.61 -28.47
N ARG B 431 -2.34 20.41 -28.01
CA ARG B 431 -3.57 19.77 -28.47
C ARG B 431 -4.79 20.58 -28.03
N ASN B 432 -4.89 20.90 -26.74
CA ASN B 432 -6.05 21.61 -26.24
C ASN B 432 -6.20 22.97 -26.91
N ALA B 433 -5.09 23.69 -27.06
CA ALA B 433 -5.15 25.02 -27.66
C ALA B 433 -5.73 24.95 -29.06
N GLY B 434 -5.18 24.08 -29.91
CA GLY B 434 -5.67 23.99 -31.28
C GLY B 434 -7.11 23.49 -31.36
N GLN B 435 -7.44 22.47 -30.57
CA GLN B 435 -8.79 21.93 -30.62
C GLN B 435 -9.82 22.98 -30.25
N ASN B 436 -9.60 23.66 -29.11
CA ASN B 436 -10.52 24.71 -28.73
C ASN B 436 -10.48 25.89 -29.69
N ARG B 437 -9.35 26.09 -30.39
CA ARG B 437 -9.29 27.14 -31.41
C ARG B 437 -10.26 26.83 -32.55
N LEU B 438 -10.27 25.58 -33.00
CA LEU B 438 -11.24 25.19 -34.01
C LEU B 438 -12.65 25.32 -33.47
N LEU B 439 -12.87 24.92 -32.21
CA LEU B 439 -14.19 25.06 -31.62
C LEU B 439 -14.64 26.52 -31.63
N ALA B 440 -13.74 27.43 -31.29
CA ALA B 440 -14.08 28.85 -31.27
C ALA B 440 -14.40 29.36 -32.66
N MET B 441 -13.59 28.98 -33.67
CA MET B 441 -13.94 29.39 -35.03
C MET B 441 -15.30 28.86 -35.43
N ASN B 442 -15.69 27.70 -34.93
CA ASN B 442 -17.00 27.13 -35.27
C ASN B 442 -18.14 28.04 -34.85
N TYR B 443 -17.92 28.98 -33.93
CA TYR B 443 -19.00 29.83 -33.45
C TYR B 443 -19.40 30.86 -34.49
N ILE B 444 -18.42 31.46 -35.18
CA ILE B 444 -18.68 32.57 -36.08
C ILE B 444 -18.71 32.12 -37.54
N ASN B 445 -18.94 30.83 -37.79
CA ASN B 445 -18.97 30.32 -39.16
C ASN B 445 -20.33 30.66 -39.78
N GLU B 446 -20.31 31.53 -40.78
CA GLU B 446 -21.52 31.91 -41.49
C GLU B 446 -21.77 31.07 -42.74
N GLY B 447 -20.90 30.11 -43.02
CA GLY B 447 -21.06 29.27 -44.19
C GLY B 447 -20.54 29.88 -45.47
N LEU B 448 -19.79 30.98 -45.40
CA LEU B 448 -19.27 31.66 -46.57
C LEU B 448 -17.80 31.34 -46.84
N ASP B 449 -16.97 31.32 -45.81
CA ASP B 449 -15.55 31.06 -45.94
C ASP B 449 -15.25 29.59 -45.73
N ASP B 450 -14.07 29.17 -46.19
CA ASP B 450 -13.63 27.78 -46.09
C ASP B 450 -12.28 27.64 -45.39
N LYS B 451 -11.71 28.72 -44.88
CA LYS B 451 -10.44 28.63 -44.16
C LYS B 451 -10.57 27.72 -42.94
N LEU B 452 -11.77 27.62 -42.38
CA LEU B 452 -11.99 26.71 -41.27
C LEU B 452 -11.72 25.27 -41.67
N PHE B 453 -12.14 24.90 -42.88
CA PHE B 453 -11.86 23.55 -43.37
C PHE B 453 -10.36 23.31 -43.48
N GLU B 454 -9.62 24.31 -43.95
CA GLU B 454 -8.17 24.16 -44.05
C GLU B 454 -7.53 24.01 -42.68
N ALA B 455 -8.00 24.80 -41.71
CA ALA B 455 -7.48 24.65 -40.34
C ALA B 455 -7.76 23.26 -39.80
N HIS B 456 -8.96 22.75 -40.04
CA HIS B 456 -9.30 21.41 -39.59
C HIS B 456 -8.41 20.37 -40.28
N ARG B 457 -8.15 20.55 -41.57
CA ARG B 457 -7.29 19.61 -42.27
C ARG B 457 -5.88 19.63 -41.71
N ASP B 458 -5.34 20.82 -41.42
CA ASP B 458 -4.01 20.89 -40.83
C ASP B 458 -3.98 20.22 -39.46
N TRP B 459 -5.00 20.47 -38.64
CA TRP B 459 -5.06 19.82 -37.33
C TRP B 459 -5.09 18.31 -37.48
N GLY B 460 -5.92 17.80 -38.39
CA GLY B 460 -6.02 16.38 -38.58
C GLY B 460 -4.72 15.76 -39.05
N TRP B 461 -4.06 16.40 -40.01
CA TRP B 461 -2.80 15.87 -40.53
C TRP B 461 -1.73 15.86 -39.44
N ARG B 462 -1.63 16.95 -38.67
CA ARG B 462 -0.64 16.99 -37.60
C ARG B 462 -0.93 15.92 -36.55
N PHE B 463 -2.20 15.76 -36.18
CA PHE B 463 -2.57 14.77 -35.17
C PHE B 463 -2.28 13.36 -35.66
N THR B 464 -2.57 13.08 -36.94
CA THR B 464 -2.30 11.77 -37.49
C THR B 464 -0.81 11.49 -37.54
N ARG B 465 -0.02 12.45 -38.03
CA ARG B 465 1.43 12.25 -38.11
C ARG B 465 2.08 12.21 -36.73
N LEU B 466 1.39 12.72 -35.71
CA LEU B 466 1.93 12.71 -34.35
C LEU B 466 1.72 11.39 -33.64
N HIS B 467 0.73 10.59 -34.06
CA HIS B 467 0.38 9.36 -33.37
C HIS B 467 0.48 8.18 -34.33
N PRO B 468 0.70 6.98 -33.81
CA PRO B 468 0.69 5.78 -34.65
C PRO B 468 -0.73 5.32 -34.95
N GLN B 469 -0.83 4.34 -35.86
CA GLN B 469 -2.11 3.79 -36.26
C GLN B 469 -2.00 2.28 -36.40
N TYR B 470 -3.14 1.61 -36.23
CA TYR B 470 -3.23 0.16 -36.36
C TYR B 470 -3.90 -0.18 -37.69
N THR B 471 -3.23 -1.02 -38.49
CA THR B 471 -3.72 -1.42 -39.80
C THR B 471 -4.17 -2.88 -39.85
N SER B 472 -4.25 -3.54 -38.69
CA SER B 472 -4.61 -4.95 -38.62
C SER B 472 -6.01 -5.10 -38.05
N TRP B 473 -6.76 -6.04 -38.63
CA TRP B 473 -8.12 -6.31 -38.19
C TRP B 473 -8.31 -7.81 -38.00
N ASP B 474 -9.16 -8.17 -37.04
CA ASP B 474 -9.45 -9.55 -36.74
C ASP B 474 -10.93 -9.89 -36.78
N ASN B 475 -11.80 -8.90 -36.96
CA ASN B 475 -13.24 -9.16 -36.99
C ASN B 475 -13.61 -10.01 -38.19
N LEU B 476 -14.64 -10.82 -38.02
CA LEU B 476 -15.06 -11.74 -39.08
C LEU B 476 -15.61 -10.96 -40.27
N LYS B 477 -15.39 -11.50 -41.46
CA LYS B 477 -15.88 -10.90 -42.69
C LYS B 477 -17.33 -11.25 -42.99
N ASP B 478 -17.95 -12.09 -42.18
CA ASP B 478 -19.34 -12.46 -42.40
C ASP B 478 -20.25 -11.30 -42.05
N PRO B 479 -21.05 -10.77 -42.98
CA PRO B 479 -21.91 -9.63 -42.66
C PRO B 479 -23.12 -9.98 -41.81
N GLU B 480 -23.36 -11.26 -41.54
CA GLU B 480 -24.53 -11.71 -40.80
C GLU B 480 -24.08 -12.23 -39.43
N ARG B 481 -24.00 -11.32 -38.46
CA ARG B 481 -23.70 -11.70 -37.09
C ARG B 481 -24.01 -10.53 -36.16
N PRO B 482 -24.28 -10.79 -34.89
CA PRO B 482 -24.53 -9.69 -33.95
C PRO B 482 -23.34 -8.75 -33.89
N ILE B 483 -23.64 -7.46 -33.74
CA ILE B 483 -22.64 -6.40 -33.78
C ILE B 483 -22.44 -5.88 -32.36
N THR B 484 -21.18 -5.74 -31.96
CA THR B 484 -20.83 -5.14 -30.68
C THR B 484 -20.65 -3.65 -30.88
N ILE B 485 -21.56 -2.85 -30.31
CA ILE B 485 -21.54 -1.41 -30.44
C ILE B 485 -21.07 -0.83 -29.11
N GLY B 486 -20.00 -0.04 -29.16
CA GLY B 486 -19.47 0.59 -27.98
C GLY B 486 -19.64 2.09 -28.01
N TYR B 487 -20.48 2.61 -27.12
CA TYR B 487 -20.68 4.04 -26.99
C TYR B 487 -19.61 4.58 -26.04
N ILE B 488 -18.64 5.31 -26.61
CA ILE B 488 -17.57 5.93 -25.84
C ILE B 488 -17.91 7.40 -25.68
N SER B 489 -17.97 7.87 -24.44
CA SER B 489 -18.30 9.26 -24.22
C SER B 489 -17.78 9.70 -22.87
N PRO B 490 -17.17 10.89 -22.75
CA PRO B 490 -16.67 11.34 -21.45
C PRO B 490 -17.71 12.02 -20.59
N ASP B 491 -18.91 12.27 -21.11
CA ASP B 491 -19.96 12.99 -20.39
C ASP B 491 -21.23 12.13 -20.38
N PHE B 492 -21.32 11.26 -19.39
CA PHE B 492 -22.53 10.50 -19.12
C PHE B 492 -23.27 11.02 -17.90
N PHE B 493 -22.82 12.15 -17.34
CA PHE B 493 -23.50 12.79 -16.22
C PHE B 493 -24.63 13.67 -16.75
N THR B 494 -25.13 14.58 -15.92
CA THR B 494 -26.26 15.42 -16.30
C THR B 494 -25.78 16.41 -17.36
N HIS B 495 -25.71 15.92 -18.59
CA HIS B 495 -25.29 16.69 -19.74
C HIS B 495 -26.34 16.56 -20.83
N SER B 496 -26.36 17.53 -21.74
CA SER B 496 -27.31 17.47 -22.84
C SER B 496 -27.21 16.15 -23.58
N VAL B 497 -25.98 15.72 -23.89
CA VAL B 497 -25.79 14.49 -24.65
C VAL B 497 -26.49 13.33 -23.96
N SER B 498 -26.33 13.22 -22.64
CA SER B 498 -26.95 12.12 -21.91
C SER B 498 -28.42 12.01 -22.23
N TYR B 499 -29.13 13.14 -22.25
CA TYR B 499 -30.56 13.10 -22.55
C TYR B 499 -30.80 12.36 -23.86
N PHE B 500 -30.11 12.77 -24.92
CA PHE B 500 -30.34 12.20 -26.23
C PHE B 500 -29.82 10.79 -26.36
N ILE B 501 -29.00 10.32 -25.40
CA ILE B 501 -28.57 8.93 -25.38
C ILE B 501 -29.41 8.09 -24.44
N GLU B 502 -30.33 8.70 -23.68
CA GLU B 502 -31.12 7.94 -22.73
C GLU B 502 -31.97 6.89 -23.42
N ALA B 503 -32.58 7.24 -24.55
CA ALA B 503 -33.55 6.36 -25.21
C ALA B 503 -32.86 5.24 -25.99
N PRO B 504 -31.91 5.55 -26.87
CA PRO B 504 -31.33 4.49 -27.72
C PRO B 504 -30.79 3.31 -26.94
N LEU B 505 -30.06 3.57 -25.84
CA LEU B 505 -29.50 2.47 -25.06
C LEU B 505 -30.61 1.59 -24.52
N THR B 506 -31.68 2.19 -24.02
CA THR B 506 -32.82 1.44 -23.51
C THR B 506 -33.66 0.82 -24.62
N HIS B 507 -33.40 1.16 -25.88
CA HIS B 507 -34.24 0.71 -26.98
C HIS B 507 -33.56 -0.22 -27.97
N HIS B 508 -32.26 -0.46 -27.84
CA HIS B 508 -31.61 -1.40 -28.75
C HIS B 508 -32.09 -2.82 -28.50
N ASP B 509 -31.91 -3.66 -29.51
CA ASP B 509 -32.12 -5.11 -29.37
C ASP B 509 -30.81 -5.70 -28.88
N TYR B 510 -30.70 -5.87 -27.56
CA TYR B 510 -29.44 -6.30 -26.97
C TYR B 510 -29.05 -7.68 -27.49
N THR B 511 -30.01 -8.58 -27.64
CA THR B 511 -29.70 -9.91 -28.15
C THR B 511 -29.15 -9.84 -29.57
N LYS B 512 -29.79 -9.04 -30.42
CA LYS B 512 -29.32 -8.93 -31.80
C LYS B 512 -28.06 -8.09 -31.90
N TYR B 513 -27.98 -7.03 -31.10
CA TYR B 513 -26.82 -6.13 -31.08
C TYR B 513 -26.36 -5.97 -29.65
N LYS B 514 -25.10 -6.32 -29.39
CA LYS B 514 -24.55 -6.17 -28.04
C LYS B 514 -24.10 -4.73 -27.82
N VAL B 515 -24.21 -4.28 -26.58
CA VAL B 515 -23.96 -2.89 -26.22
C VAL B 515 -22.90 -2.84 -25.12
N VAL B 516 -21.91 -1.96 -25.30
CA VAL B 516 -20.93 -1.68 -24.26
C VAL B 516 -20.77 -0.17 -24.16
N VAL B 517 -20.29 0.27 -23.00
CA VAL B 517 -20.18 1.69 -22.68
C VAL B 517 -18.77 1.97 -22.19
N TYR B 518 -18.18 3.05 -22.69
CA TYR B 518 -16.86 3.53 -22.28
C TYR B 518 -17.04 4.93 -21.71
N SER B 519 -17.20 5.02 -20.40
CA SER B 519 -17.47 6.27 -19.72
C SER B 519 -16.17 6.81 -19.12
N ALA B 520 -15.81 8.03 -19.50
CA ALA B 520 -14.69 8.75 -18.92
C ALA B 520 -15.17 9.89 -18.02
N VAL B 521 -16.35 9.73 -17.42
CA VAL B 521 -16.93 10.78 -16.60
C VAL B 521 -16.06 11.03 -15.38
N VAL B 522 -15.81 12.31 -15.09
CA VAL B 522 -14.99 12.66 -13.93
C VAL B 522 -15.72 12.30 -12.63
N LYS B 523 -17.03 12.48 -12.59
CA LYS B 523 -17.82 12.18 -11.39
C LYS B 523 -19.14 11.58 -11.82
N ALA B 524 -19.38 10.34 -11.43
CA ALA B 524 -20.64 9.67 -11.75
C ALA B 524 -21.78 10.30 -10.95
N ASP B 525 -22.97 10.31 -11.56
CA ASP B 525 -24.16 10.87 -10.93
C ASP B 525 -25.30 9.86 -10.95
N ALA B 526 -26.50 10.30 -10.54
CA ALA B 526 -27.64 9.39 -10.52
C ALA B 526 -27.96 8.89 -11.93
N LYS B 527 -27.87 9.77 -12.92
CA LYS B 527 -28.11 9.36 -14.30
C LYS B 527 -27.09 8.30 -14.72
N THR B 528 -25.83 8.47 -14.32
CA THR B 528 -24.83 7.46 -14.63
C THR B 528 -25.17 6.13 -13.98
N TYR B 529 -25.62 6.16 -12.73
CA TYR B 529 -25.98 4.93 -12.04
C TYR B 529 -27.15 4.23 -12.72
N ARG B 530 -28.16 5.00 -13.14
CA ARG B 530 -29.31 4.38 -13.79
C ARG B 530 -28.93 3.82 -15.16
N PHE B 531 -28.04 4.53 -15.88
CA PHE B 531 -27.56 4.00 -17.16
C PHE B 531 -26.79 2.70 -16.94
N ARG B 532 -25.95 2.64 -15.91
CA ARG B 532 -25.22 1.41 -15.62
C ARG B 532 -26.17 0.28 -15.28
N ASP B 533 -27.19 0.58 -14.47
CA ASP B 533 -28.17 -0.44 -14.11
C ASP B 533 -28.89 -0.96 -15.34
N LYS B 534 -29.31 -0.06 -16.23
CA LYS B 534 -30.00 -0.49 -17.44
C LYS B 534 -29.09 -1.32 -18.33
N VAL B 535 -27.83 -0.92 -18.46
CA VAL B 535 -26.90 -1.66 -19.31
C VAL B 535 -26.67 -3.06 -18.76
N LEU B 536 -26.37 -3.15 -17.46
CA LEU B 536 -26.08 -4.46 -16.87
C LEU B 536 -27.32 -5.35 -16.88
N LYS B 537 -28.49 -4.78 -16.58
CA LYS B 537 -29.71 -5.57 -16.56
C LYS B 537 -30.05 -6.08 -17.95
N LYS B 538 -29.84 -5.26 -18.97
CA LYS B 538 -30.22 -5.62 -20.34
C LYS B 538 -29.22 -6.54 -21.01
N GLY B 539 -28.07 -6.81 -20.40
CA GLY B 539 -27.09 -7.71 -20.97
C GLY B 539 -25.93 -6.99 -21.62
N GLY B 540 -25.41 -5.96 -20.95
CA GLY B 540 -24.31 -5.18 -21.46
C GLY B 540 -23.19 -5.07 -20.45
N VAL B 541 -22.09 -4.47 -20.90
CA VAL B 541 -20.88 -4.32 -20.10
C VAL B 541 -20.59 -2.84 -19.92
N TRP B 542 -20.37 -2.43 -18.68
CA TRP B 542 -20.04 -1.05 -18.34
C TRP B 542 -18.59 -1.00 -17.86
N LYS B 543 -17.82 -0.06 -18.40
CA LYS B 543 -16.42 0.10 -18.05
C LYS B 543 -16.13 1.57 -17.79
N ASP B 544 -15.24 1.83 -16.82
CA ASP B 544 -14.79 3.17 -16.48
C ASP B 544 -13.36 3.33 -16.94
N ILE B 545 -13.08 4.44 -17.64
CA ILE B 545 -11.78 4.65 -18.26
C ILE B 545 -11.17 5.96 -17.79
N TYR B 546 -11.54 6.39 -16.58
CA TYR B 546 -11.04 7.65 -16.07
C TYR B 546 -9.60 7.52 -15.62
N GLY B 547 -8.79 8.53 -15.95
CA GLY B 547 -7.39 8.54 -15.57
C GLY B 547 -6.57 7.43 -16.19
N ILE B 548 -6.74 7.19 -17.49
CA ILE B 548 -6.02 6.15 -18.21
C ILE B 548 -5.46 6.74 -19.49
N ASP B 549 -4.22 6.37 -19.81
CA ASP B 549 -3.58 6.85 -21.02
C ASP B 549 -4.27 6.31 -22.26
N GLU B 550 -4.21 7.10 -23.35
CA GLU B 550 -4.93 6.74 -24.56
C GLU B 550 -4.43 5.41 -25.14
N LYS B 551 -3.15 5.11 -25.01
CA LYS B 551 -2.63 3.85 -25.52
C LYS B 551 -3.29 2.66 -24.82
N LYS B 552 -3.44 2.74 -23.50
CA LYS B 552 -4.13 1.68 -22.76
C LYS B 552 -5.59 1.60 -23.17
N ILE B 553 -6.21 2.75 -23.45
CA ILE B 553 -7.60 2.75 -23.90
C ILE B 553 -7.71 1.99 -25.21
N ALA B 554 -6.81 2.27 -26.15
CA ALA B 554 -6.83 1.57 -27.44
C ALA B 554 -6.58 0.07 -27.25
N SER B 555 -5.63 -0.28 -26.38
CA SER B 555 -5.34 -1.68 -26.16
C SER B 555 -6.54 -2.42 -25.60
N MET B 556 -7.21 -1.84 -24.61
CA MET B 556 -8.37 -2.50 -24.02
C MET B 556 -9.54 -2.53 -25.00
N VAL B 557 -9.68 -1.50 -25.83
CA VAL B 557 -10.73 -1.51 -26.85
C VAL B 557 -10.49 -2.65 -27.84
N ARG B 558 -9.25 -2.81 -28.29
CA ARG B 558 -8.94 -3.91 -29.20
C ARG B 558 -9.16 -5.26 -28.54
N GLU B 559 -8.76 -5.38 -27.27
CA GLU B 559 -8.90 -6.65 -26.56
C GLU B 559 -10.34 -6.99 -26.20
N ASP B 560 -11.27 -6.06 -26.38
CA ASP B 560 -12.67 -6.27 -26.03
C ASP B 560 -13.49 -6.84 -27.18
N LYS B 561 -12.85 -7.11 -28.33
CA LYS B 561 -13.54 -7.68 -29.48
C LYS B 561 -14.75 -6.83 -29.89
N ILE B 562 -14.58 -5.52 -29.85
CA ILE B 562 -15.64 -4.59 -30.22
C ILE B 562 -15.73 -4.51 -31.74
N ASP B 563 -16.94 -4.35 -32.26
CA ASP B 563 -17.18 -4.27 -33.70
C ASP B 563 -17.17 -2.82 -34.17
N ILE B 564 -18.03 -1.97 -33.59
CA ILE B 564 -18.17 -0.58 -34.00
C ILE B 564 -18.09 0.28 -32.75
N LEU B 565 -17.55 1.49 -32.90
CA LEU B 565 -17.48 2.43 -31.78
C LEU B 565 -18.07 3.76 -32.19
N VAL B 566 -18.84 4.35 -31.27
CA VAL B 566 -19.52 5.62 -31.48
C VAL B 566 -19.00 6.61 -30.44
N GLU B 567 -18.41 7.70 -30.92
CA GLU B 567 -17.91 8.76 -30.06
C GLU B 567 -18.88 9.94 -30.08
N LEU B 568 -19.11 10.53 -28.92
CA LEU B 568 -20.08 11.60 -28.76
C LEU B 568 -19.44 12.83 -28.11
N THR B 569 -18.16 13.06 -28.39
CA THR B 569 -17.43 14.18 -27.79
C THR B 569 -16.99 15.20 -28.83
N GLY B 570 -16.26 14.79 -29.86
CA GLY B 570 -15.74 15.75 -30.81
C GLY B 570 -14.70 16.65 -30.17
N HIS B 571 -14.59 17.87 -30.68
CA HIS B 571 -13.66 18.86 -30.15
C HIS B 571 -14.32 19.60 -28.99
N THR B 572 -14.53 18.86 -27.90
CA THR B 572 -15.13 19.42 -26.71
C THR B 572 -14.29 19.08 -25.48
N ALA B 573 -14.79 19.41 -24.30
CA ALA B 573 -14.03 19.18 -23.07
C ALA B 573 -13.84 17.69 -22.83
N ASN B 574 -12.62 17.33 -22.41
CA ASN B 574 -12.30 15.95 -22.02
C ASN B 574 -12.63 14.97 -23.13
N ASN B 575 -12.34 15.34 -24.37
CA ASN B 575 -12.56 14.43 -25.48
C ASN B 575 -11.51 13.32 -25.48
N LYS B 576 -11.74 12.32 -26.31
CA LYS B 576 -10.89 11.13 -26.40
C LYS B 576 -10.49 10.85 -27.84
N LEU B 577 -10.07 11.91 -28.55
CA LEU B 577 -9.60 11.72 -29.91
C LEU B 577 -8.31 10.92 -29.97
N GLY B 578 -7.62 10.78 -28.83
CA GLY B 578 -6.45 9.91 -28.80
C GLY B 578 -6.78 8.49 -29.17
N THR B 579 -7.98 8.02 -28.82
CA THR B 579 -8.43 6.71 -29.26
C THR B 579 -8.52 6.65 -30.78
N MET B 580 -9.10 7.69 -31.39
CA MET B 580 -9.19 7.73 -32.84
C MET B 580 -7.83 7.91 -33.50
N ALA B 581 -6.82 8.32 -32.73
CA ALA B 581 -5.49 8.46 -33.29
C ALA B 581 -5.01 7.16 -33.93
N CYS B 582 -5.44 6.02 -33.39
CA CYS B 582 -4.98 4.72 -33.86
C CYS B 582 -6.06 3.90 -34.55
N ARG B 583 -7.31 4.31 -34.48
CA ARG B 583 -8.40 3.54 -35.09
C ARG B 583 -8.35 2.12 -34.56
N PRO B 584 -8.69 1.89 -33.29
CA PRO B 584 -8.61 0.53 -32.73
C PRO B 584 -9.70 -0.40 -33.24
N ALA B 585 -10.71 0.11 -33.93
CA ALA B 585 -11.82 -0.68 -34.41
C ALA B 585 -12.03 -0.43 -35.89
N PRO B 586 -12.64 -1.37 -36.62
CA PRO B 586 -12.86 -1.16 -38.05
C PRO B 586 -13.73 0.04 -38.34
N VAL B 587 -14.67 0.37 -37.46
CA VAL B 587 -15.65 1.42 -37.69
C VAL B 587 -15.69 2.32 -36.47
N GLN B 588 -15.38 3.60 -36.68
CA GLN B 588 -15.52 4.65 -35.67
C GLN B 588 -16.38 5.75 -36.26
N VAL B 589 -17.41 6.16 -35.52
CA VAL B 589 -18.36 7.15 -36.02
C VAL B 589 -18.67 8.16 -34.94
N THR B 590 -18.76 9.43 -35.34
CA THR B 590 -19.23 10.50 -34.48
C THR B 590 -20.67 10.84 -34.88
N TRP B 591 -21.51 11.07 -33.90
CA TRP B 591 -22.94 11.13 -34.17
C TRP B 591 -23.61 12.39 -33.62
N ILE B 592 -23.21 12.85 -32.43
CA ILE B 592 -23.92 13.94 -31.78
C ILE B 592 -23.00 15.13 -31.57
N GLY B 593 -21.95 14.94 -30.78
CA GLY B 593 -21.10 16.05 -30.40
C GLY B 593 -20.42 16.69 -31.59
N TYR B 594 -20.21 17.99 -31.51
CA TYR B 594 -19.50 18.74 -32.52
C TYR B 594 -20.18 18.61 -33.88
N PRO B 595 -21.31 19.27 -34.10
CA PRO B 595 -22.03 19.12 -35.36
C PRO B 595 -21.15 19.33 -36.59
N ASN B 596 -20.10 20.13 -36.47
CA ASN B 596 -19.23 20.37 -37.61
C ASN B 596 -18.33 19.16 -37.85
N THR B 597 -17.62 19.18 -38.98
CA THR B 597 -16.81 18.03 -39.38
C THR B 597 -15.72 17.77 -38.35
N THR B 598 -15.44 16.49 -38.12
CA THR B 598 -14.42 16.12 -37.15
C THR B 598 -13.03 16.58 -37.60
N GLY B 599 -12.73 16.43 -38.89
CA GLY B 599 -11.45 16.85 -39.43
C GLY B 599 -10.36 15.81 -39.41
N LEU B 600 -10.61 14.64 -38.81
CA LEU B 600 -9.60 13.59 -38.77
C LEU B 600 -9.78 12.64 -39.95
N PRO B 601 -8.78 12.46 -40.81
CA PRO B 601 -8.93 11.47 -41.90
C PRO B 601 -9.14 10.06 -41.39
N THR B 602 -8.59 9.72 -40.23
CA THR B 602 -8.77 8.38 -39.69
C THR B 602 -10.26 8.10 -39.44
N VAL B 603 -10.98 9.09 -38.90
CA VAL B 603 -12.42 8.93 -38.71
C VAL B 603 -13.06 8.69 -40.06
N ASP B 604 -13.85 7.61 -40.16
CA ASP B 604 -14.37 7.17 -41.45
C ASP B 604 -15.63 7.92 -41.85
N TYR B 605 -16.68 7.82 -41.03
CA TYR B 605 -18.01 8.28 -41.40
C TYR B 605 -18.68 9.01 -40.26
N ARG B 606 -19.70 9.79 -40.59
CA ARG B 606 -20.48 10.57 -39.64
C ARG B 606 -21.96 10.38 -39.93
N ILE B 607 -22.78 10.58 -38.91
CA ILE B 607 -24.21 10.32 -38.98
C ILE B 607 -24.96 11.64 -39.04
N THR B 608 -25.90 11.74 -39.97
CA THR B 608 -26.75 12.92 -40.11
C THR B 608 -28.02 12.50 -40.84
N ASP B 609 -28.82 13.49 -41.25
CA ASP B 609 -30.06 13.25 -41.98
C ASP B 609 -30.07 14.11 -43.25
N SER B 610 -31.20 14.10 -43.93
CA SER B 610 -31.34 14.87 -45.17
C SER B 610 -31.73 16.32 -44.91
N LEU B 611 -32.43 16.58 -43.80
CA LEU B 611 -32.90 17.93 -43.52
C LEU B 611 -31.74 18.85 -43.15
N ALA B 612 -31.04 18.52 -42.05
CA ALA B 612 -29.91 19.34 -41.63
C ALA B 612 -28.76 19.28 -42.62
N ASP B 613 -28.69 18.23 -43.45
CA ASP B 613 -27.65 18.07 -44.46
C ASP B 613 -28.31 17.78 -45.79
N PRO B 614 -28.80 18.81 -46.48
CA PRO B 614 -29.44 18.58 -47.77
C PRO B 614 -28.46 17.97 -48.76
N PRO B 615 -28.94 17.16 -49.69
CA PRO B 615 -28.02 16.54 -50.66
C PRO B 615 -27.23 17.55 -51.46
N ASP B 616 -27.79 18.73 -51.73
CA ASP B 616 -27.12 19.76 -52.52
C ASP B 616 -26.30 20.72 -51.65
N THR B 617 -25.86 20.28 -50.48
CA THR B 617 -25.11 21.13 -49.59
C THR B 617 -23.76 21.50 -50.18
N LYS B 618 -23.30 22.70 -49.88
CA LYS B 618 -21.98 23.18 -50.27
C LYS B 618 -20.95 23.00 -49.18
N GLN B 619 -21.31 22.38 -48.05
CA GLN B 619 -20.40 22.20 -46.93
C GLN B 619 -19.58 20.94 -47.17
N LYS B 620 -18.34 21.11 -47.60
CA LYS B 620 -17.45 19.98 -47.83
C LYS B 620 -17.09 19.31 -46.51
N GLN B 621 -17.05 17.99 -46.52
CA GLN B 621 -16.73 17.20 -45.33
C GLN B 621 -15.60 16.24 -45.67
N VAL B 622 -14.63 16.13 -44.75
CA VAL B 622 -13.51 15.22 -44.96
C VAL B 622 -13.94 13.77 -44.88
N GLU B 623 -15.06 13.48 -44.22
CA GLU B 623 -15.54 12.13 -44.02
C GLU B 623 -16.91 11.96 -44.66
N GLU B 624 -17.19 10.75 -45.11
CA GLU B 624 -18.47 10.44 -45.73
C GLU B 624 -19.60 10.56 -44.71
N LEU B 625 -20.79 10.88 -45.22
CA LEU B 625 -21.96 11.08 -44.38
C LEU B 625 -23.03 10.05 -44.72
N VAL B 626 -23.79 9.68 -43.69
CA VAL B 626 -24.89 8.73 -43.81
C VAL B 626 -26.15 9.46 -43.39
N ARG B 627 -27.15 9.46 -44.28
CA ARG B 627 -28.40 10.17 -44.04
C ARG B 627 -29.42 9.24 -43.40
N LEU B 628 -29.79 9.53 -42.16
CA LEU B 628 -30.79 8.74 -41.48
C LEU B 628 -32.17 8.99 -42.11
N PRO B 629 -33.08 8.02 -42.02
CA PRO B 629 -34.39 8.18 -42.66
C PRO B 629 -35.16 9.39 -42.15
N ASP B 630 -35.43 9.43 -40.85
CA ASP B 630 -36.25 10.49 -40.25
C ASP B 630 -35.39 11.62 -39.68
N CYS B 631 -34.55 11.30 -38.70
CA CYS B 631 -33.74 12.32 -38.03
C CYS B 631 -32.65 11.62 -37.24
N PHE B 632 -31.65 12.41 -36.83
CA PHE B 632 -30.56 11.92 -35.99
C PHE B 632 -30.63 12.50 -34.58
N LEU B 633 -31.80 12.97 -34.17
CA LEU B 633 -32.03 13.47 -32.82
C LEU B 633 -33.16 12.68 -32.18
N CYS B 634 -33.01 12.37 -30.90
CA CYS B 634 -34.05 11.70 -30.13
C CYS B 634 -33.96 12.19 -28.69
N TYR B 635 -34.88 13.06 -28.29
CA TYR B 635 -34.89 13.63 -26.95
C TYR B 635 -35.66 12.74 -26.00
N THR B 636 -35.25 12.75 -24.73
CA THR B 636 -35.87 11.95 -23.69
C THR B 636 -36.41 12.85 -22.59
N PRO B 637 -37.70 12.77 -22.26
CA PRO B 637 -38.22 13.61 -21.17
C PRO B 637 -37.57 13.29 -19.85
N SER B 638 -37.43 14.32 -19.01
CA SER B 638 -36.98 14.10 -17.65
C SER B 638 -38.09 13.42 -16.85
N PRO B 639 -37.75 12.50 -15.95
CA PRO B 639 -38.81 11.83 -15.17
C PRO B 639 -39.63 12.79 -14.34
N GLU B 640 -39.04 13.88 -13.87
CA GLU B 640 -39.73 14.85 -13.03
C GLU B 640 -39.95 16.17 -13.77
N ALA B 641 -40.29 16.09 -15.05
CA ALA B 641 -40.54 17.30 -15.83
C ALA B 641 -41.73 18.07 -15.28
N GLY B 642 -42.80 17.38 -14.93
CA GLY B 642 -43.96 18.00 -14.36
C GLY B 642 -44.87 18.60 -15.40
N PRO B 643 -46.02 19.12 -14.96
CA PRO B 643 -46.97 19.74 -15.90
C PRO B 643 -46.47 21.08 -16.40
N VAL B 644 -47.13 21.55 -17.45
CA VAL B 644 -46.81 22.83 -18.08
C VAL B 644 -47.94 23.81 -17.78
N CYS B 645 -47.58 24.94 -17.19
CA CYS B 645 -48.58 25.95 -16.86
C CYS B 645 -49.10 26.61 -18.13
N PRO B 646 -50.32 27.16 -18.09
CA PRO B 646 -50.87 27.81 -19.28
C PRO B 646 -50.04 29.00 -19.72
N THR B 647 -50.42 29.60 -20.84
CA THR B 647 -49.66 30.73 -21.39
C THR B 647 -49.80 31.95 -20.49
N PRO B 648 -48.70 32.54 -20.00
CA PRO B 648 -48.82 33.70 -19.12
C PRO B 648 -49.24 34.99 -19.82
N ALA B 649 -49.24 35.00 -21.15
CA ALA B 649 -49.64 36.21 -21.87
C ALA B 649 -51.02 36.68 -21.44
N LEU B 650 -51.93 35.75 -21.15
CA LEU B 650 -53.26 36.13 -20.69
C LEU B 650 -53.20 36.86 -19.35
N SER B 651 -52.33 36.39 -18.44
CA SER B 651 -52.25 37.00 -17.12
C SER B 651 -51.71 38.41 -17.19
N ASN B 652 -50.62 38.61 -17.94
CA ASN B 652 -49.95 39.91 -17.99
C ASN B 652 -50.36 40.75 -19.19
N GLY B 653 -50.90 40.15 -20.24
CA GLY B 653 -51.40 40.89 -21.38
C GLY B 653 -50.35 41.29 -22.39
N PHE B 654 -49.13 40.74 -22.31
CA PHE B 654 -48.11 41.06 -23.31
C PHE B 654 -47.23 39.84 -23.54
N VAL B 655 -46.57 39.83 -24.69
CA VAL B 655 -45.73 38.71 -25.09
C VAL B 655 -44.35 38.85 -24.43
N THR B 656 -43.79 37.71 -24.01
CA THR B 656 -42.51 37.67 -23.32
C THR B 656 -41.62 36.66 -24.04
N PHE B 657 -40.78 37.16 -24.94
CA PHE B 657 -39.81 36.30 -25.61
C PHE B 657 -38.72 35.87 -24.65
N GLY B 658 -38.30 34.61 -24.77
CA GLY B 658 -37.30 34.06 -23.88
C GLY B 658 -36.24 33.28 -24.64
N SER B 659 -35.02 33.33 -24.12
CA SER B 659 -33.89 32.62 -24.69
C SER B 659 -33.05 32.02 -23.58
N PHE B 660 -32.86 30.70 -23.62
CA PHE B 660 -32.12 29.97 -22.61
C PHE B 660 -30.87 29.34 -23.21
N ASN B 661 -30.21 30.06 -24.11
CA ASN B 661 -29.03 29.56 -24.79
C ASN B 661 -27.75 30.13 -24.17
N ASN B 662 -26.63 29.55 -24.58
CA ASN B 662 -25.33 30.02 -24.10
C ASN B 662 -25.03 31.41 -24.65
N LEU B 663 -24.36 32.21 -23.83
CA LEU B 663 -24.01 33.56 -24.25
C LEU B 663 -23.07 33.54 -25.45
N ALA B 664 -22.21 32.52 -25.53
CA ALA B 664 -21.28 32.43 -26.65
C ALA B 664 -21.98 32.33 -27.99
N LYS B 665 -23.22 31.83 -28.01
CA LYS B 665 -23.98 31.72 -29.25
C LYS B 665 -24.67 33.01 -29.64
N ILE B 666 -24.60 34.03 -28.80
CA ILE B 666 -25.22 35.33 -29.08
C ILE B 666 -24.19 36.21 -29.78
N THR B 667 -24.60 36.82 -30.88
CA THR B 667 -23.76 37.68 -31.70
C THR B 667 -24.44 39.02 -31.92
N PRO B 668 -23.68 40.04 -32.32
CA PRO B 668 -24.31 41.35 -32.57
C PRO B 668 -25.45 41.28 -33.57
N LYS B 669 -25.35 40.42 -34.58
CA LYS B 669 -26.45 40.27 -35.54
C LYS B 669 -27.71 39.78 -34.83
N VAL B 670 -27.56 38.79 -33.95
CA VAL B 670 -28.70 38.30 -33.19
C VAL B 670 -29.28 39.40 -32.33
N LEU B 671 -28.43 40.22 -31.72
CA LEU B 671 -28.91 41.31 -30.89
C LEU B 671 -29.71 42.31 -31.73
N GLN B 672 -29.22 42.65 -32.92
CA GLN B 672 -29.95 43.58 -33.78
C GLN B 672 -31.29 42.98 -34.19
N VAL B 673 -31.31 41.70 -34.54
CA VAL B 673 -32.55 41.06 -34.93
C VAL B 673 -33.54 41.07 -33.78
N TRP B 674 -33.07 40.77 -32.58
CA TRP B 674 -33.96 40.75 -31.42
C TRP B 674 -34.49 42.15 -31.11
N ALA B 675 -33.64 43.16 -31.28
CA ALA B 675 -34.10 44.54 -31.08
C ALA B 675 -35.18 44.88 -32.09
N ARG B 676 -35.01 44.47 -33.34
CA ARG B 676 -36.04 44.71 -34.34
C ARG B 676 -37.33 43.98 -33.96
N ILE B 677 -37.22 42.75 -33.48
CA ILE B 677 -38.40 42.01 -33.04
C ILE B 677 -39.13 42.78 -31.95
N LEU B 678 -38.40 43.23 -30.94
CA LEU B 678 -39.02 43.94 -29.83
C LEU B 678 -39.69 45.22 -30.30
N CYS B 679 -39.01 45.98 -31.18
CA CYS B 679 -39.57 47.23 -31.66
C CYS B 679 -40.77 47.00 -32.58
N ALA B 680 -40.84 45.84 -33.24
CA ALA B 680 -41.93 45.61 -34.19
C ALA B 680 -43.28 45.56 -33.50
N VAL B 681 -43.40 44.78 -32.46
CA VAL B 681 -44.66 44.60 -31.72
C VAL B 681 -44.59 45.42 -30.44
N PRO B 682 -45.58 46.25 -30.15
CA PRO B 682 -45.55 47.03 -28.91
C PRO B 682 -45.72 46.16 -27.68
N ASN B 683 -45.15 46.63 -26.56
CA ASN B 683 -45.29 45.98 -25.26
C ASN B 683 -44.81 44.53 -25.33
N SER B 684 -43.52 44.37 -25.57
CA SER B 684 -42.88 43.07 -25.64
C SER B 684 -41.73 43.01 -24.64
N ARG B 685 -41.67 41.93 -23.88
CA ARG B 685 -40.62 41.72 -22.89
C ARG B 685 -39.63 40.68 -23.41
N LEU B 686 -38.40 40.78 -22.93
CA LEU B 686 -37.33 39.88 -23.33
C LEU B 686 -36.63 39.35 -22.08
N VAL B 687 -36.45 38.03 -22.01
CA VAL B 687 -35.77 37.39 -20.90
C VAL B 687 -34.70 36.46 -21.46
N VAL B 688 -33.51 36.52 -20.86
CA VAL B 688 -32.38 35.71 -21.29
C VAL B 688 -31.76 35.06 -20.06
N LYS B 689 -31.45 33.77 -20.17
CA LYS B 689 -30.83 33.01 -19.10
C LYS B 689 -29.47 32.51 -19.57
N CYS B 690 -28.41 32.91 -18.87
CA CYS B 690 -27.06 32.51 -19.21
C CYS B 690 -26.21 32.50 -17.94
N LYS B 691 -25.25 31.58 -17.91
CA LYS B 691 -24.34 31.52 -16.76
C LYS B 691 -23.51 32.79 -16.61
N PRO B 692 -22.86 33.31 -17.64
CA PRO B 692 -22.08 34.54 -17.47
C PRO B 692 -22.88 35.70 -16.90
N PHE B 693 -24.21 35.57 -16.82
CA PHE B 693 -25.01 36.54 -16.07
C PHE B 693 -24.99 36.17 -14.60
N CYS B 694 -23.80 35.91 -14.06
CA CYS B 694 -23.58 35.84 -12.63
C CYS B 694 -22.70 36.98 -12.13
N CYS B 695 -22.19 37.81 -13.03
CA CYS B 695 -21.33 38.93 -12.69
C CYS B 695 -22.00 40.24 -13.11
N ASP B 696 -21.90 41.25 -12.25
CA ASP B 696 -22.55 42.53 -12.52
C ASP B 696 -21.97 43.21 -13.75
N SER B 697 -20.65 43.13 -13.93
CA SER B 697 -20.02 43.83 -15.04
C SER B 697 -20.52 43.33 -16.39
N ILE B 698 -20.65 42.01 -16.54
CA ILE B 698 -21.16 41.45 -17.79
C ILE B 698 -22.60 41.94 -18.02
N ARG B 699 -23.41 41.95 -16.96
CA ARG B 699 -24.78 42.41 -17.09
C ARG B 699 -24.83 43.86 -17.56
N GLN B 700 -24.00 44.71 -16.95
CA GLN B 700 -23.99 46.12 -17.35
C GLN B 700 -23.53 46.29 -18.79
N ARG B 701 -22.49 45.54 -19.19
CA ARG B 701 -22.00 45.64 -20.56
C ARG B 701 -23.07 45.21 -21.55
N PHE B 702 -23.76 44.10 -21.26
CA PHE B 702 -24.82 43.63 -22.14
C PHE B 702 -25.95 44.64 -22.25
N LEU B 703 -26.36 45.22 -21.11
CA LEU B 703 -27.43 46.20 -21.13
C LEU B 703 -27.01 47.45 -21.91
N THR B 704 -25.76 47.88 -21.75
CA THR B 704 -25.28 49.03 -22.51
C THR B 704 -25.28 48.73 -24.01
N THR B 705 -24.84 47.53 -24.38
CA THR B 705 -24.85 47.16 -25.79
C THR B 705 -26.26 47.15 -26.35
N LEU B 706 -27.21 46.61 -25.59
CA LEU B 706 -28.60 46.60 -26.05
C LEU B 706 -29.15 48.00 -26.19
N GLU B 707 -28.85 48.87 -25.22
CA GLU B 707 -29.35 50.25 -25.28
C GLU B 707 -28.74 51.00 -26.45
N GLN B 708 -27.49 50.70 -26.80
CA GLN B 708 -26.87 51.37 -27.93
C GLN B 708 -27.63 51.11 -29.22
N LEU B 709 -28.33 49.98 -29.31
CA LEU B 709 -29.12 49.66 -30.48
C LEU B 709 -30.52 50.28 -30.44
N GLY B 710 -30.92 50.87 -29.32
CA GLY B 710 -32.21 51.52 -29.22
C GLY B 710 -33.24 50.68 -28.50
N LEU B 711 -32.83 50.03 -27.40
CA LEU B 711 -33.72 49.21 -26.60
C LEU B 711 -33.63 49.65 -25.15
N GLU B 712 -34.78 49.83 -24.51
CA GLU B 712 -34.81 50.20 -23.10
C GLU B 712 -34.42 49.00 -22.24
N SER B 713 -33.87 49.29 -21.06
CA SER B 713 -33.43 48.24 -20.15
C SER B 713 -34.56 47.73 -19.27
N LYS B 714 -35.73 48.37 -19.28
CA LYS B 714 -36.84 47.91 -18.46
C LYS B 714 -37.50 46.66 -19.03
N ARG B 715 -37.29 46.36 -20.31
CA ARG B 715 -37.89 45.21 -20.97
C ARG B 715 -36.93 44.04 -21.08
N VAL B 716 -35.79 44.09 -20.39
CA VAL B 716 -34.77 43.06 -20.46
C VAL B 716 -34.60 42.46 -19.07
N ASP B 717 -34.67 41.13 -18.99
CA ASP B 717 -34.49 40.42 -17.73
C ASP B 717 -33.43 39.34 -17.93
N LEU B 718 -32.26 39.54 -17.33
CA LEU B 718 -31.17 38.57 -17.39
C LEU B 718 -31.18 37.76 -16.11
N LEU B 719 -31.32 36.45 -16.24
CA LEU B 719 -31.41 35.55 -15.10
C LEU B 719 -30.18 34.65 -15.02
N PRO B 720 -29.76 34.28 -13.82
CA PRO B 720 -28.63 33.35 -13.69
C PRO B 720 -29.06 31.90 -13.80
N LEU B 721 -28.12 30.98 -13.60
CA LEU B 721 -28.44 29.56 -13.65
C LEU B 721 -29.32 29.15 -12.48
N ILE B 722 -29.94 27.98 -12.62
CA ILE B 722 -30.74 27.37 -11.57
C ILE B 722 -30.13 26.01 -11.25
N LEU B 723 -29.82 25.80 -9.97
CA LEU B 723 -29.12 24.57 -9.57
C LEU B 723 -30.03 23.35 -9.69
N PHE B 724 -31.33 23.52 -9.50
CA PHE B 724 -32.26 22.40 -9.41
C PHE B 724 -32.95 22.20 -10.75
N ASN B 725 -32.88 20.97 -11.28
CA ASN B 725 -33.23 20.73 -12.67
C ASN B 725 -34.70 21.01 -12.94
N HIS B 726 -35.59 20.53 -12.09
CA HIS B 726 -37.02 20.72 -12.33
C HIS B 726 -37.39 22.19 -12.27
N ASP B 727 -36.71 22.97 -11.45
CA ASP B 727 -36.94 24.41 -11.45
C ASP B 727 -36.56 25.03 -12.80
N HIS B 728 -35.44 24.59 -13.37
CA HIS B 728 -35.05 25.06 -14.69
C HIS B 728 -36.08 24.64 -15.73
N MET B 729 -36.61 23.42 -15.62
CA MET B 729 -37.62 22.96 -16.56
C MET B 729 -38.88 23.81 -16.46
N GLN B 730 -39.32 24.12 -15.24
CA GLN B 730 -40.55 24.88 -15.03
C GLN B 730 -40.37 26.36 -15.28
N ALA B 731 -39.12 26.85 -15.36
CA ALA B 731 -38.90 28.26 -15.64
C ALA B 731 -39.43 28.66 -17.00
N TYR B 732 -39.69 27.70 -17.89
CA TYR B 732 -40.28 28.01 -19.18
C TYR B 732 -41.72 28.48 -19.06
N SER B 733 -42.34 28.37 -17.89
CA SER B 733 -43.72 28.78 -17.73
C SER B 733 -43.90 30.27 -18.00
N LEU B 734 -42.91 31.09 -17.64
CA LEU B 734 -43.01 32.53 -17.83
C LEU B 734 -42.70 32.96 -19.25
N MET B 735 -42.14 32.08 -20.08
CA MET B 735 -41.80 32.41 -21.45
C MET B 735 -43.01 32.19 -22.35
N ASP B 736 -43.07 32.98 -23.42
CA ASP B 736 -44.14 32.90 -24.41
C ASP B 736 -43.67 32.36 -25.74
N ILE B 737 -42.64 32.97 -26.33
CA ILE B 737 -42.07 32.51 -27.59
C ILE B 737 -40.56 32.34 -27.38
N SER B 738 -40.05 31.19 -27.79
CA SER B 738 -38.63 30.91 -27.67
C SER B 738 -37.95 31.26 -28.99
N LEU B 739 -36.84 31.99 -28.90
CA LEU B 739 -36.08 32.42 -30.06
C LEU B 739 -34.70 31.80 -30.03
N ASP B 740 -34.26 31.28 -31.17
CA ASP B 740 -32.99 30.58 -31.27
C ASP B 740 -31.93 31.49 -31.85
N THR B 741 -30.70 31.29 -31.40
CA THR B 741 -29.58 32.06 -31.90
C THR B 741 -29.06 31.45 -33.20
N PHE B 742 -28.32 32.24 -33.95
CA PHE B 742 -27.68 31.81 -35.19
C PHE B 742 -26.30 32.45 -35.26
N PRO B 743 -25.38 31.84 -36.02
CA PRO B 743 -25.54 30.64 -36.84
C PRO B 743 -25.51 29.33 -36.07
N TYR B 744 -24.68 29.25 -35.02
CA TYR B 744 -24.54 28.02 -34.24
C TYR B 744 -25.79 27.86 -33.37
N ALA B 745 -26.86 27.38 -34.00
CA ALA B 745 -28.14 27.27 -33.32
C ALA B 745 -28.09 26.18 -32.25
N GLY B 746 -28.81 26.42 -31.16
CA GLY B 746 -28.90 25.42 -30.11
C GLY B 746 -29.69 24.20 -30.56
N THR B 747 -29.40 23.07 -29.93
CA THR B 747 -30.03 21.80 -30.27
C THR B 747 -30.90 21.29 -29.13
N THR B 748 -30.34 21.14 -27.93
CA THR B 748 -31.12 20.65 -26.81
C THR B 748 -32.15 21.67 -26.34
N THR B 749 -31.83 22.97 -26.45
CA THR B 749 -32.75 23.99 -25.99
C THR B 749 -34.04 23.98 -26.80
N THR B 750 -33.93 23.74 -28.10
CA THR B 750 -35.13 23.70 -28.94
C THR B 750 -36.07 22.60 -28.49
N CYS B 751 -35.54 21.40 -28.26
CA CYS B 751 -36.38 20.31 -27.78
C CYS B 751 -36.93 20.60 -26.39
N GLU B 752 -36.10 21.17 -25.52
CA GLU B 752 -36.55 21.49 -24.17
C GLU B 752 -37.72 22.47 -24.21
N SER B 753 -37.65 23.46 -25.10
CA SER B 753 -38.74 24.43 -25.23
C SER B 753 -39.98 23.79 -25.84
N LEU B 754 -39.81 23.01 -26.91
CA LEU B 754 -40.95 22.39 -27.56
C LEU B 754 -41.66 21.42 -26.63
N TYR B 755 -40.94 20.85 -25.66
CA TYR B 755 -41.57 19.92 -24.73
C TYR B 755 -42.45 20.63 -23.72
N MET B 756 -42.14 21.88 -23.39
CA MET B 756 -42.92 22.66 -22.44
C MET B 756 -44.07 23.42 -23.09
N GLY B 757 -44.22 23.33 -24.41
CA GLY B 757 -45.33 23.93 -25.11
C GLY B 757 -45.07 25.31 -25.67
N VAL B 758 -43.97 25.94 -25.30
CA VAL B 758 -43.66 27.27 -25.83
C VAL B 758 -43.14 27.11 -27.25
N PRO B 759 -43.71 27.81 -28.23
CA PRO B 759 -43.20 27.70 -29.60
C PRO B 759 -41.76 28.16 -29.70
N CYS B 760 -41.03 27.53 -30.62
CA CYS B 760 -39.62 27.84 -30.86
C CYS B 760 -39.44 28.24 -32.32
N VAL B 761 -38.64 29.29 -32.54
CA VAL B 761 -38.38 29.82 -33.86
C VAL B 761 -36.89 29.73 -34.13
N THR B 762 -36.53 29.23 -35.31
CA THR B 762 -35.14 29.08 -35.72
C THR B 762 -34.98 29.59 -37.13
N MET B 763 -33.89 30.31 -37.38
CA MET B 763 -33.57 30.78 -38.71
C MET B 763 -32.80 29.71 -39.47
N ALA B 764 -33.07 29.61 -40.77
CA ALA B 764 -32.41 28.62 -41.60
C ALA B 764 -31.00 29.11 -41.97
N GLY B 765 -30.26 28.26 -42.66
CA GLY B 765 -28.90 28.61 -43.06
C GLY B 765 -28.31 27.53 -43.92
N SER B 766 -27.04 27.74 -44.28
CA SER B 766 -26.32 26.83 -45.16
C SER B 766 -25.39 25.90 -44.39
N VAL B 767 -25.47 25.88 -43.06
CA VAL B 767 -24.61 25.05 -42.23
C VAL B 767 -25.47 24.04 -41.49
N HIS B 768 -24.87 22.87 -41.22
CA HIS B 768 -25.60 21.82 -40.52
C HIS B 768 -26.09 22.28 -39.16
N ALA B 769 -25.21 22.89 -38.37
CA ALA B 769 -25.59 23.39 -37.06
C ALA B 769 -26.67 24.46 -37.18
N HIS B 770 -26.63 25.27 -38.24
CA HIS B 770 -27.66 26.26 -38.45
C HIS B 770 -29.01 25.63 -38.78
N ASN B 771 -28.99 24.43 -39.36
CA ASN B 771 -30.21 23.75 -39.79
C ASN B 771 -30.67 22.67 -38.83
N VAL B 772 -29.97 22.47 -37.72
CA VAL B 772 -30.43 21.48 -36.73
C VAL B 772 -31.83 21.84 -36.24
N GLY B 773 -32.01 23.12 -35.88
CA GLY B 773 -33.33 23.54 -35.42
C GLY B 773 -34.38 23.43 -36.50
N VAL B 774 -34.01 23.73 -37.74
CA VAL B 774 -34.95 23.58 -38.85
C VAL B 774 -35.40 22.14 -38.96
N SER B 775 -34.45 21.21 -38.89
CA SER B 775 -34.79 19.79 -38.99
C SER B 775 -35.69 19.36 -37.84
N LEU B 776 -35.37 19.80 -36.62
CA LEU B 776 -36.18 19.43 -35.47
C LEU B 776 -37.61 19.96 -35.60
N LEU B 777 -37.75 21.23 -36.02
CA LEU B 777 -39.07 21.80 -36.17
C LEU B 777 -39.85 21.11 -37.27
N THR B 778 -39.19 20.78 -38.38
CA THR B 778 -39.87 20.06 -39.45
C THR B 778 -40.33 18.69 -38.98
N LYS B 779 -39.49 17.98 -38.24
CA LYS B 779 -39.83 16.62 -37.81
C LYS B 779 -40.97 16.63 -36.82
N VAL B 780 -40.93 17.55 -35.84
CA VAL B 780 -41.96 17.59 -34.82
C VAL B 780 -43.33 17.91 -35.42
N GLY B 781 -43.36 18.54 -36.59
CA GLY B 781 -44.59 18.88 -37.26
C GLY B 781 -44.88 20.36 -37.38
N LEU B 782 -43.95 21.22 -36.98
CA LEU B 782 -44.11 22.67 -37.05
C LEU B 782 -43.18 23.28 -38.09
N GLY B 783 -43.02 22.60 -39.23
CA GLY B 783 -42.16 23.10 -40.28
C GLY B 783 -42.56 24.47 -40.79
N HIS B 784 -43.82 24.85 -40.61
CA HIS B 784 -44.28 26.18 -41.01
C HIS B 784 -43.72 27.29 -40.13
N LEU B 785 -43.08 26.93 -39.01
CA LEU B 785 -42.53 27.90 -38.07
C LEU B 785 -41.04 28.13 -38.28
N VAL B 786 -40.57 28.08 -39.53
CA VAL B 786 -39.17 28.29 -39.86
C VAL B 786 -39.10 29.39 -40.92
N ALA B 787 -38.16 30.31 -40.72
CA ALA B 787 -37.96 31.44 -41.62
C ALA B 787 -36.62 31.31 -42.34
N LYS B 788 -36.64 31.51 -43.65
CA LYS B 788 -35.40 31.38 -44.43
C LYS B 788 -34.47 32.55 -44.18
N ASN B 789 -34.99 33.76 -44.12
CA ASN B 789 -34.19 34.96 -43.96
C ASN B 789 -34.61 35.71 -42.70
N GLU B 790 -33.79 36.70 -42.34
CA GLU B 790 -34.08 37.48 -41.13
C GLU B 790 -35.41 38.22 -41.25
N ASP B 791 -35.70 38.77 -42.42
CA ASP B 791 -36.97 39.48 -42.59
C ASP B 791 -38.15 38.54 -42.37
N GLU B 792 -38.09 37.34 -42.97
CA GLU B 792 -39.13 36.35 -42.75
C GLU B 792 -39.21 35.96 -41.28
N TYR B 793 -38.07 35.94 -40.59
CA TYR B 793 -38.07 35.74 -39.14
C TYR B 793 -38.89 36.82 -38.45
N VAL B 794 -38.70 38.07 -38.86
CA VAL B 794 -39.44 39.18 -38.24
C VAL B 794 -40.93 39.01 -38.47
N GLN B 795 -41.33 38.73 -39.72
CA GLN B 795 -42.76 38.60 -40.00
C GLN B 795 -43.35 37.41 -39.25
N LEU B 796 -42.62 36.30 -39.16
CA LEU B 796 -43.11 35.14 -38.43
C LEU B 796 -43.31 35.48 -36.95
N SER B 797 -42.34 36.18 -36.35
CA SER B 797 -42.48 36.57 -34.96
C SER B 797 -43.67 37.48 -34.75
N VAL B 798 -43.87 38.45 -35.66
CA VAL B 798 -45.00 39.35 -35.54
C VAL B 798 -46.31 38.58 -35.63
N ASP B 799 -46.40 37.65 -36.59
CA ASP B 799 -47.61 36.85 -36.73
C ASP B 799 -47.88 36.03 -35.48
N LEU B 800 -46.82 35.44 -34.90
CA LEU B 800 -46.98 34.70 -33.66
C LEU B 800 -47.53 35.59 -32.56
N ALA B 801 -46.96 36.80 -32.42
CA ALA B 801 -47.39 37.72 -31.38
C ALA B 801 -48.76 38.34 -31.67
N SER B 802 -49.29 38.16 -32.88
CA SER B 802 -50.54 38.83 -33.25
C SER B 802 -51.68 38.38 -32.34
N ASP B 803 -51.82 37.07 -32.12
CA ASP B 803 -52.92 36.52 -31.35
C ASP B 803 -52.39 35.73 -30.15
N VAL B 804 -53.19 35.69 -29.08
CA VAL B 804 -52.79 35.05 -27.84
C VAL B 804 -53.54 33.73 -27.67
N THR B 805 -54.79 33.66 -28.14
CA THR B 805 -55.57 32.44 -28.01
C THR B 805 -54.95 31.30 -28.81
N ALA B 806 -54.50 31.59 -30.03
CA ALA B 806 -53.84 30.58 -30.84
C ALA B 806 -52.58 30.09 -30.14
N LEU B 807 -51.79 31.01 -29.59
CA LEU B 807 -50.60 30.61 -28.85
C LEU B 807 -50.97 29.73 -27.66
N SER B 808 -52.04 30.07 -26.96
CA SER B 808 -52.42 29.31 -25.77
C SER B 808 -52.80 27.88 -26.14
N LYS B 809 -53.72 27.71 -27.09
CA LYS B 809 -54.16 26.36 -27.42
C LYS B 809 -53.06 25.59 -28.13
N LEU B 810 -52.18 26.28 -28.85
CA LEU B 810 -50.99 25.62 -29.39
C LEU B 810 -50.11 25.09 -28.26
N ARG B 811 -49.88 25.91 -27.24
CA ARG B 811 -49.13 25.46 -26.07
C ARG B 811 -49.78 24.23 -25.46
N MET B 812 -51.10 24.22 -25.41
CA MET B 812 -51.80 23.05 -24.86
C MET B 812 -51.56 21.81 -25.71
N SER B 813 -51.62 21.95 -27.03
CA SER B 813 -51.52 20.79 -27.92
C SER B 813 -50.09 20.28 -28.09
N LEU B 814 -49.08 21.16 -28.01
CA LEU B 814 -47.73 20.76 -28.38
C LEU B 814 -47.20 19.63 -27.50
N ARG B 815 -47.66 19.54 -26.25
CA ARG B 815 -47.22 18.44 -25.40
C ARG B 815 -47.51 17.09 -26.06
N ASP B 816 -48.78 16.83 -26.35
CA ASP B 816 -49.14 15.58 -27.01
C ASP B 816 -48.58 15.51 -28.42
N LEU B 817 -48.46 16.65 -29.10
CA LEU B 817 -47.92 16.64 -30.46
C LEU B 817 -46.49 16.11 -30.47
N MET B 818 -45.67 16.56 -29.52
CA MET B 818 -44.31 16.06 -29.41
C MET B 818 -44.29 14.63 -28.87
N ALA B 819 -45.23 14.30 -27.98
CA ALA B 819 -45.28 12.94 -27.46
C ALA B 819 -45.52 11.93 -28.58
N GLY B 820 -46.42 12.25 -29.51
CA GLY B 820 -46.72 11.39 -30.62
C GLY B 820 -45.83 11.56 -31.84
N SER B 821 -44.91 12.51 -31.81
CA SER B 821 -44.05 12.76 -32.95
C SER B 821 -42.93 11.74 -33.03
N PRO B 822 -42.31 11.57 -34.19
CA PRO B 822 -41.16 10.66 -34.29
C PRO B 822 -40.01 11.04 -33.40
N VAL B 823 -39.92 12.31 -33.01
CA VAL B 823 -38.82 12.75 -32.15
C VAL B 823 -38.81 11.95 -30.85
N CYS B 824 -39.99 11.74 -30.26
CA CYS B 824 -40.10 11.01 -29.01
C CYS B 824 -40.32 9.52 -29.22
N ASN B 825 -40.46 9.06 -30.45
CA ASN B 825 -40.67 7.63 -30.71
C ASN B 825 -39.34 6.90 -30.54
N GLY B 826 -39.32 5.91 -29.65
CA GLY B 826 -38.12 5.18 -29.33
C GLY B 826 -37.89 3.99 -30.26
N PRO B 827 -38.85 3.07 -30.29
CA PRO B 827 -38.64 1.84 -31.09
C PRO B 827 -38.37 2.10 -32.56
N SER B 828 -39.08 3.06 -33.17
CA SER B 828 -38.86 3.33 -34.59
C SER B 828 -37.46 3.85 -34.85
N PHE B 829 -37.01 4.80 -34.03
CA PHE B 829 -35.66 5.31 -34.18
C PHE B 829 -34.63 4.21 -33.95
N ALA B 830 -34.89 3.35 -32.96
CA ALA B 830 -33.96 2.26 -32.69
C ALA B 830 -33.86 1.32 -33.88
N VAL B 831 -35.01 0.99 -34.50
CA VAL B 831 -35.00 0.13 -35.67
C VAL B 831 -34.23 0.78 -36.80
N GLY B 832 -34.48 2.08 -37.03
CA GLY B 832 -33.75 2.77 -38.08
C GLY B 832 -32.25 2.78 -37.85
N LEU B 833 -31.83 3.02 -36.60
CA LEU B 833 -30.42 3.06 -36.29
C LEU B 833 -29.78 1.67 -36.43
N GLU B 834 -30.50 0.63 -36.03
CA GLU B 834 -29.98 -0.72 -36.19
C GLU B 834 -29.84 -1.08 -37.66
N SER B 835 -30.81 -0.67 -38.48
CA SER B 835 -30.70 -0.89 -39.92
C SER B 835 -29.50 -0.13 -40.48
N ALA B 836 -29.28 1.10 -40.00
CA ALA B 836 -28.11 1.86 -40.43
C ALA B 836 -26.83 1.11 -40.07
N TYR B 837 -26.75 0.57 -38.85
CA TYR B 837 -25.56 -0.17 -38.46
C TYR B 837 -25.37 -1.40 -39.33
N ARG B 838 -26.46 -2.10 -39.64
CA ARG B 838 -26.36 -3.28 -40.50
C ARG B 838 -25.83 -2.90 -41.87
N ASN B 839 -26.32 -1.79 -42.43
CA ASN B 839 -25.81 -1.33 -43.72
C ASN B 839 -24.34 -0.95 -43.62
N MET B 840 -23.95 -0.33 -42.52
CA MET B 840 -22.54 0.03 -42.33
C MET B 840 -21.67 -1.21 -42.36
N TRP B 841 -22.06 -2.24 -41.61
CA TRP B 841 -21.26 -3.45 -41.56
C TRP B 841 -21.25 -4.17 -42.91
N LYS B 842 -22.39 -4.16 -43.61
CA LYS B 842 -22.43 -4.78 -44.93
C LYS B 842 -21.49 -4.07 -45.89
N LYS B 843 -21.46 -2.73 -45.84
CA LYS B 843 -20.53 -1.99 -46.68
C LYS B 843 -19.09 -2.32 -46.32
N TYR B 844 -18.81 -2.44 -45.01
CA TYR B 844 -17.45 -2.79 -44.60
C TYR B 844 -17.05 -4.17 -45.12
N CYS B 845 -17.96 -5.14 -45.04
CA CYS B 845 -17.63 -6.50 -45.46
C CYS B 845 -17.29 -6.55 -46.93
N LYS B 846 -18.05 -5.85 -47.77
CA LYS B 846 -17.81 -5.85 -49.21
C LYS B 846 -16.99 -4.63 -49.62
O1P GFB C . 26.23 -19.66 27.47
P GFB C . 27.19 -20.34 26.51
O3P GFB C . 28.63 -19.93 26.85
O2P GFB C . 27.03 -21.97 26.64
O5' GFB C . 26.82 -19.88 24.94
P1 GFB C . 25.63 -22.75 26.29
C5' GFB C . 26.76 -18.48 24.62
C4' GFB C . 27.78 -18.17 23.47
O4' GFB C . 27.94 -16.86 23.35
C3' GFB C . 29.16 -18.82 23.79
C1' GFB C . 29.32 -16.54 23.24
O3' GFB C . 29.27 -20.04 23.20
C2' GFB C . 30.11 -17.84 23.15
O2' GFB C . 30.29 -18.22 21.69
N9 GFB C . 29.76 -15.84 24.45
C8 GFB C . 30.06 -16.41 25.64
C4 GFB C . 29.91 -14.52 24.56
N7 GFB C . 30.41 -15.41 26.49
C5 GFB C . 30.32 -14.25 25.84
C6 GFB C . 30.59 -12.80 26.27
O6 GFB C . 30.95 -12.55 27.39
N1 GFB C . 30.41 -11.73 25.32
C2 GFB C . 29.96 -12.04 23.96
N2 GFB C . 29.77 -10.94 22.97
N3 GFB C . 29.72 -13.42 23.57
C1 GFB C . 24.90 -24.55 24.53
C2A GFB C . 24.37 -25.78 25.29
O1 GFB C . 25.95 -24.02 25.26
O5 GFB C . 25.41 -24.91 23.22
C3 GFB C . 23.47 -26.64 24.45
O2 GFB C . 23.61 -25.32 26.42
C4A GFB C . 24.04 -26.92 23.16
O3 GFB C . 23.27 -27.93 25.16
C5A GFB C . 24.37 -25.61 22.45
O4 GFB C . 25.29 -27.68 23.34
C6A GFB C . 24.87 -25.89 21.09
O1X GFB C . 24.69 -21.78 25.60
O2X GFB C . 25.00 -23.26 27.54
O1P GFB D . -25.80 25.33 -22.87
P GFB D . -26.88 24.35 -23.26
O3P GFB D . -28.25 24.89 -22.83
O2P GFB D . -26.85 24.14 -24.89
O5' GFB D . -26.60 22.87 -22.52
P1 GFB D . -25.57 23.51 -25.68
C5' GFB D . -26.43 22.84 -21.09
C4' GFB D . -27.50 21.86 -20.48
O4' GFB D . -27.56 22.01 -19.16
C3' GFB D . -28.91 22.17 -21.08
C1' GFB D . -28.91 22.10 -18.74
O3' GFB D . -29.17 21.36 -22.15
C2' GFB D . -29.82 21.81 -19.92
O2' GFB D . -30.14 20.34 -19.99
N9 GFB D . -29.19 23.46 -18.27
C8 GFB D . -29.46 24.53 -19.04
C4 GFB D . -29.22 23.84 -16.99
N7 GFB D . -29.65 25.59 -18.22
C5 GFB D . -29.51 25.17 -16.95
C6 GFB D . -29.61 25.90 -15.60
O6 GFB D . -29.87 27.08 -15.57
N1 GFB D . -29.40 25.18 -14.39
C2 GFB D . -29.10 23.75 -14.43
N2 GFB D . -28.88 22.98 -13.17
N3 GFB D . -28.99 23.07 -15.72
C1 GFB D . -25.13 21.36 -27.14
C2A GFB D . -24.66 21.82 -28.52
O1 GFB D . -26.08 22.29 -26.69
O5 GFB D . -25.77 20.07 -27.19
C3 GFB D . -23.90 20.75 -29.27
O2 GFB D . -23.78 22.95 -28.37
C4A GFB D . -24.60 19.49 -29.23
O3 GFB D . -23.78 21.18 -30.67
C5A GFB D . -24.85 19.08 -27.77
O4 GFB D . -25.89 19.62 -29.92
C6A GFB D . -25.47 17.75 -27.74
O1X GFB D . -24.60 22.95 -24.66
O2X GFB D . -24.90 24.57 -26.48
#